data_2DK9
#
_entry.id   2DK9
#
_entity_poly.entity_id   1
_entity_poly.type   'polypeptide(L)'
_entity_poly.pdbx_seq_one_letter_code
;MGHHHHHHMGSAGTQEELLRWCQEQTAGYPGVHVSDLSSSWADGLALCALVYRLQPGLLEPSELQGLGALEATAWALKVA
ENELGITPVVSAQAVVAGSDPLGLIAYLSHFHSAFKSM
;
_entity_poly.pdbx_strand_id   A
#
# COMPACT_ATOMS: atom_id res chain seq x y z
N MET A 1 -7.53 -3.72 -31.18
CA MET A 1 -6.86 -2.39 -31.09
C MET A 1 -5.41 -2.53 -30.66
N GLY A 2 -4.74 -1.39 -30.48
CA GLY A 2 -3.35 -1.41 -30.06
C GLY A 2 -2.41 -1.10 -31.21
N HIS A 3 -1.56 -0.09 -31.02
CA HIS A 3 -0.60 0.30 -32.05
C HIS A 3 0.66 -0.56 -31.97
N HIS A 4 1.31 -0.52 -30.80
CA HIS A 4 2.53 -1.30 -30.59
C HIS A 4 2.73 -1.61 -29.12
N HIS A 5 2.74 -0.56 -28.30
CA HIS A 5 2.92 -0.72 -26.85
C HIS A 5 2.70 0.60 -26.13
N HIS A 6 3.53 1.59 -26.43
CA HIS A 6 3.42 2.90 -25.80
C HIS A 6 3.48 4.01 -26.85
N HIS A 7 2.79 5.12 -26.57
CA HIS A 7 2.77 6.25 -27.50
C HIS A 7 2.63 7.56 -26.73
N HIS A 8 1.69 7.60 -25.79
CA HIS A 8 1.46 8.80 -24.99
C HIS A 8 1.38 8.45 -23.51
N MET A 9 0.41 7.61 -23.15
CA MET A 9 0.22 7.19 -21.78
C MET A 9 0.14 5.68 -21.66
N GLY A 10 0.61 5.15 -20.53
CA GLY A 10 0.59 3.71 -20.32
C GLY A 10 1.03 3.33 -18.91
N SER A 11 2.24 3.73 -18.54
CA SER A 11 2.76 3.43 -17.22
C SER A 11 2.14 4.33 -16.16
N ALA A 12 2.24 5.64 -16.36
CA ALA A 12 1.69 6.61 -15.43
C ALA A 12 0.17 6.54 -15.40
N GLY A 13 -0.43 6.15 -16.53
CA GLY A 13 -1.87 6.04 -16.61
C GLY A 13 -2.44 5.09 -15.58
N THR A 14 -1.67 4.05 -15.24
CA THR A 14 -2.11 3.07 -14.26
C THR A 14 -1.77 3.52 -12.84
N GLN A 15 -0.61 4.14 -12.68
CA GLN A 15 -0.16 4.62 -11.38
C GLN A 15 -1.10 5.71 -10.85
N GLU A 16 -1.66 6.49 -11.77
CA GLU A 16 -2.56 7.57 -11.39
C GLU A 16 -3.81 7.03 -10.69
N GLU A 17 -4.42 5.99 -11.27
CA GLU A 17 -5.62 5.40 -10.69
C GLU A 17 -5.30 4.66 -9.41
N LEU A 18 -4.10 4.10 -9.32
CA LEU A 18 -3.68 3.36 -8.14
C LEU A 18 -3.37 4.31 -6.99
N LEU A 19 -2.58 5.34 -7.28
CA LEU A 19 -2.19 6.33 -6.28
C LEU A 19 -3.41 7.08 -5.77
N ARG A 20 -4.37 7.33 -6.66
CA ARG A 20 -5.58 8.04 -6.30
C ARG A 20 -6.43 7.23 -5.33
N TRP A 21 -6.57 5.94 -5.62
CA TRP A 21 -7.35 5.05 -4.77
C TRP A 21 -6.67 4.84 -3.42
N CYS A 22 -5.34 4.79 -3.43
CA CYS A 22 -4.58 4.61 -2.20
C CYS A 22 -4.75 5.79 -1.25
N GLN A 23 -4.64 7.00 -1.80
CA GLN A 23 -4.78 8.21 -1.00
C GLN A 23 -6.17 8.32 -0.40
N GLU A 24 -7.18 7.89 -1.16
CA GLU A 24 -8.56 7.93 -0.69
C GLU A 24 -8.76 6.98 0.47
N GLN A 25 -8.24 5.76 0.34
CA GLN A 25 -8.38 4.75 1.39
C GLN A 25 -7.60 5.16 2.63
N THR A 26 -6.47 5.81 2.43
CA THR A 26 -5.63 6.25 3.54
C THR A 26 -6.05 7.63 4.06
N ALA A 27 -7.16 8.14 3.55
CA ALA A 27 -7.66 9.45 3.96
C ALA A 27 -8.44 9.35 5.27
N GLY A 28 -8.02 10.14 6.26
CA GLY A 28 -8.69 10.13 7.55
C GLY A 28 -7.72 10.30 8.71
N TYR A 29 -6.50 9.81 8.53
CA TYR A 29 -5.48 9.92 9.57
C TYR A 29 -4.91 11.35 9.61
N PRO A 30 -5.01 12.03 10.77
CA PRO A 30 -4.50 13.39 10.93
C PRO A 30 -2.98 13.44 11.00
N GLY A 31 -2.33 12.91 9.97
CA GLY A 31 -0.87 12.91 9.94
C GLY A 31 -0.31 11.84 9.03
N VAL A 32 -0.99 11.59 7.91
CA VAL A 32 -0.55 10.59 6.96
C VAL A 32 -0.71 11.09 5.53
N HIS A 33 0.41 11.15 4.79
CA HIS A 33 0.38 11.60 3.41
C HIS A 33 0.64 10.44 2.45
N VAL A 34 -0.26 10.25 1.50
CA VAL A 34 -0.13 9.17 0.53
C VAL A 34 -0.09 9.71 -0.90
N SER A 35 1.10 9.99 -1.39
CA SER A 35 1.28 10.51 -2.74
C SER A 35 2.60 10.04 -3.34
N ASP A 36 3.14 8.96 -2.81
CA ASP A 36 4.41 8.40 -3.29
C ASP A 36 4.33 6.88 -3.35
N LEU A 37 4.92 6.30 -4.39
CA LEU A 37 4.91 4.86 -4.56
C LEU A 37 6.21 4.25 -4.04
N SER A 38 6.71 4.78 -2.93
CA SER A 38 7.95 4.29 -2.33
C SER A 38 8.11 4.80 -0.90
N SER A 39 8.46 6.07 -0.77
CA SER A 39 8.66 6.68 0.54
C SER A 39 7.41 6.56 1.40
N SER A 40 6.25 6.72 0.78
CA SER A 40 4.97 6.63 1.50
C SER A 40 4.85 5.31 2.25
N TRP A 41 5.53 4.29 1.76
CA TRP A 41 5.49 2.96 2.39
C TRP A 41 6.75 2.69 3.22
N ALA A 42 7.62 3.70 3.32
CA ALA A 42 8.85 3.55 4.09
C ALA A 42 8.58 3.09 5.52
N ASP A 43 7.82 3.89 6.26
CA ASP A 43 7.49 3.56 7.65
C ASP A 43 6.27 2.64 7.71
N GLY A 44 5.77 2.23 6.55
CA GLY A 44 4.62 1.34 6.52
C GLY A 44 3.33 2.05 6.87
N LEU A 45 3.25 3.33 6.55
CA LEU A 45 2.06 4.12 6.84
C LEU A 45 0.92 3.78 5.87
N ALA A 46 1.25 3.70 4.58
CA ALA A 46 0.26 3.39 3.57
C ALA A 46 -0.34 2.01 3.79
N LEU A 47 0.52 1.02 4.04
CA LEU A 47 0.07 -0.34 4.27
C LEU A 47 -0.71 -0.44 5.59
N CYS A 48 -0.19 0.18 6.64
CA CYS A 48 -0.84 0.15 7.95
C CYS A 48 -2.19 0.87 7.89
N ALA A 49 -2.23 2.00 7.20
CA ALA A 49 -3.45 2.78 7.08
C ALA A 49 -4.57 1.94 6.44
N LEU A 50 -4.21 1.17 5.42
CA LEU A 50 -5.18 0.32 4.73
C LEU A 50 -5.66 -0.80 5.64
N VAL A 51 -4.72 -1.52 6.24
CA VAL A 51 -5.05 -2.63 7.13
C VAL A 51 -5.93 -2.16 8.28
N TYR A 52 -5.55 -1.05 8.91
CA TYR A 52 -6.31 -0.50 10.03
C TYR A 52 -7.74 -0.19 9.61
N ARG A 53 -7.90 0.31 8.39
CA ARG A 53 -9.22 0.65 7.87
C ARG A 53 -10.11 -0.59 7.79
N LEU A 54 -9.51 -1.71 7.41
CA LEU A 54 -10.24 -2.96 7.29
C LEU A 54 -10.51 -3.58 8.65
N GLN A 55 -9.49 -3.54 9.51
CA GLN A 55 -9.60 -4.09 10.86
C GLN A 55 -9.10 -3.10 11.90
N PRO A 56 -9.92 -2.07 12.21
CA PRO A 56 -9.55 -1.04 13.20
C PRO A 56 -9.41 -1.61 14.60
N GLY A 57 -10.14 -2.70 14.87
CA GLY A 57 -10.08 -3.33 16.17
C GLY A 57 -9.04 -4.42 16.26
N LEU A 58 -8.28 -4.61 15.17
CA LEU A 58 -7.25 -5.63 15.14
C LEU A 58 -5.96 -5.09 14.50
N LEU A 59 -5.74 -3.79 14.63
CA LEU A 59 -4.56 -3.17 14.07
C LEU A 59 -4.02 -2.06 14.99
N GLU A 60 -2.79 -1.65 14.74
CA GLU A 60 -2.16 -0.60 15.54
C GLU A 60 -1.18 0.20 14.68
N PRO A 61 -1.70 0.92 13.67
CA PRO A 61 -0.87 1.73 12.77
C PRO A 61 -0.01 2.74 13.52
N SER A 62 -0.65 3.53 14.38
CA SER A 62 0.06 4.54 15.15
C SER A 62 1.23 3.93 15.93
N GLU A 63 1.08 2.65 16.28
CA GLU A 63 2.13 1.95 17.02
C GLU A 63 3.33 1.66 16.14
N LEU A 64 3.08 1.08 14.97
CA LEU A 64 4.16 0.75 14.03
C LEU A 64 4.55 1.95 13.16
N GLN A 65 3.75 3.01 13.23
CA GLN A 65 4.00 4.21 12.43
C GLN A 65 5.36 4.82 12.76
N GLY A 66 5.73 4.82 14.02
CA GLY A 66 7.00 5.39 14.42
C GLY A 66 7.97 4.37 14.98
N LEU A 67 7.43 3.28 15.53
CA LEU A 67 8.26 2.23 16.10
C LEU A 67 9.36 1.80 15.14
N GLY A 68 9.07 1.84 13.85
CA GLY A 68 10.06 1.46 12.85
C GLY A 68 9.45 1.12 11.51
N ALA A 69 10.25 1.25 10.46
CA ALA A 69 9.78 0.97 9.10
C ALA A 69 9.77 -0.53 8.84
N LEU A 70 10.93 -1.16 9.04
CA LEU A 70 11.06 -2.60 8.82
C LEU A 70 10.08 -3.38 9.70
N GLU A 71 9.91 -2.93 10.94
CA GLU A 71 9.00 -3.58 11.87
C GLU A 71 7.54 -3.36 11.46
N ALA A 72 7.24 -2.16 10.99
CA ALA A 72 5.89 -1.82 10.57
C ALA A 72 5.46 -2.67 9.37
N THR A 73 6.36 -2.82 8.41
CA THR A 73 6.07 -3.60 7.21
C THR A 73 5.92 -5.08 7.55
N ALA A 74 6.89 -5.62 8.29
CA ALA A 74 6.86 -7.03 8.67
C ALA A 74 5.67 -7.32 9.58
N TRP A 75 5.44 -6.44 10.55
CA TRP A 75 4.33 -6.60 11.48
C TRP A 75 2.99 -6.48 10.77
N ALA A 76 2.84 -5.41 10.00
CA ALA A 76 1.60 -5.18 9.27
C ALA A 76 1.36 -6.27 8.23
N LEU A 77 2.43 -6.70 7.56
CA LEU A 77 2.33 -7.74 6.55
C LEU A 77 1.92 -9.07 7.17
N LYS A 78 2.49 -9.39 8.33
CA LYS A 78 2.19 -10.64 9.01
C LYS A 78 0.76 -10.63 9.54
N VAL A 79 0.38 -9.55 10.22
CA VAL A 79 -0.96 -9.43 10.78
C VAL A 79 -1.98 -9.28 9.67
N ALA A 80 -1.65 -8.50 8.65
CA ALA A 80 -2.56 -8.29 7.52
C ALA A 80 -2.96 -9.63 6.92
N GLU A 81 -1.99 -10.52 6.76
CA GLU A 81 -2.23 -11.85 6.21
C GLU A 81 -3.02 -12.69 7.19
N ASN A 82 -2.73 -12.53 8.48
CA ASN A 82 -3.41 -13.29 9.52
C ASN A 82 -4.85 -12.83 9.69
N GLU A 83 -5.06 -11.51 9.65
CA GLU A 83 -6.39 -10.94 9.81
C GLU A 83 -7.21 -11.00 8.52
N LEU A 84 -6.56 -10.68 7.39
CA LEU A 84 -7.25 -10.67 6.10
C LEU A 84 -7.05 -11.98 5.33
N GLY A 85 -5.82 -12.50 5.34
CA GLY A 85 -5.55 -13.73 4.63
C GLY A 85 -4.79 -13.49 3.33
N ILE A 86 -4.16 -12.32 3.22
CA ILE A 86 -3.41 -11.97 2.02
C ILE A 86 -1.93 -12.29 2.19
N THR A 87 -1.43 -13.23 1.37
CA THR A 87 -0.03 -13.63 1.43
C THR A 87 0.87 -12.56 0.83
N PRO A 88 1.97 -12.19 1.53
CA PRO A 88 2.91 -11.18 1.04
C PRO A 88 3.42 -11.48 -0.38
N VAL A 89 3.70 -10.43 -1.13
CA VAL A 89 4.19 -10.58 -2.50
C VAL A 89 5.64 -10.09 -2.62
N VAL A 90 6.03 -9.18 -1.73
CA VAL A 90 7.38 -8.64 -1.74
C VAL A 90 7.98 -8.62 -0.34
N SER A 91 9.30 -8.58 -0.26
CA SER A 91 9.99 -8.55 1.03
C SER A 91 9.90 -7.17 1.67
N ALA A 92 9.99 -7.13 3.00
CA ALA A 92 9.92 -5.88 3.73
C ALA A 92 11.05 -4.94 3.33
N GLN A 93 12.25 -5.49 3.19
CA GLN A 93 13.42 -4.69 2.82
C GLN A 93 13.18 -3.97 1.49
N ALA A 94 12.61 -4.68 0.53
CA ALA A 94 12.33 -4.11 -0.78
C ALA A 94 11.25 -3.04 -0.69
N VAL A 95 10.23 -3.30 0.12
CA VAL A 95 9.13 -2.36 0.30
C VAL A 95 9.61 -1.05 0.92
N VAL A 96 10.34 -1.16 2.03
CA VAL A 96 10.86 0.01 2.72
C VAL A 96 11.84 0.77 1.84
N ALA A 97 12.59 0.04 1.02
CA ALA A 97 13.56 0.66 0.13
C ALA A 97 12.92 1.14 -1.17
N GLY A 98 11.69 0.71 -1.42
CA GLY A 98 11.00 1.11 -2.62
C GLY A 98 11.68 0.62 -3.89
N SER A 99 12.32 -0.55 -3.80
CA SER A 99 13.01 -1.12 -4.93
C SER A 99 12.19 -2.24 -5.56
N ASP A 100 10.88 -2.06 -5.58
CA ASP A 100 9.98 -3.06 -6.16
C ASP A 100 8.64 -2.42 -6.56
N PRO A 101 8.65 -1.58 -7.61
CA PRO A 101 7.44 -0.91 -8.10
C PRO A 101 6.38 -1.91 -8.58
N LEU A 102 6.83 -2.93 -9.29
CA LEU A 102 5.92 -3.95 -9.81
C LEU A 102 5.28 -4.73 -8.67
N GLY A 103 6.04 -4.95 -7.60
CA GLY A 103 5.54 -5.67 -6.45
C GLY A 103 4.62 -4.84 -5.59
N LEU A 104 4.97 -3.57 -5.41
CA LEU A 104 4.16 -2.66 -4.59
C LEU A 104 2.78 -2.44 -5.22
N ILE A 105 2.77 -2.24 -6.54
CA ILE A 105 1.52 -2.01 -7.25
C ILE A 105 0.66 -3.27 -7.24
N ALA A 106 1.29 -4.42 -7.45
CA ALA A 106 0.57 -5.69 -7.47
C ALA A 106 -0.13 -5.94 -6.14
N TYR A 107 0.58 -5.66 -5.04
CA TYR A 107 0.01 -5.85 -3.71
C TYR A 107 -1.22 -4.97 -3.51
N LEU A 108 -1.11 -3.71 -3.94
CA LEU A 108 -2.23 -2.78 -3.81
C LEU A 108 -3.46 -3.30 -4.53
N SER A 109 -3.24 -4.01 -5.65
CA SER A 109 -4.33 -4.57 -6.42
C SER A 109 -5.08 -5.62 -5.63
N HIS A 110 -4.33 -6.41 -4.86
CA HIS A 110 -4.92 -7.45 -4.04
C HIS A 110 -5.83 -6.86 -2.97
N PHE A 111 -5.36 -5.79 -2.33
CA PHE A 111 -6.12 -5.13 -1.29
C PHE A 111 -7.35 -4.44 -1.88
N HIS A 112 -7.18 -3.86 -3.06
CA HIS A 112 -8.27 -3.17 -3.75
C HIS A 112 -9.35 -4.16 -4.17
N SER A 113 -8.94 -5.27 -4.76
CA SER A 113 -9.87 -6.30 -5.21
C SER A 113 -10.62 -6.91 -4.04
N ALA A 114 -9.96 -6.97 -2.88
CA ALA A 114 -10.57 -7.52 -1.69
C ALA A 114 -11.66 -6.61 -1.14
N PHE A 115 -11.44 -5.30 -1.23
CA PHE A 115 -12.40 -4.32 -0.75
C PHE A 115 -13.42 -3.99 -1.84
N LYS A 116 -12.97 -4.00 -3.08
CA LYS A 116 -13.85 -3.71 -4.21
C LYS A 116 -15.00 -4.70 -4.28
N SER A 117 -14.74 -5.94 -3.87
CA SER A 117 -15.76 -6.98 -3.89
C SER A 117 -16.19 -7.34 -2.47
N MET A 118 -15.24 -7.80 -1.66
CA MET A 118 -15.53 -8.18 -0.28
C MET A 118 -16.57 -9.30 -0.22
N MET A 1 9.79 6.79 -30.76
CA MET A 1 10.33 8.14 -30.49
C MET A 1 9.84 8.67 -29.14
N GLY A 2 10.55 9.65 -28.60
CA GLY A 2 10.18 10.23 -27.32
C GLY A 2 11.08 9.77 -26.19
N HIS A 3 11.75 10.73 -25.56
CA HIS A 3 12.66 10.42 -24.46
C HIS A 3 11.88 9.92 -23.24
N HIS A 4 12.61 9.60 -22.17
CA HIS A 4 11.98 9.11 -20.95
C HIS A 4 12.61 9.76 -19.73
N HIS A 5 11.77 10.16 -18.78
CA HIS A 5 12.24 10.81 -17.56
C HIS A 5 11.08 11.08 -16.60
N HIS A 6 10.01 11.67 -17.13
CA HIS A 6 8.84 11.98 -16.32
C HIS A 6 7.61 12.18 -17.22
N HIS A 7 7.78 12.93 -18.29
CA HIS A 7 6.69 13.20 -19.22
C HIS A 7 6.32 11.94 -20.00
N HIS A 8 5.80 10.94 -19.30
CA HIS A 8 5.40 9.69 -19.93
C HIS A 8 3.88 9.61 -20.08
N MET A 9 3.43 8.99 -21.15
CA MET A 9 2.00 8.84 -21.41
C MET A 9 1.61 7.36 -21.51
N GLY A 10 0.78 6.92 -20.57
CA GLY A 10 0.34 5.54 -20.56
C GLY A 10 0.61 4.84 -19.24
N SER A 11 1.85 4.97 -18.75
CA SER A 11 2.24 4.36 -17.49
C SER A 11 1.66 5.13 -16.30
N ALA A 12 1.83 6.45 -16.33
CA ALA A 12 1.35 7.30 -15.25
C ALA A 12 -0.18 7.26 -15.17
N GLY A 13 -0.82 7.09 -16.32
CA GLY A 13 -2.27 7.03 -16.36
C GLY A 13 -2.84 5.92 -15.48
N THR A 14 -2.02 4.91 -15.20
CA THR A 14 -2.45 3.79 -14.37
C THR A 14 -1.99 3.97 -12.93
N GLN A 15 -0.75 4.42 -12.76
CA GLN A 15 -0.20 4.64 -11.43
C GLN A 15 -0.97 5.71 -10.67
N GLU A 16 -1.49 6.69 -11.41
CA GLU A 16 -2.25 7.78 -10.81
C GLU A 16 -3.55 7.26 -10.20
N GLU A 17 -4.19 6.33 -10.88
CA GLU A 17 -5.44 5.76 -10.40
C GLU A 17 -5.25 5.04 -9.07
N LEU A 18 -4.20 4.22 -8.99
CA LEU A 18 -3.90 3.48 -7.77
C LEU A 18 -3.44 4.43 -6.66
N LEU A 19 -2.68 5.46 -7.04
CA LEU A 19 -2.18 6.43 -6.08
C LEU A 19 -3.32 7.19 -5.41
N ARG A 20 -4.28 7.64 -6.22
CA ARG A 20 -5.42 8.39 -5.69
C ARG A 20 -6.29 7.49 -4.82
N TRP A 21 -6.36 6.21 -5.16
CA TRP A 21 -7.16 5.26 -4.40
C TRP A 21 -6.57 5.04 -3.01
N CYS A 22 -5.27 4.78 -2.96
CA CYS A 22 -4.59 4.54 -1.69
C CYS A 22 -4.65 5.79 -0.81
N GLN A 23 -4.38 6.94 -1.40
CA GLN A 23 -4.40 8.21 -0.66
C GLN A 23 -5.78 8.48 -0.08
N GLU A 24 -6.82 8.24 -0.88
CA GLU A 24 -8.19 8.47 -0.44
C GLU A 24 -8.56 7.50 0.68
N GLN A 25 -8.23 6.22 0.48
CA GLN A 25 -8.52 5.20 1.47
C GLN A 25 -7.65 5.36 2.70
N THR A 26 -6.45 5.91 2.52
CA THR A 26 -5.51 6.12 3.61
C THR A 26 -5.76 7.47 4.30
N ALA A 27 -6.84 8.16 3.92
CA ALA A 27 -7.16 9.45 4.50
C ALA A 27 -7.92 9.28 5.82
N GLY A 28 -7.61 10.14 6.79
CA GLY A 28 -8.27 10.07 8.08
C GLY A 28 -7.29 10.11 9.24
N TYR A 29 -6.06 9.71 8.98
CA TYR A 29 -5.03 9.71 10.02
C TYR A 29 -4.35 11.08 10.11
N PRO A 30 -3.96 11.49 11.33
CA PRO A 30 -3.30 12.79 11.54
C PRO A 30 -1.89 12.82 10.96
N GLY A 31 -1.79 12.67 9.65
CA GLY A 31 -0.49 12.70 8.99
C GLY A 31 -0.49 11.88 7.71
N VAL A 32 -1.58 11.96 6.96
CA VAL A 32 -1.70 11.22 5.71
C VAL A 32 -1.16 12.04 4.53
N HIS A 33 -0.16 11.49 3.86
CA HIS A 33 0.46 12.15 2.73
C HIS A 33 0.86 11.13 1.66
N VAL A 34 0.02 10.13 1.47
CA VAL A 34 0.29 9.08 0.50
C VAL A 34 0.25 9.63 -0.93
N SER A 35 1.43 9.93 -1.47
CA SER A 35 1.54 10.46 -2.82
C SER A 35 2.82 9.96 -3.50
N ASP A 36 3.36 8.87 -2.98
CA ASP A 36 4.58 8.29 -3.53
C ASP A 36 4.47 6.77 -3.59
N LEU A 37 5.10 6.16 -4.59
CA LEU A 37 5.05 4.71 -4.74
C LEU A 37 6.33 4.07 -4.22
N SER A 38 6.84 4.59 -3.10
CA SER A 38 8.05 4.06 -2.49
C SER A 38 8.28 4.64 -1.10
N SER A 39 8.82 5.85 -1.05
CA SER A 39 9.11 6.51 0.22
C SER A 39 7.84 6.66 1.07
N SER A 40 6.69 6.66 0.42
CA SER A 40 5.41 6.80 1.13
C SER A 40 5.13 5.56 1.97
N TRP A 41 5.58 4.40 1.50
CA TRP A 41 5.36 3.15 2.22
C TRP A 41 6.55 2.81 3.12
N ALA A 42 7.42 3.80 3.36
CA ALA A 42 8.58 3.59 4.21
C ALA A 42 8.18 3.07 5.58
N ASP A 43 7.31 3.82 6.26
CA ASP A 43 6.85 3.43 7.59
C ASP A 43 5.64 2.49 7.50
N GLY A 44 5.22 2.16 6.28
CA GLY A 44 4.08 1.28 6.10
C GLY A 44 2.77 1.92 6.53
N LEU A 45 2.63 3.21 6.28
CA LEU A 45 1.41 3.93 6.64
C LEU A 45 0.27 3.59 5.69
N ALA A 46 0.60 3.42 4.42
CA ALA A 46 -0.41 3.11 3.41
C ALA A 46 -0.98 1.70 3.60
N LEU A 47 -0.10 0.73 3.81
CA LEU A 47 -0.52 -0.66 4.01
C LEU A 47 -1.34 -0.80 5.28
N CYS A 48 -0.86 -0.21 6.37
CA CYS A 48 -1.56 -0.28 7.64
C CYS A 48 -2.85 0.53 7.61
N ALA A 49 -2.80 1.69 6.96
CA ALA A 49 -3.96 2.56 6.86
C ALA A 49 -5.14 1.82 6.22
N LEU A 50 -4.85 1.01 5.21
CA LEU A 50 -5.87 0.24 4.53
C LEU A 50 -6.43 -0.86 5.42
N VAL A 51 -5.52 -1.67 5.97
CA VAL A 51 -5.91 -2.76 6.86
C VAL A 51 -6.68 -2.23 8.07
N TYR A 52 -6.27 -1.07 8.55
CA TYR A 52 -6.91 -0.44 9.70
C TYR A 52 -8.34 -0.04 9.37
N ARG A 53 -8.55 0.44 8.15
CA ARG A 53 -9.87 0.88 7.71
C ARG A 53 -10.84 -0.30 7.71
N LEU A 54 -10.38 -1.44 7.23
CA LEU A 54 -11.20 -2.65 7.18
C LEU A 54 -11.23 -3.32 8.55
N GLN A 55 -10.11 -3.26 9.26
CA GLN A 55 -9.99 -3.86 10.59
C GLN A 55 -9.15 -2.96 11.50
N PRO A 56 -9.80 -2.05 12.25
CA PRO A 56 -9.10 -1.14 13.15
C PRO A 56 -8.41 -1.87 14.29
N GLY A 57 -9.16 -2.74 14.97
CA GLY A 57 -8.61 -3.50 16.07
C GLY A 57 -7.48 -4.41 15.65
N LEU A 58 -7.39 -4.67 14.34
CA LEU A 58 -6.35 -5.54 13.80
C LEU A 58 -4.96 -5.09 14.24
N LEU A 59 -4.54 -3.91 13.76
CA LEU A 59 -3.23 -3.38 14.10
C LEU A 59 -3.31 -1.90 14.46
N GLU A 60 -2.31 -1.43 15.20
CA GLU A 60 -2.26 -0.03 15.62
C GLU A 60 -1.15 0.71 14.86
N PRO A 61 -1.44 1.13 13.62
CA PRO A 61 -0.46 1.84 12.78
C PRO A 61 0.16 3.04 13.51
N SER A 62 -0.60 3.65 14.39
CA SER A 62 -0.11 4.80 15.16
C SER A 62 1.20 4.49 15.86
N GLU A 63 1.22 3.36 16.56
CA GLU A 63 2.41 2.94 17.29
C GLU A 63 3.52 2.48 16.35
N LEU A 64 3.18 1.60 15.42
CA LEU A 64 4.16 1.08 14.47
C LEU A 64 4.58 2.13 13.44
N GLN A 65 3.88 3.27 13.42
CA GLN A 65 4.18 4.34 12.50
C GLN A 65 5.59 4.88 12.70
N GLY A 66 6.00 4.99 13.96
CA GLY A 66 7.33 5.50 14.26
C GLY A 66 8.19 4.48 14.97
N LEU A 67 7.56 3.45 15.55
CA LEU A 67 8.30 2.41 16.26
C LEU A 67 9.36 1.78 15.37
N GLY A 68 9.08 1.74 14.07
CA GLY A 68 10.02 1.16 13.15
C GLY A 68 9.46 1.03 11.74
N ALA A 69 10.23 1.47 10.75
CA ALA A 69 9.80 1.40 9.36
C ALA A 69 9.53 -0.04 8.95
N LEU A 70 10.59 -0.85 8.91
CA LEU A 70 10.46 -2.26 8.53
C LEU A 70 9.56 -3.00 9.50
N GLU A 71 9.65 -2.66 10.78
CA GLU A 71 8.83 -3.29 11.81
C GLU A 71 7.35 -3.11 11.53
N ALA A 72 6.95 -1.89 11.17
CA ALA A 72 5.56 -1.59 10.89
C ALA A 72 5.07 -2.36 9.66
N THR A 73 5.89 -2.40 8.62
CA THR A 73 5.55 -3.11 7.40
C THR A 73 5.47 -4.61 7.62
N ALA A 74 6.52 -5.18 8.22
CA ALA A 74 6.58 -6.60 8.49
C ALA A 74 5.43 -7.05 9.38
N TRP A 75 5.15 -6.28 10.42
CA TRP A 75 4.07 -6.60 11.35
C TRP A 75 2.71 -6.49 10.66
N ALA A 76 2.57 -5.49 9.80
CA ALA A 76 1.33 -5.27 9.07
C ALA A 76 1.08 -6.35 8.03
N LEU A 77 2.14 -6.73 7.31
CA LEU A 77 2.04 -7.75 6.27
C LEU A 77 1.77 -9.13 6.86
N LYS A 78 2.48 -9.46 7.95
CA LYS A 78 2.31 -10.76 8.59
C LYS A 78 0.95 -10.89 9.26
N VAL A 79 0.58 -9.88 10.04
CA VAL A 79 -0.71 -9.90 10.73
C VAL A 79 -1.87 -9.77 9.75
N ALA A 80 -1.75 -8.86 8.79
CA ALA A 80 -2.80 -8.67 7.80
C ALA A 80 -3.09 -9.99 7.10
N GLU A 81 -2.04 -10.75 6.83
CA GLU A 81 -2.17 -12.05 6.19
C GLU A 81 -2.82 -13.04 7.15
N ASN A 82 -2.48 -12.93 8.43
CA ASN A 82 -3.02 -13.84 9.43
C ASN A 82 -4.48 -13.50 9.78
N GLU A 83 -4.77 -12.21 9.90
CA GLU A 83 -6.13 -11.76 10.23
C GLU A 83 -7.03 -11.73 9.01
N LEU A 84 -6.49 -11.23 7.90
CA LEU A 84 -7.26 -11.12 6.66
C LEU A 84 -7.19 -12.40 5.84
N GLY A 85 -6.08 -13.12 5.95
CA GLY A 85 -5.91 -14.36 5.21
C GLY A 85 -5.38 -14.13 3.81
N ILE A 86 -4.63 -13.05 3.63
CA ILE A 86 -4.05 -12.71 2.33
C ILE A 86 -2.55 -12.95 2.32
N THR A 87 -2.08 -13.74 1.36
CA THR A 87 -0.66 -14.04 1.24
C THR A 87 0.12 -12.84 0.70
N PRO A 88 1.28 -12.53 1.31
CA PRO A 88 2.11 -11.40 0.88
C PRO A 88 2.53 -11.51 -0.59
N VAL A 89 2.90 -10.38 -1.18
CA VAL A 89 3.31 -10.35 -2.57
C VAL A 89 4.76 -9.86 -2.71
N VAL A 90 5.21 -9.07 -1.75
CA VAL A 90 6.57 -8.54 -1.77
C VAL A 90 7.14 -8.45 -0.35
N SER A 91 8.47 -8.41 -0.26
CA SER A 91 9.14 -8.33 1.03
C SER A 91 9.10 -6.90 1.58
N ALA A 92 9.01 -6.80 2.90
CA ALA A 92 8.95 -5.49 3.56
C ALA A 92 10.20 -4.66 3.24
N GLN A 93 11.36 -5.30 3.28
CA GLN A 93 12.62 -4.62 3.00
C GLN A 93 12.58 -3.94 1.63
N ALA A 94 11.95 -4.59 0.67
CA ALA A 94 11.83 -4.05 -0.68
C ALA A 94 10.93 -2.83 -0.71
N VAL A 95 9.82 -2.90 0.03
CA VAL A 95 8.87 -1.80 0.10
C VAL A 95 9.48 -0.59 0.79
N VAL A 96 10.09 -0.80 1.95
CA VAL A 96 10.70 0.28 2.70
C VAL A 96 11.83 0.94 1.90
N ALA A 97 12.54 0.14 1.12
CA ALA A 97 13.64 0.65 0.31
C ALA A 97 13.13 1.23 -1.02
N GLY A 98 11.88 0.95 -1.35
CA GLY A 98 11.31 1.44 -2.59
C GLY A 98 12.10 1.00 -3.81
N SER A 99 12.76 -0.14 -3.70
CA SER A 99 13.55 -0.67 -4.80
C SER A 99 12.83 -1.83 -5.47
N ASP A 100 11.51 -1.79 -5.47
CA ASP A 100 10.70 -2.83 -6.08
C ASP A 100 9.28 -2.33 -6.37
N PRO A 101 9.15 -1.43 -7.37
CA PRO A 101 7.85 -0.87 -7.74
C PRO A 101 6.88 -1.94 -8.24
N LEU A 102 7.38 -2.88 -9.03
CA LEU A 102 6.56 -3.95 -9.57
C LEU A 102 5.91 -4.76 -8.46
N GLY A 103 6.64 -4.94 -7.36
CA GLY A 103 6.12 -5.69 -6.24
C GLY A 103 5.06 -4.92 -5.46
N LEU A 104 5.29 -3.62 -5.28
CA LEU A 104 4.35 -2.78 -4.55
C LEU A 104 2.98 -2.76 -5.24
N ILE A 105 2.99 -2.65 -6.56
CA ILE A 105 1.75 -2.61 -7.34
C ILE A 105 1.05 -3.96 -7.27
N ALA A 106 1.82 -5.05 -7.36
CA ALA A 106 1.25 -6.39 -7.31
C ALA A 106 0.50 -6.62 -6.01
N TYR A 107 1.05 -6.10 -4.92
CA TYR A 107 0.43 -6.24 -3.60
C TYR A 107 -0.86 -5.43 -3.52
N LEU A 108 -0.82 -4.21 -4.05
CA LEU A 108 -1.99 -3.34 -4.03
C LEU A 108 -3.13 -3.95 -4.84
N SER A 109 -2.79 -4.65 -5.91
CA SER A 109 -3.79 -5.28 -6.76
C SER A 109 -4.64 -6.28 -5.97
N HIS A 110 -3.97 -7.03 -5.10
CA HIS A 110 -4.66 -8.03 -4.28
C HIS A 110 -5.53 -7.36 -3.23
N PHE A 111 -4.98 -6.34 -2.57
CA PHE A 111 -5.71 -5.61 -1.54
C PHE A 111 -6.86 -4.82 -2.15
N HIS A 112 -6.60 -4.18 -3.28
CA HIS A 112 -7.61 -3.38 -3.97
C HIS A 112 -8.75 -4.27 -4.46
N SER A 113 -8.41 -5.42 -5.05
CA SER A 113 -9.40 -6.35 -5.56
C SER A 113 -10.25 -6.92 -4.42
N ALA A 114 -9.60 -7.20 -3.30
CA ALA A 114 -10.29 -7.76 -2.14
C ALA A 114 -11.14 -6.70 -1.45
N PHE A 115 -10.63 -5.47 -1.40
CA PHE A 115 -11.35 -4.37 -0.77
C PHE A 115 -12.62 -4.04 -1.53
N LYS A 116 -12.59 -4.22 -2.85
CA LYS A 116 -13.75 -3.94 -3.69
C LYS A 116 -14.92 -4.85 -3.33
N SER A 117 -14.60 -6.06 -2.86
CA SER A 117 -15.63 -7.02 -2.48
C SER A 117 -16.50 -6.47 -1.36
N MET A 118 -15.87 -5.84 -0.39
CA MET A 118 -16.59 -5.26 0.75
C MET A 118 -17.16 -3.90 0.39
N MET A 1 10.11 27.31 -11.59
CA MET A 1 8.74 26.87 -11.23
C MET A 1 7.82 26.85 -12.46
N GLY A 2 7.18 25.71 -12.69
CA GLY A 2 6.29 25.59 -13.83
C GLY A 2 6.34 24.21 -14.45
N HIS A 3 5.50 23.31 -13.95
CA HIS A 3 5.45 21.94 -14.47
C HIS A 3 4.08 21.64 -15.06
N HIS A 4 3.90 22.01 -16.33
CA HIS A 4 2.63 21.78 -17.02
C HIS A 4 2.85 20.97 -18.30
N HIS A 5 2.42 19.72 -18.29
CA HIS A 5 2.57 18.85 -19.44
C HIS A 5 1.43 17.84 -19.53
N HIS A 6 0.31 18.27 -20.11
CA HIS A 6 -0.85 17.39 -20.25
C HIS A 6 -0.98 16.90 -21.70
N HIS A 7 -0.06 16.03 -22.10
CA HIS A 7 -0.08 15.48 -23.44
C HIS A 7 0.53 14.08 -23.47
N HIS A 8 -0.21 13.13 -24.01
CA HIS A 8 0.24 11.75 -24.10
C HIS A 8 0.44 11.16 -22.70
N MET A 9 -0.58 10.45 -22.22
CA MET A 9 -0.52 9.83 -20.90
C MET A 9 -0.96 8.37 -20.96
N GLY A 10 0.00 7.47 -20.79
CA GLY A 10 -0.31 6.05 -20.83
C GLY A 10 0.26 5.29 -19.64
N SER A 11 1.58 5.21 -19.58
CA SER A 11 2.24 4.51 -18.48
C SER A 11 1.94 5.17 -17.14
N ALA A 12 2.29 6.44 -17.02
CA ALA A 12 2.05 7.19 -15.80
C ALA A 12 0.56 7.30 -15.50
N GLY A 13 -0.26 7.31 -16.55
CA GLY A 13 -1.70 7.41 -16.38
C GLY A 13 -2.27 6.28 -15.55
N THR A 14 -1.58 5.14 -15.56
CA THR A 14 -2.03 3.99 -14.79
C THR A 14 -1.57 4.09 -13.34
N GLN A 15 -0.30 4.40 -13.15
CA GLN A 15 0.26 4.53 -11.80
C GLN A 15 -0.39 5.67 -11.04
N GLU A 16 -0.78 6.71 -11.76
CA GLU A 16 -1.41 7.87 -11.16
C GLU A 16 -2.75 7.49 -10.50
N GLU A 17 -3.57 6.74 -11.23
CA GLU A 17 -4.86 6.31 -10.71
C GLU A 17 -4.69 5.36 -9.54
N LEU A 18 -3.62 4.58 -9.55
CA LEU A 18 -3.36 3.62 -8.48
C LEU A 18 -3.09 4.36 -7.17
N LEU A 19 -2.23 5.35 -7.20
CA LEU A 19 -1.89 6.13 -6.02
C LEU A 19 -3.12 6.88 -5.49
N ARG A 20 -3.96 7.33 -6.42
CA ARG A 20 -5.17 8.06 -6.05
C ARG A 20 -6.08 7.21 -5.18
N TRP A 21 -6.25 5.95 -5.55
CA TRP A 21 -7.09 5.02 -4.80
C TRP A 21 -6.48 4.71 -3.44
N CYS A 22 -5.19 4.40 -3.43
CA CYS A 22 -4.49 4.08 -2.19
C CYS A 22 -4.52 5.26 -1.23
N GLN A 23 -4.25 6.46 -1.74
CA GLN A 23 -4.25 7.66 -0.92
C GLN A 23 -5.62 7.93 -0.34
N GLU A 24 -6.66 7.60 -1.11
CA GLU A 24 -8.04 7.81 -0.66
C GLU A 24 -8.36 6.90 0.51
N GLN A 25 -7.98 5.63 0.39
CA GLN A 25 -8.23 4.64 1.44
C GLN A 25 -7.41 4.95 2.70
N THR A 26 -6.20 5.46 2.50
CA THR A 26 -5.32 5.80 3.61
C THR A 26 -5.57 7.21 4.12
N ALA A 27 -6.62 7.86 3.60
CA ALA A 27 -6.96 9.21 4.02
C ALA A 27 -7.72 9.21 5.33
N GLY A 28 -7.36 10.13 6.23
CA GLY A 28 -8.03 10.22 7.52
C GLY A 28 -7.04 10.27 8.67
N TYR A 29 -5.94 9.54 8.53
CA TYR A 29 -4.91 9.50 9.57
C TYR A 29 -4.19 10.84 9.67
N PRO A 30 -3.95 11.34 10.90
CA PRO A 30 -3.26 12.61 11.11
C PRO A 30 -1.76 12.52 10.86
N GLY A 31 -1.32 13.09 9.75
CA GLY A 31 0.10 13.06 9.42
C GLY A 31 0.39 12.18 8.21
N VAL A 32 -0.50 11.22 7.95
CA VAL A 32 -0.33 10.31 6.83
C VAL A 32 -0.75 10.98 5.52
N HIS A 33 0.19 11.07 4.59
CA HIS A 33 -0.07 11.68 3.29
C HIS A 33 0.50 10.82 2.17
N VAL A 34 -0.15 9.68 1.92
CA VAL A 34 0.29 8.76 0.88
C VAL A 34 0.08 9.36 -0.51
N SER A 35 1.17 9.76 -1.16
CA SER A 35 1.11 10.34 -2.49
C SER A 35 2.41 10.08 -3.26
N ASP A 36 3.15 9.06 -2.81
CA ASP A 36 4.41 8.71 -3.46
C ASP A 36 4.55 7.19 -3.57
N LEU A 37 5.23 6.73 -4.62
CA LEU A 37 5.42 5.30 -4.83
C LEU A 37 6.75 4.83 -4.26
N SER A 38 7.14 5.42 -3.12
CA SER A 38 8.39 5.05 -2.47
C SER A 38 8.42 5.55 -1.02
N SER A 39 8.51 6.86 -0.85
CA SER A 39 8.53 7.45 0.48
C SER A 39 7.28 7.12 1.27
N SER A 40 6.13 7.26 0.63
CA SER A 40 4.84 6.97 1.27
C SER A 40 4.83 5.58 1.90
N TRP A 41 5.64 4.68 1.36
CA TRP A 41 5.71 3.31 1.87
C TRP A 41 6.96 3.09 2.72
N ALA A 42 7.79 4.12 2.84
CA ALA A 42 9.01 4.03 3.63
C ALA A 42 8.73 3.51 5.04
N ASP A 43 7.73 4.08 5.69
CA ASP A 43 7.36 3.67 7.04
C ASP A 43 6.22 2.65 7.02
N GLY A 44 5.66 2.40 5.85
CA GLY A 44 4.59 1.44 5.73
C GLY A 44 3.25 2.01 6.15
N LEU A 45 3.03 3.28 5.86
CA LEU A 45 1.78 3.95 6.21
C LEU A 45 0.64 3.51 5.29
N ALA A 46 0.94 3.37 4.01
CA ALA A 46 -0.07 2.95 3.04
C ALA A 46 -0.61 1.57 3.35
N LEU A 47 0.30 0.62 3.62
CA LEU A 47 -0.11 -0.75 3.94
C LEU A 47 -0.79 -0.81 5.30
N CYS A 48 -0.24 -0.09 6.28
CA CYS A 48 -0.79 -0.07 7.62
C CYS A 48 -2.19 0.55 7.63
N ALA A 49 -2.32 1.70 6.99
CA ALA A 49 -3.60 2.40 6.93
C ALA A 49 -4.69 1.52 6.32
N LEU A 50 -4.34 0.80 5.26
CA LEU A 50 -5.28 -0.08 4.58
C LEU A 50 -5.81 -1.15 5.54
N VAL A 51 -4.89 -1.85 6.20
CA VAL A 51 -5.26 -2.91 7.13
C VAL A 51 -6.08 -2.35 8.30
N TYR A 52 -5.58 -1.27 8.91
CA TYR A 52 -6.27 -0.65 10.04
C TYR A 52 -7.68 -0.21 9.64
N ARG A 53 -7.83 0.27 8.41
CA ARG A 53 -9.13 0.73 7.93
C ARG A 53 -10.13 -0.42 7.87
N LEU A 54 -9.67 -1.59 7.45
CA LEU A 54 -10.52 -2.76 7.35
C LEU A 54 -10.66 -3.47 8.69
N GLN A 55 -9.56 -3.48 9.45
CA GLN A 55 -9.56 -4.14 10.75
C GLN A 55 -8.79 -3.30 11.78
N PRO A 56 -9.36 -2.14 12.18
CA PRO A 56 -8.73 -1.26 13.16
C PRO A 56 -8.78 -1.83 14.57
N GLY A 57 -9.78 -2.68 14.83
CA GLY A 57 -9.92 -3.29 16.14
C GLY A 57 -8.98 -4.46 16.35
N LEU A 58 -8.28 -4.86 15.30
CA LEU A 58 -7.34 -5.98 15.38
C LEU A 58 -5.95 -5.57 14.91
N LEU A 59 -5.66 -4.27 14.96
CA LEU A 59 -4.37 -3.76 14.55
C LEU A 59 -3.97 -2.53 15.37
N GLU A 60 -2.69 -2.19 15.33
CA GLU A 60 -2.18 -1.04 16.07
C GLU A 60 -1.01 -0.39 15.33
N PRO A 61 -1.14 -0.17 14.01
CA PRO A 61 -0.08 0.44 13.20
C PRO A 61 0.28 1.84 13.67
N SER A 62 -0.60 2.44 14.47
CA SER A 62 -0.35 3.79 15.00
C SER A 62 1.00 3.84 15.69
N GLU A 63 1.30 2.80 16.46
CA GLU A 63 2.57 2.73 17.18
C GLU A 63 3.72 2.47 16.22
N LEU A 64 3.55 1.48 15.35
CA LEU A 64 4.57 1.11 14.38
C LEU A 64 4.73 2.19 13.29
N GLN A 65 3.83 3.15 13.26
CA GLN A 65 3.89 4.21 12.26
C GLN A 65 5.18 5.01 12.38
N GLY A 66 5.65 5.17 13.62
CA GLY A 66 6.89 5.91 13.84
C GLY A 66 7.91 5.11 14.63
N LEU A 67 7.54 3.92 15.09
CA LEU A 67 8.42 3.08 15.86
C LEU A 67 9.46 2.41 14.97
N GLY A 68 9.09 2.17 13.72
CA GLY A 68 10.00 1.54 12.77
C GLY A 68 9.31 1.14 11.48
N ALA A 69 10.00 1.31 10.37
CA ALA A 69 9.45 0.96 9.07
C ALA A 69 9.35 -0.55 8.89
N LEU A 70 10.47 -1.23 9.07
CA LEU A 70 10.52 -2.69 8.94
C LEU A 70 9.55 -3.35 9.92
N GLU A 71 9.51 -2.84 11.14
CA GLU A 71 8.63 -3.38 12.17
C GLU A 71 7.16 -3.22 11.78
N ALA A 72 6.81 -2.01 11.33
CA ALA A 72 5.44 -1.73 10.93
C ALA A 72 5.04 -2.57 9.72
N THR A 73 5.94 -2.67 8.74
CA THR A 73 5.67 -3.44 7.53
C THR A 73 5.57 -4.93 7.84
N ALA A 74 6.56 -5.45 8.55
CA ALA A 74 6.59 -6.87 8.91
C ALA A 74 5.45 -7.21 9.86
N TRP A 75 5.22 -6.35 10.85
CA TRP A 75 4.15 -6.57 11.82
C TRP A 75 2.78 -6.47 11.16
N ALA A 76 2.59 -5.40 10.39
CA ALA A 76 1.32 -5.17 9.71
C ALA A 76 1.06 -6.25 8.67
N LEU A 77 2.11 -6.65 7.96
CA LEU A 77 1.99 -7.67 6.93
C LEU A 77 1.59 -9.02 7.53
N LYS A 78 2.25 -9.39 8.61
CA LYS A 78 1.96 -10.67 9.28
C LYS A 78 0.53 -10.69 9.81
N VAL A 79 0.13 -9.62 10.50
CA VAL A 79 -1.20 -9.53 11.06
C VAL A 79 -2.25 -9.39 9.95
N ALA A 80 -1.92 -8.61 8.93
CA ALA A 80 -2.84 -8.40 7.81
C ALA A 80 -3.23 -9.73 7.19
N GLU A 81 -2.24 -10.59 6.96
CA GLU A 81 -2.48 -11.90 6.39
C GLU A 81 -3.21 -12.80 7.38
N ASN A 82 -2.86 -12.65 8.65
CA ASN A 82 -3.47 -13.46 9.71
C ASN A 82 -4.93 -13.06 9.93
N GLU A 83 -5.20 -11.77 9.91
CA GLU A 83 -6.55 -11.26 10.13
C GLU A 83 -7.43 -11.36 8.88
N LEU A 84 -6.86 -11.01 7.73
CA LEU A 84 -7.62 -11.04 6.47
C LEU A 84 -7.39 -12.34 5.70
N GLY A 85 -6.16 -12.85 5.73
CA GLY A 85 -5.87 -14.08 5.02
C GLY A 85 -5.25 -13.82 3.66
N ILE A 86 -4.63 -12.65 3.50
CA ILE A 86 -4.00 -12.29 2.24
C ILE A 86 -2.53 -12.69 2.23
N THR A 87 -2.14 -13.47 1.22
CA THR A 87 -0.76 -13.93 1.10
C THR A 87 0.15 -12.80 0.62
N PRO A 88 1.17 -12.43 1.42
CA PRO A 88 2.09 -11.35 1.06
C PRO A 88 2.74 -11.56 -0.31
N VAL A 89 3.03 -10.47 -0.99
CA VAL A 89 3.64 -10.54 -2.32
C VAL A 89 4.91 -9.68 -2.39
N VAL A 90 5.30 -9.08 -1.27
CA VAL A 90 6.48 -8.23 -1.23
C VAL A 90 7.14 -8.28 0.14
N SER A 91 8.41 -7.89 0.19
CA SER A 91 9.17 -7.90 1.45
C SER A 91 9.25 -6.49 2.03
N ALA A 92 9.42 -6.41 3.34
CA ALA A 92 9.52 -5.11 4.02
C ALA A 92 10.70 -4.30 3.50
N GLN A 93 11.84 -4.97 3.32
CA GLN A 93 13.05 -4.31 2.82
C GLN A 93 12.78 -3.60 1.49
N ALA A 94 12.02 -4.26 0.63
CA ALA A 94 11.69 -3.70 -0.68
C ALA A 94 10.76 -2.49 -0.54
N VAL A 95 9.84 -2.57 0.41
CA VAL A 95 8.90 -1.48 0.64
C VAL A 95 9.61 -0.24 1.15
N VAL A 96 10.42 -0.39 2.18
CA VAL A 96 11.17 0.73 2.75
C VAL A 96 12.16 1.30 1.76
N ALA A 97 12.61 0.47 0.83
CA ALA A 97 13.58 0.91 -0.18
C ALA A 97 12.88 1.58 -1.36
N GLY A 98 11.56 1.42 -1.45
CA GLY A 98 10.82 2.03 -2.53
C GLY A 98 11.34 1.62 -3.90
N SER A 99 11.94 0.43 -3.97
CA SER A 99 12.49 -0.06 -5.22
C SER A 99 11.78 -1.35 -5.65
N ASP A 100 10.45 -1.36 -5.50
CA ASP A 100 9.66 -2.52 -5.87
C ASP A 100 8.31 -2.09 -6.45
N PRO A 101 8.32 -1.37 -7.58
CA PRO A 101 7.09 -0.90 -8.24
C PRO A 101 6.20 -2.06 -8.68
N LEU A 102 6.82 -3.09 -9.27
CA LEU A 102 6.09 -4.25 -9.74
C LEU A 102 5.37 -4.95 -8.60
N GLY A 103 6.03 -5.01 -7.44
CA GLY A 103 5.45 -5.65 -6.28
C GLY A 103 4.36 -4.81 -5.63
N LEU A 104 4.59 -3.49 -5.58
CA LEU A 104 3.63 -2.58 -4.98
C LEU A 104 2.30 -2.62 -5.72
N ILE A 105 2.36 -2.64 -7.05
CA ILE A 105 1.17 -2.69 -7.88
C ILE A 105 0.44 -4.02 -7.72
N ALA A 106 1.21 -5.11 -7.78
CA ALA A 106 0.64 -6.45 -7.64
C ALA A 106 0.00 -6.63 -6.27
N TYR A 107 0.69 -6.20 -5.23
CA TYR A 107 0.19 -6.32 -3.87
C TYR A 107 -1.08 -5.48 -3.69
N LEU A 108 -1.04 -4.24 -4.16
CA LEU A 108 -2.18 -3.35 -4.05
C LEU A 108 -3.38 -3.90 -4.82
N SER A 109 -3.10 -4.60 -5.91
CA SER A 109 -4.16 -5.19 -6.73
C SER A 109 -4.99 -6.17 -5.92
N HIS A 110 -4.31 -7.01 -5.13
CA HIS A 110 -4.98 -8.00 -4.30
C HIS A 110 -5.80 -7.33 -3.21
N PHE A 111 -5.19 -6.36 -2.53
CA PHE A 111 -5.87 -5.63 -1.47
C PHE A 111 -7.09 -4.90 -2.00
N HIS A 112 -6.96 -4.33 -3.19
CA HIS A 112 -8.05 -3.60 -3.82
C HIS A 112 -9.18 -4.54 -4.20
N SER A 113 -8.83 -5.70 -4.73
CA SER A 113 -9.82 -6.69 -5.14
C SER A 113 -10.70 -7.09 -3.96
N ALA A 114 -10.08 -7.32 -2.82
CA ALA A 114 -10.80 -7.71 -1.61
C ALA A 114 -11.60 -6.54 -1.06
N PHE A 115 -11.07 -5.33 -1.25
CA PHE A 115 -11.74 -4.12 -0.77
C PHE A 115 -12.94 -3.78 -1.63
N LYS A 116 -12.86 -4.13 -2.91
CA LYS A 116 -13.94 -3.86 -3.85
C LYS A 116 -14.95 -5.01 -3.87
N SER A 117 -14.45 -6.23 -3.65
CA SER A 117 -15.31 -7.41 -3.65
C SER A 117 -16.42 -7.27 -2.61
N MET A 118 -16.11 -6.64 -1.49
CA MET A 118 -17.09 -6.44 -0.42
C MET A 118 -17.74 -5.07 -0.54
N MET A 1 9.02 -5.09 -34.69
CA MET A 1 7.59 -4.70 -34.51
C MET A 1 7.21 -3.56 -35.45
N GLY A 2 5.95 -3.15 -35.39
CA GLY A 2 5.48 -2.08 -36.24
C GLY A 2 5.18 -0.81 -35.46
N HIS A 3 6.23 -0.22 -34.87
CA HIS A 3 6.08 0.99 -34.09
C HIS A 3 5.85 2.19 -35.00
N HIS A 4 4.62 2.69 -35.02
CA HIS A 4 4.26 3.84 -35.85
C HIS A 4 3.54 4.89 -35.02
N HIS A 5 2.57 4.46 -34.23
CA HIS A 5 1.79 5.37 -33.39
C HIS A 5 1.48 4.74 -32.04
N HIS A 6 1.69 5.51 -30.98
CA HIS A 6 1.43 5.01 -29.62
C HIS A 6 0.50 5.96 -28.88
N HIS A 7 0.22 5.65 -27.62
CA HIS A 7 -0.66 6.47 -26.80
C HIS A 7 0.14 7.30 -25.81
N HIS A 8 -0.48 8.34 -25.28
CA HIS A 8 0.18 9.22 -24.32
C HIS A 8 -0.11 8.78 -22.89
N MET A 9 -1.29 8.21 -22.67
CA MET A 9 -1.68 7.73 -21.35
C MET A 9 -1.73 6.20 -21.31
N GLY A 10 -0.68 5.61 -20.78
CA GLY A 10 -0.61 4.16 -20.68
C GLY A 10 0.16 3.69 -19.46
N SER A 11 1.47 3.58 -19.61
CA SER A 11 2.33 3.14 -18.52
C SER A 11 2.33 4.15 -17.38
N ALA A 12 2.36 5.43 -17.73
CA ALA A 12 2.36 6.49 -16.74
C ALA A 12 0.94 7.00 -16.46
N GLY A 13 -0.05 6.19 -16.83
CA GLY A 13 -1.43 6.59 -16.61
C GLY A 13 -2.15 5.65 -15.66
N THR A 14 -1.80 4.37 -15.71
CA THR A 14 -2.42 3.38 -14.84
C THR A 14 -1.98 3.57 -13.40
N GLN A 15 -0.70 3.89 -13.21
CA GLN A 15 -0.15 4.10 -11.88
C GLN A 15 -0.82 5.28 -11.18
N GLU A 16 -1.20 6.29 -11.97
CA GLU A 16 -1.84 7.48 -11.44
C GLU A 16 -3.18 7.14 -10.79
N GLU A 17 -3.99 6.36 -11.49
CA GLU A 17 -5.31 5.97 -10.97
C GLU A 17 -5.18 5.15 -9.69
N LEU A 18 -4.09 4.37 -9.59
CA LEU A 18 -3.85 3.54 -8.42
C LEU A 18 -3.57 4.40 -7.20
N LEU A 19 -2.73 5.41 -7.36
CA LEU A 19 -2.38 6.31 -6.26
C LEU A 19 -3.60 7.06 -5.77
N ARG A 20 -4.50 7.40 -6.69
CA ARG A 20 -5.72 8.13 -6.34
C ARG A 20 -6.62 7.27 -5.45
N TRP A 21 -6.78 6.01 -5.80
CA TRP A 21 -7.61 5.10 -5.04
C TRP A 21 -6.99 4.82 -3.66
N CYS A 22 -5.67 4.66 -3.65
CA CYS A 22 -4.94 4.39 -2.40
C CYS A 22 -5.04 5.59 -1.46
N GLN A 23 -4.84 6.79 -2.01
CA GLN A 23 -4.89 8.00 -1.21
C GLN A 23 -6.26 8.19 -0.57
N GLU A 24 -7.31 7.90 -1.34
CA GLU A 24 -8.68 8.02 -0.85
C GLU A 24 -8.94 7.01 0.26
N GLN A 25 -8.53 5.78 0.03
CA GLN A 25 -8.72 4.70 1.01
C GLN A 25 -7.88 4.96 2.26
N THR A 26 -6.73 5.58 2.07
CA THR A 26 -5.83 5.89 3.18
C THR A 26 -6.18 7.23 3.82
N ALA A 27 -7.28 7.83 3.41
CA ALA A 27 -7.72 9.11 3.94
C ALA A 27 -8.37 8.94 5.32
N GLY A 28 -7.85 9.66 6.31
CA GLY A 28 -8.40 9.56 7.65
C GLY A 28 -7.35 9.83 8.71
N TYR A 29 -6.09 9.53 8.39
CA TYR A 29 -5.00 9.73 9.33
C TYR A 29 -4.41 11.13 9.18
N PRO A 30 -4.43 11.94 10.27
CA PRO A 30 -3.90 13.31 10.24
C PRO A 30 -2.39 13.36 10.00
N GLY A 31 -1.97 12.98 8.80
CA GLY A 31 -0.55 13.00 8.48
C GLY A 31 -0.19 12.02 7.39
N VAL A 32 -0.94 10.95 7.27
CA VAL A 32 -0.68 9.93 6.26
C VAL A 32 -1.16 10.38 4.88
N HIS A 33 -0.25 10.41 3.92
CA HIS A 33 -0.58 10.81 2.55
C HIS A 33 0.01 9.81 1.56
N VAL A 34 -0.87 9.15 0.81
CA VAL A 34 -0.43 8.17 -0.18
C VAL A 34 -0.36 8.78 -1.57
N SER A 35 0.78 9.36 -1.92
CA SER A 35 0.98 9.96 -3.23
C SER A 35 2.42 9.80 -3.70
N ASP A 36 3.13 8.84 -3.09
CA ASP A 36 4.52 8.57 -3.45
C ASP A 36 4.77 7.08 -3.49
N LEU A 37 5.56 6.64 -4.48
CA LEU A 37 5.87 5.22 -4.63
C LEU A 37 7.21 4.88 -3.96
N SER A 38 7.48 5.51 -2.82
CA SER A 38 8.72 5.27 -2.10
C SER A 38 8.60 5.69 -0.64
N SER A 39 8.72 6.99 -0.39
CA SER A 39 8.64 7.52 0.97
C SER A 39 7.29 7.20 1.61
N SER A 40 6.22 7.28 0.83
CA SER A 40 4.87 7.01 1.32
C SER A 40 4.81 5.64 2.01
N TRP A 41 5.65 4.72 1.57
CA TRP A 41 5.67 3.38 2.14
C TRP A 41 6.95 3.13 2.94
N ALA A 42 7.70 4.19 3.21
CA ALA A 42 8.94 4.08 3.97
C ALA A 42 8.70 3.44 5.33
N ASP A 43 7.82 4.05 6.12
CA ASP A 43 7.50 3.54 7.44
C ASP A 43 6.34 2.53 7.39
N GLY A 44 5.93 2.15 6.18
CA GLY A 44 4.84 1.21 6.03
C GLY A 44 3.52 1.75 6.54
N LEU A 45 3.33 3.06 6.39
CA LEU A 45 2.10 3.70 6.84
C LEU A 45 0.94 3.39 5.89
N ALA A 46 1.24 3.31 4.60
CA ALA A 46 0.22 3.03 3.59
C ALA A 46 -0.38 1.64 3.79
N LEU A 47 0.49 0.65 3.97
CA LEU A 47 0.04 -0.72 4.17
C LEU A 47 -0.72 -0.87 5.48
N CYS A 48 -0.19 -0.29 6.54
CA CYS A 48 -0.83 -0.35 7.85
C CYS A 48 -2.13 0.45 7.85
N ALA A 49 -2.12 1.59 7.17
CA ALA A 49 -3.30 2.45 7.09
C ALA A 49 -4.49 1.69 6.50
N LEU A 50 -4.21 0.86 5.49
CA LEU A 50 -5.26 0.09 4.84
C LEU A 50 -5.79 -1.00 5.77
N VAL A 51 -4.87 -1.78 6.34
CA VAL A 51 -5.24 -2.86 7.24
C VAL A 51 -5.99 -2.32 8.46
N TYR A 52 -5.44 -1.30 9.10
CA TYR A 52 -6.05 -0.70 10.27
C TYR A 52 -7.47 -0.23 9.97
N ARG A 53 -7.66 0.30 8.77
CA ARG A 53 -8.98 0.80 8.36
C ARG A 53 -10.00 -0.34 8.32
N LEU A 54 -9.57 -1.49 7.82
CA LEU A 54 -10.45 -2.66 7.73
C LEU A 54 -10.67 -3.27 9.11
N GLN A 55 -9.61 -3.30 9.92
CA GLN A 55 -9.69 -3.85 11.26
C GLN A 55 -8.98 -2.95 12.26
N PRO A 56 -9.58 -1.78 12.58
CA PRO A 56 -9.00 -0.83 13.53
C PRO A 56 -8.96 -1.39 14.95
N GLY A 57 -9.88 -2.30 15.24
CA GLY A 57 -9.94 -2.91 16.55
C GLY A 57 -9.00 -4.10 16.69
N LEU A 58 -8.29 -4.42 15.61
CA LEU A 58 -7.35 -5.55 15.62
C LEU A 58 -5.99 -5.13 15.07
N LEU A 59 -5.64 -3.87 15.26
CA LEU A 59 -4.36 -3.35 14.78
C LEU A 59 -3.88 -2.19 15.63
N GLU A 60 -2.69 -1.68 15.31
CA GLU A 60 -2.10 -0.57 16.05
C GLU A 60 -0.97 0.06 15.24
N PRO A 61 -1.28 0.62 14.06
CA PRO A 61 -0.29 1.25 13.19
C PRO A 61 0.45 2.40 13.87
N SER A 62 -0.26 3.14 14.73
CA SER A 62 0.33 4.26 15.43
C SER A 62 1.58 3.85 16.19
N GLU A 63 1.57 2.64 16.73
CA GLU A 63 2.71 2.13 17.49
C GLU A 63 3.90 1.81 16.59
N LEU A 64 3.64 1.06 15.52
CA LEU A 64 4.69 0.68 14.57
C LEU A 64 4.99 1.79 13.57
N GLN A 65 4.16 2.84 13.57
CA GLN A 65 4.34 3.94 12.63
C GLN A 65 5.68 4.63 12.83
N GLY A 66 6.15 4.68 14.06
CA GLY A 66 7.43 5.30 14.35
C GLY A 66 8.43 4.37 14.98
N LEU A 67 7.94 3.32 15.65
CA LEU A 67 8.80 2.35 16.30
C LEU A 67 9.80 1.75 15.31
N GLY A 68 9.36 1.56 14.07
CA GLY A 68 10.22 0.99 13.06
C GLY A 68 9.50 0.72 11.76
N ALA A 69 10.21 0.84 10.65
CA ALA A 69 9.62 0.60 9.33
C ALA A 69 9.50 -0.89 9.05
N LEU A 70 10.62 -1.60 9.16
CA LEU A 70 10.64 -3.03 8.92
C LEU A 70 9.69 -3.76 9.88
N GLU A 71 9.70 -3.35 11.14
CA GLU A 71 8.84 -3.95 12.14
C GLU A 71 7.38 -3.74 11.81
N ALA A 72 7.03 -2.50 11.46
CA ALA A 72 5.65 -2.18 11.12
C ALA A 72 5.19 -2.91 9.86
N THR A 73 6.07 -2.95 8.86
CA THR A 73 5.76 -3.62 7.61
C THR A 73 5.64 -5.12 7.80
N ALA A 74 6.64 -5.71 8.45
CA ALA A 74 6.65 -7.15 8.71
C ALA A 74 5.51 -7.55 9.62
N TRP A 75 5.29 -6.76 10.67
CA TRP A 75 4.22 -7.03 11.62
C TRP A 75 2.85 -6.86 10.96
N ALA A 76 2.73 -5.85 10.12
CA ALA A 76 1.49 -5.57 9.42
C ALA A 76 1.19 -6.63 8.37
N LEU A 77 2.24 -7.10 7.70
CA LEU A 77 2.09 -8.11 6.66
C LEU A 77 1.58 -9.43 7.24
N LYS A 78 2.14 -9.82 8.38
CA LYS A 78 1.74 -11.07 9.03
C LYS A 78 0.30 -10.99 9.54
N VAL A 79 0.00 -9.90 10.25
CA VAL A 79 -1.35 -9.72 10.80
C VAL A 79 -2.36 -9.47 9.68
N ALA A 80 -1.96 -8.69 8.68
CA ALA A 80 -2.84 -8.39 7.56
C ALA A 80 -3.31 -9.68 6.90
N GLU A 81 -2.38 -10.61 6.70
CA GLU A 81 -2.69 -11.89 6.10
C GLU A 81 -3.52 -12.74 7.05
N ASN A 82 -3.21 -12.65 8.34
CA ASN A 82 -3.92 -13.42 9.35
C ASN A 82 -5.33 -12.89 9.57
N GLU A 83 -5.48 -11.57 9.59
CA GLU A 83 -6.77 -10.94 9.80
C GLU A 83 -7.59 -10.89 8.51
N LEU A 84 -6.95 -10.54 7.41
CA LEU A 84 -7.64 -10.43 6.13
C LEU A 84 -7.61 -11.74 5.34
N GLY A 85 -6.52 -12.49 5.47
CA GLY A 85 -6.40 -13.75 4.75
C GLY A 85 -5.80 -13.58 3.37
N ILE A 86 -4.97 -12.54 3.22
CA ILE A 86 -4.33 -12.26 1.94
C ILE A 86 -2.84 -12.61 1.99
N THR A 87 -2.40 -13.42 1.03
CA THR A 87 -1.00 -13.84 0.96
C THR A 87 -0.12 -12.69 0.47
N PRO A 88 0.98 -12.40 1.18
CA PRO A 88 1.91 -11.33 0.81
C PRO A 88 2.81 -11.71 -0.36
N VAL A 89 3.07 -10.76 -1.24
CA VAL A 89 3.93 -11.00 -2.40
C VAL A 89 5.07 -9.97 -2.47
N VAL A 90 5.38 -9.36 -1.33
CA VAL A 90 6.45 -8.37 -1.28
C VAL A 90 7.11 -8.35 0.09
N SER A 91 8.38 -7.96 0.13
CA SER A 91 9.12 -7.90 1.39
C SER A 91 9.15 -6.49 1.95
N ALA A 92 9.25 -6.38 3.27
CA ALA A 92 9.28 -5.09 3.93
C ALA A 92 10.47 -4.25 3.46
N GLN A 93 11.63 -4.89 3.36
CA GLN A 93 12.85 -4.20 2.91
C GLN A 93 12.64 -3.51 1.57
N ALA A 94 11.93 -4.18 0.67
CA ALA A 94 11.66 -3.63 -0.66
C ALA A 94 10.72 -2.43 -0.57
N VAL A 95 9.70 -2.54 0.27
CA VAL A 95 8.72 -1.48 0.45
C VAL A 95 9.35 -0.25 1.11
N VAL A 96 10.08 -0.48 2.20
CA VAL A 96 10.73 0.60 2.93
C VAL A 96 11.75 1.33 2.05
N ALA A 97 12.36 0.59 1.13
CA ALA A 97 13.35 1.18 0.24
C ALA A 97 12.70 1.83 -0.98
N GLY A 98 11.42 1.54 -1.20
CA GLY A 98 10.72 2.12 -2.33
C GLY A 98 11.40 1.84 -3.65
N SER A 99 12.19 0.76 -3.69
CA SER A 99 12.91 0.40 -4.91
C SER A 99 12.29 -0.85 -5.54
N ASP A 100 10.96 -0.89 -5.59
CA ASP A 100 10.25 -2.02 -6.17
C ASP A 100 8.83 -1.61 -6.59
N PRO A 101 8.72 -0.79 -7.64
CA PRO A 101 7.41 -0.33 -8.13
C PRO A 101 6.53 -1.49 -8.62
N LEU A 102 7.15 -2.41 -9.35
CA LEU A 102 6.43 -3.56 -9.87
C LEU A 102 5.80 -4.38 -8.75
N GLY A 103 6.50 -4.46 -7.62
CA GLY A 103 6.00 -5.21 -6.48
C GLY A 103 4.88 -4.49 -5.76
N LEU A 104 5.04 -3.18 -5.57
CA LEU A 104 4.04 -2.38 -4.89
C LEU A 104 2.71 -2.40 -5.66
N ILE A 105 2.80 -2.26 -6.98
CA ILE A 105 1.62 -2.26 -7.83
C ILE A 105 0.95 -3.64 -7.84
N ALA A 106 1.76 -4.68 -7.97
CA ALA A 106 1.25 -6.04 -8.01
C ALA A 106 0.52 -6.37 -6.71
N TYR A 107 1.11 -6.00 -5.58
CA TYR A 107 0.51 -6.26 -4.28
C TYR A 107 -0.74 -5.41 -4.07
N LEU A 108 -0.67 -4.16 -4.54
CA LEU A 108 -1.80 -3.24 -4.41
C LEU A 108 -3.05 -3.81 -5.07
N SER A 109 -2.85 -4.53 -6.17
CA SER A 109 -3.96 -5.13 -6.90
C SER A 109 -4.73 -6.10 -6.02
N HIS A 110 -3.99 -6.93 -5.29
CA HIS A 110 -4.60 -7.91 -4.40
C HIS A 110 -5.38 -7.23 -3.28
N PHE A 111 -4.77 -6.20 -2.68
CA PHE A 111 -5.42 -5.46 -1.60
C PHE A 111 -6.66 -4.73 -2.11
N HIS A 112 -6.57 -4.17 -3.31
CA HIS A 112 -7.69 -3.45 -3.90
C HIS A 112 -8.84 -4.40 -4.20
N SER A 113 -8.52 -5.54 -4.81
CA SER A 113 -9.53 -6.54 -5.15
C SER A 113 -10.27 -7.02 -3.91
N ALA A 114 -9.53 -7.28 -2.84
CA ALA A 114 -10.10 -7.74 -1.59
C ALA A 114 -10.87 -6.62 -0.89
N PHE A 115 -10.27 -5.44 -0.85
CA PHE A 115 -10.89 -4.29 -0.21
C PHE A 115 -12.10 -3.80 -1.01
N LYS A 116 -12.07 -4.05 -2.32
CA LYS A 116 -13.16 -3.63 -3.20
C LYS A 116 -14.49 -4.24 -2.74
N SER A 117 -14.44 -5.49 -2.31
CA SER A 117 -15.64 -6.19 -1.84
C SER A 117 -16.23 -5.48 -0.63
N MET A 118 -15.38 -4.86 0.18
CA MET A 118 -15.83 -4.15 1.37
C MET A 118 -16.18 -2.70 1.03
N MET A 1 -17.61 12.23 -34.56
CA MET A 1 -17.31 13.43 -33.75
C MET A 1 -17.60 13.18 -32.26
N GLY A 2 -16.55 13.05 -31.46
CA GLY A 2 -16.71 12.80 -30.05
C GLY A 2 -15.44 12.30 -29.39
N HIS A 3 -14.97 11.15 -29.84
CA HIS A 3 -13.75 10.56 -29.28
C HIS A 3 -12.52 11.35 -29.71
N HIS A 4 -11.48 11.33 -28.88
CA HIS A 4 -10.25 12.05 -29.17
C HIS A 4 -9.09 11.09 -29.34
N HIS A 5 -7.90 11.63 -29.54
CA HIS A 5 -6.70 10.81 -29.73
C HIS A 5 -5.48 11.49 -29.11
N HIS A 6 -4.41 10.73 -28.93
CA HIS A 6 -3.18 11.25 -28.35
C HIS A 6 -1.96 10.62 -29.02
N HIS A 7 -0.79 10.89 -28.45
CA HIS A 7 0.46 10.36 -28.98
C HIS A 7 0.92 9.14 -28.18
N HIS A 8 1.15 9.34 -26.88
CA HIS A 8 1.59 8.27 -26.00
C HIS A 8 1.10 8.50 -24.58
N MET A 9 0.10 7.74 -24.17
CA MET A 9 -0.46 7.86 -22.83
C MET A 9 -1.17 6.57 -22.42
N GLY A 10 -1.30 6.35 -21.11
CA GLY A 10 -1.96 5.17 -20.61
C GLY A 10 -1.29 4.60 -19.37
N SER A 11 -0.01 4.28 -19.49
CA SER A 11 0.75 3.73 -18.38
C SER A 11 0.82 4.73 -17.23
N ALA A 12 0.87 6.01 -17.57
CA ALA A 12 0.94 7.07 -16.57
C ALA A 12 -0.41 7.31 -15.92
N GLY A 13 -1.47 7.23 -16.73
CA GLY A 13 -2.81 7.44 -16.21
C GLY A 13 -3.30 6.28 -15.37
N THR A 14 -2.80 5.09 -15.66
CA THR A 14 -3.19 3.89 -14.93
C THR A 14 -2.67 3.93 -13.50
N GLN A 15 -1.36 4.15 -13.36
CA GLN A 15 -0.74 4.22 -12.05
C GLN A 15 -1.28 5.39 -11.24
N GLU A 16 -1.63 6.47 -11.93
CA GLU A 16 -2.16 7.66 -11.28
C GLU A 16 -3.48 7.37 -10.57
N GLU A 17 -4.38 6.68 -11.26
CA GLU A 17 -5.68 6.34 -10.70
C GLU A 17 -5.52 5.38 -9.51
N LEU A 18 -4.49 4.55 -9.56
CA LEU A 18 -4.23 3.59 -8.50
C LEU A 18 -3.75 4.29 -7.23
N LEU A 19 -2.77 5.18 -7.40
CA LEU A 19 -2.21 5.92 -6.27
C LEU A 19 -3.28 6.82 -5.64
N ARG A 20 -4.16 7.35 -6.47
CA ARG A 20 -5.22 8.24 -5.99
C ARG A 20 -6.20 7.48 -5.11
N TRP A 21 -6.53 6.26 -5.50
CA TRP A 21 -7.45 5.42 -4.74
C TRP A 21 -6.85 5.02 -3.40
N CYS A 22 -5.59 4.60 -3.43
CA CYS A 22 -4.90 4.18 -2.21
C CYS A 22 -4.84 5.32 -1.20
N GLN A 23 -4.49 6.51 -1.67
CA GLN A 23 -4.40 7.68 -0.80
C GLN A 23 -5.76 8.02 -0.19
N GLU A 24 -6.81 7.84 -0.96
CA GLU A 24 -8.16 8.12 -0.49
C GLU A 24 -8.56 7.15 0.62
N GLN A 25 -8.29 5.88 0.40
CA GLN A 25 -8.61 4.84 1.39
C GLN A 25 -7.77 5.01 2.64
N THR A 26 -6.59 5.59 2.48
CA THR A 26 -5.68 5.80 3.60
C THR A 26 -5.95 7.14 4.30
N ALA A 27 -7.03 7.80 3.91
CA ALA A 27 -7.39 9.09 4.50
C ALA A 27 -8.14 8.89 5.82
N GLY A 28 -7.90 9.79 6.76
CA GLY A 28 -8.56 9.71 8.06
C GLY A 28 -7.58 9.81 9.21
N TYR A 29 -6.31 9.51 8.94
CA TYR A 29 -5.28 9.57 9.97
C TYR A 29 -4.60 10.94 9.98
N PRO A 30 -4.44 11.56 11.18
CA PRO A 30 -3.80 12.87 11.30
C PRO A 30 -2.32 12.84 10.92
N GLY A 31 -2.04 12.53 9.67
CA GLY A 31 -0.67 12.47 9.20
C GLY A 31 -0.49 11.47 8.08
N VAL A 32 -1.45 11.46 7.15
CA VAL A 32 -1.39 10.54 6.02
C VAL A 32 -0.67 11.18 4.84
N HIS A 33 0.40 10.53 4.40
CA HIS A 33 1.19 11.03 3.28
C HIS A 33 1.42 9.92 2.26
N VAL A 34 0.41 9.64 1.45
CA VAL A 34 0.50 8.59 0.43
C VAL A 34 0.45 9.19 -0.97
N SER A 35 1.62 9.55 -1.50
CA SER A 35 1.70 10.12 -2.84
C SER A 35 3.05 9.79 -3.49
N ASP A 36 3.68 8.72 -3.01
CA ASP A 36 4.97 8.29 -3.54
C ASP A 36 5.00 6.76 -3.68
N LEU A 37 5.75 6.29 -4.67
CA LEU A 37 5.85 4.85 -4.90
C LEU A 37 7.14 4.30 -4.30
N SER A 38 7.50 4.80 -3.11
CA SER A 38 8.71 4.34 -2.43
C SER A 38 8.82 4.96 -1.04
N SER A 39 9.30 6.21 -0.98
CA SER A 39 9.47 6.90 0.29
C SER A 39 8.16 6.96 1.08
N SER A 40 7.04 6.91 0.38
CA SER A 40 5.74 6.96 1.03
C SER A 40 5.48 5.69 1.84
N TRP A 41 6.05 4.57 1.38
CA TRP A 41 5.87 3.30 2.06
C TRP A 41 7.06 2.98 2.98
N ALA A 42 7.89 3.99 3.24
CA ALA A 42 9.05 3.81 4.10
C ALA A 42 8.66 3.23 5.45
N ASP A 43 7.77 3.92 6.15
CA ASP A 43 7.31 3.46 7.46
C ASP A 43 6.13 2.49 7.32
N GLY A 44 5.72 2.23 6.09
CA GLY A 44 4.60 1.32 5.85
C GLY A 44 3.27 1.90 6.29
N LEU A 45 3.10 3.20 6.08
CA LEU A 45 1.88 3.88 6.46
C LEU A 45 0.73 3.56 5.49
N ALA A 46 1.07 3.41 4.22
CA ALA A 46 0.06 3.10 3.21
C ALA A 46 -0.55 1.72 3.43
N LEU A 47 0.31 0.73 3.65
CA LEU A 47 -0.14 -0.63 3.88
C LEU A 47 -0.85 -0.75 5.23
N CYS A 48 -0.31 -0.04 6.22
CA CYS A 48 -0.89 -0.05 7.56
C CYS A 48 -2.26 0.63 7.57
N ALA A 49 -2.33 1.81 6.98
CA ALA A 49 -3.57 2.56 6.92
C ALA A 49 -4.69 1.73 6.29
N LEU A 50 -4.35 1.00 5.23
CA LEU A 50 -5.32 0.17 4.54
C LEU A 50 -5.86 -0.92 5.46
N VAL A 51 -4.96 -1.64 6.12
CA VAL A 51 -5.34 -2.71 7.02
C VAL A 51 -6.19 -2.17 8.18
N TYR A 52 -5.72 -1.10 8.80
CA TYR A 52 -6.42 -0.49 9.92
C TYR A 52 -7.85 -0.12 9.52
N ARG A 53 -8.01 0.35 8.29
CA ARG A 53 -9.32 0.74 7.79
C ARG A 53 -10.27 -0.46 7.75
N LEU A 54 -9.76 -1.59 7.28
CA LEU A 54 -10.56 -2.81 7.21
C LEU A 54 -10.76 -3.42 8.59
N GLN A 55 -9.70 -3.40 9.39
CA GLN A 55 -9.76 -3.95 10.74
C GLN A 55 -8.91 -3.11 11.70
N PRO A 56 -9.45 -1.96 12.14
CA PRO A 56 -8.74 -1.05 13.06
C PRO A 56 -8.65 -1.62 14.48
N GLY A 57 -9.64 -2.43 14.84
CA GLY A 57 -9.65 -3.02 16.16
C GLY A 57 -8.57 -4.06 16.35
N LEU A 58 -8.26 -4.79 15.28
CA LEU A 58 -7.24 -5.83 15.34
C LEU A 58 -5.89 -5.30 14.86
N LEU A 59 -5.70 -3.98 14.91
CA LEU A 59 -4.46 -3.37 14.48
C LEU A 59 -4.11 -2.16 15.34
N GLU A 60 -2.86 -1.70 15.22
CA GLU A 60 -2.39 -0.55 15.98
C GLU A 60 -1.19 0.10 15.28
N PRO A 61 -1.31 0.35 13.97
CA PRO A 61 -0.23 0.97 13.17
C PRO A 61 0.19 2.33 13.70
N SER A 62 -0.67 2.95 14.51
CA SER A 62 -0.37 4.25 15.09
C SER A 62 0.96 4.21 15.81
N GLU A 63 1.16 3.15 16.59
CA GLU A 63 2.39 2.99 17.35
C GLU A 63 3.55 2.63 16.42
N LEU A 64 3.33 1.64 15.56
CA LEU A 64 4.35 1.18 14.62
C LEU A 64 4.63 2.25 13.55
N GLN A 65 3.81 3.29 13.50
CA GLN A 65 3.98 4.35 12.52
C GLN A 65 5.33 5.03 12.68
N GLY A 66 5.74 5.24 13.93
CA GLY A 66 7.01 5.88 14.20
C GLY A 66 7.93 5.02 15.03
N LEU A 67 7.41 3.93 15.58
CA LEU A 67 8.21 3.03 16.41
C LEU A 67 9.25 2.31 15.57
N GLY A 68 8.99 2.17 14.27
CA GLY A 68 9.92 1.50 13.40
C GLY A 68 9.34 1.24 12.01
N ALA A 69 10.19 1.40 10.99
CA ALA A 69 9.75 1.18 9.61
C ALA A 69 9.61 -0.31 9.31
N LEU A 70 10.72 -1.03 9.45
CA LEU A 70 10.72 -2.47 9.20
C LEU A 70 9.75 -3.20 10.13
N GLU A 71 9.68 -2.73 11.37
CA GLU A 71 8.79 -3.34 12.36
C GLU A 71 7.33 -3.16 11.95
N ALA A 72 6.99 -1.97 11.48
CA ALA A 72 5.63 -1.67 11.06
C ALA A 72 5.22 -2.53 9.87
N THR A 73 6.12 -2.66 8.90
CA THR A 73 5.85 -3.45 7.71
C THR A 73 5.71 -4.94 8.06
N ALA A 74 6.68 -5.46 8.80
CA ALA A 74 6.66 -6.87 9.20
C ALA A 74 5.44 -7.18 10.06
N TRP A 75 5.13 -6.29 10.99
CA TRP A 75 3.98 -6.48 11.87
C TRP A 75 2.67 -6.39 11.09
N ALA A 76 2.54 -5.36 10.26
CA ALA A 76 1.35 -5.16 9.45
C ALA A 76 1.18 -6.26 8.42
N LEU A 77 2.30 -6.71 7.85
CA LEU A 77 2.28 -7.75 6.84
C LEU A 77 1.77 -9.07 7.42
N LYS A 78 2.28 -9.44 8.58
CA LYS A 78 1.88 -10.69 9.24
C LYS A 78 0.41 -10.64 9.64
N VAL A 79 0.02 -9.55 10.30
CA VAL A 79 -1.37 -9.39 10.74
C VAL A 79 -2.31 -9.22 9.55
N ALA A 80 -1.86 -8.47 8.55
CA ALA A 80 -2.67 -8.23 7.36
C ALA A 80 -3.08 -9.54 6.72
N GLU A 81 -2.12 -10.45 6.58
CA GLU A 81 -2.39 -11.76 5.99
C GLU A 81 -3.25 -12.60 6.93
N ASN A 82 -2.99 -12.47 8.24
CA ASN A 82 -3.74 -13.21 9.24
C ASN A 82 -5.18 -12.73 9.34
N GLU A 83 -5.37 -11.43 9.28
CA GLU A 83 -6.72 -10.85 9.38
C GLU A 83 -7.48 -10.90 8.06
N LEU A 84 -6.79 -10.60 6.96
CA LEU A 84 -7.43 -10.60 5.65
C LEU A 84 -7.29 -11.96 4.95
N GLY A 85 -6.19 -12.65 5.20
CA GLY A 85 -5.98 -13.95 4.57
C GLY A 85 -5.27 -13.82 3.24
N ILE A 86 -4.46 -12.79 3.09
CA ILE A 86 -3.71 -12.55 1.86
C ILE A 86 -2.23 -12.85 2.04
N THR A 87 -1.71 -13.74 1.20
CA THR A 87 -0.30 -14.12 1.28
C THR A 87 0.59 -13.02 0.70
N PRO A 88 1.63 -12.59 1.45
CA PRO A 88 2.55 -11.54 1.00
C PRO A 88 3.16 -11.86 -0.36
N VAL A 89 3.48 -10.82 -1.12
CA VAL A 89 4.07 -10.98 -2.44
C VAL A 89 5.36 -10.16 -2.58
N VAL A 90 5.75 -9.47 -1.51
CA VAL A 90 6.95 -8.66 -1.54
C VAL A 90 7.64 -8.66 -0.18
N SER A 91 8.93 -8.31 -0.17
CA SER A 91 9.70 -8.27 1.07
C SER A 91 9.54 -6.92 1.76
N ALA A 92 9.77 -6.90 3.08
CA ALA A 92 9.66 -5.67 3.86
C ALA A 92 10.72 -4.66 3.44
N GLN A 93 11.95 -5.14 3.25
CA GLN A 93 13.05 -4.28 2.86
C GLN A 93 12.81 -3.68 1.48
N ALA A 94 12.15 -4.44 0.61
CA ALA A 94 11.86 -3.98 -0.74
C ALA A 94 10.84 -2.85 -0.74
N VAL A 95 9.77 -3.02 0.03
CA VAL A 95 8.72 -2.01 0.11
C VAL A 95 9.21 -0.77 0.85
N VAL A 96 9.92 -0.98 1.96
CA VAL A 96 10.44 0.13 2.75
C VAL A 96 11.47 0.93 1.97
N ALA A 97 12.30 0.24 1.19
CA ALA A 97 13.33 0.90 0.39
C ALA A 97 12.76 1.39 -0.94
N GLY A 98 11.57 0.92 -1.29
CA GLY A 98 10.95 1.34 -2.53
C GLY A 98 11.75 0.92 -3.75
N SER A 99 12.46 -0.21 -3.62
CA SER A 99 13.28 -0.73 -4.72
C SER A 99 12.54 -1.83 -5.48
N ASP A 100 11.22 -1.73 -5.51
CA ASP A 100 10.40 -2.71 -6.20
C ASP A 100 9.00 -2.15 -6.50
N PRO A 101 8.90 -1.21 -7.44
CA PRO A 101 7.62 -0.60 -7.81
C PRO A 101 6.64 -1.62 -8.37
N LEU A 102 7.14 -2.51 -9.21
CA LEU A 102 6.29 -3.54 -9.82
C LEU A 102 5.62 -4.40 -8.75
N GLY A 103 6.35 -4.65 -7.66
CA GLY A 103 5.81 -5.45 -6.58
C GLY A 103 4.75 -4.72 -5.77
N LEU A 104 5.00 -3.45 -5.48
CA LEU A 104 4.06 -2.64 -4.72
C LEU A 104 2.72 -2.54 -5.44
N ILE A 105 2.77 -2.32 -6.74
CA ILE A 105 1.55 -2.21 -7.55
C ILE A 105 0.82 -3.54 -7.62
N ALA A 106 1.58 -4.62 -7.77
CA ALA A 106 1.00 -5.96 -7.86
C ALA A 106 0.26 -6.31 -6.57
N TYR A 107 0.84 -5.94 -5.44
CA TYR A 107 0.24 -6.22 -4.14
C TYR A 107 -1.02 -5.38 -3.94
N LEU A 108 -0.94 -4.11 -4.33
CA LEU A 108 -2.07 -3.19 -4.19
C LEU A 108 -3.28 -3.72 -4.97
N SER A 109 -3.02 -4.40 -6.08
CA SER A 109 -4.09 -4.95 -6.90
C SER A 109 -4.88 -6.00 -6.13
N HIS A 110 -4.18 -6.77 -5.30
CA HIS A 110 -4.81 -7.81 -4.50
C HIS A 110 -5.66 -7.20 -3.40
N PHE A 111 -5.15 -6.13 -2.80
CA PHE A 111 -5.88 -5.44 -1.73
C PHE A 111 -7.14 -4.77 -2.27
N HIS A 112 -7.04 -4.21 -3.46
CA HIS A 112 -8.17 -3.53 -4.10
C HIS A 112 -9.31 -4.52 -4.37
N SER A 113 -8.97 -5.66 -4.96
CA SER A 113 -9.96 -6.67 -5.27
C SER A 113 -10.66 -7.15 -4.00
N ALA A 114 -9.90 -7.26 -2.92
CA ALA A 114 -10.44 -7.71 -1.64
C ALA A 114 -11.21 -6.59 -0.95
N PHE A 115 -10.67 -5.38 -1.03
CA PHE A 115 -11.31 -4.22 -0.41
C PHE A 115 -12.64 -3.89 -1.10
N LYS A 116 -12.71 -4.18 -2.38
CA LYS A 116 -13.92 -3.93 -3.16
C LYS A 116 -15.05 -4.85 -2.72
N SER A 117 -14.72 -6.12 -2.50
CA SER A 117 -15.70 -7.11 -2.08
C SER A 117 -16.09 -6.89 -0.62
N MET A 118 -15.13 -7.09 0.28
CA MET A 118 -15.37 -6.91 1.70
C MET A 118 -15.22 -5.44 2.11
N MET A 1 -7.10 1.60 -33.11
CA MET A 1 -7.47 1.66 -34.55
C MET A 1 -8.68 2.56 -34.78
N GLY A 2 -8.99 2.80 -36.05
CA GLY A 2 -10.13 3.64 -36.38
C GLY A 2 -9.84 5.12 -36.19
N HIS A 3 -8.83 5.61 -36.89
CA HIS A 3 -8.44 7.01 -36.79
C HIS A 3 -8.06 7.37 -35.36
N HIS A 4 -7.57 6.39 -34.61
CA HIS A 4 -7.17 6.61 -33.22
C HIS A 4 -8.34 7.16 -32.40
N HIS A 5 -9.03 6.26 -31.69
CA HIS A 5 -10.16 6.65 -30.86
C HIS A 5 -10.38 5.66 -29.73
N HIS A 6 -11.25 6.01 -28.79
CA HIS A 6 -11.55 5.15 -27.65
C HIS A 6 -10.30 4.89 -26.83
N HIS A 7 -9.39 5.86 -26.80
CA HIS A 7 -8.15 5.72 -26.06
C HIS A 7 -7.90 6.96 -25.19
N HIS A 8 -7.61 6.73 -23.92
CA HIS A 8 -7.36 7.81 -22.97
C HIS A 8 -6.50 7.34 -21.81
N MET A 9 -5.17 7.37 -22.00
CA MET A 9 -4.24 6.94 -20.97
C MET A 9 -4.49 5.48 -20.59
N GLY A 10 -3.59 4.61 -21.03
CA GLY A 10 -3.73 3.20 -20.72
C GLY A 10 -2.76 2.73 -19.66
N SER A 11 -1.47 2.93 -19.91
CA SER A 11 -0.44 2.53 -18.96
C SER A 11 -0.27 3.57 -17.86
N ALA A 12 -0.27 4.84 -18.25
CA ALA A 12 -0.11 5.93 -17.30
C ALA A 12 -1.41 6.19 -16.53
N GLY A 13 -2.54 5.87 -17.16
CA GLY A 13 -3.82 6.07 -16.52
C GLY A 13 -4.12 5.03 -15.46
N THR A 14 -3.54 3.85 -15.60
CA THR A 14 -3.74 2.76 -14.65
C THR A 14 -3.10 3.10 -13.30
N GLN A 15 -1.84 3.48 -13.32
CA GLN A 15 -1.11 3.82 -12.10
C GLN A 15 -1.73 5.04 -11.43
N GLU A 16 -2.26 5.96 -12.24
CA GLU A 16 -2.87 7.18 -11.72
C GLU A 16 -4.08 6.86 -10.85
N GLU A 17 -4.95 5.98 -11.35
CA GLU A 17 -6.15 5.59 -10.61
C GLU A 17 -5.80 4.85 -9.33
N LEU A 18 -4.70 4.11 -9.36
CA LEU A 18 -4.25 3.34 -8.19
C LEU A 18 -3.82 4.28 -7.06
N LEU A 19 -2.99 5.26 -7.39
CA LEU A 19 -2.49 6.21 -6.40
C LEU A 19 -3.65 7.00 -5.78
N ARG A 20 -4.66 7.30 -6.59
CA ARG A 20 -5.82 8.04 -6.13
C ARG A 20 -6.61 7.27 -5.09
N TRP A 21 -6.75 5.96 -5.33
CA TRP A 21 -7.49 5.10 -4.41
C TRP A 21 -6.76 4.95 -3.08
N CYS A 22 -5.45 4.74 -3.15
CA CYS A 22 -4.63 4.57 -1.95
C CYS A 22 -4.71 5.82 -1.06
N GLN A 23 -4.58 6.99 -1.68
CA GLN A 23 -4.61 8.24 -0.94
C GLN A 23 -6.00 8.49 -0.34
N GLU A 24 -7.04 8.14 -1.11
CA GLU A 24 -8.41 8.31 -0.64
C GLU A 24 -8.70 7.40 0.54
N GLN A 25 -8.30 6.15 0.43
CA GLN A 25 -8.51 5.16 1.49
C GLN A 25 -7.67 5.49 2.72
N THR A 26 -6.48 6.03 2.48
CA THR A 26 -5.58 6.38 3.58
C THR A 26 -5.79 7.82 4.05
N ALA A 27 -6.84 8.46 3.53
CA ALA A 27 -7.15 9.83 3.91
C ALA A 27 -7.90 9.89 5.24
N GLY A 28 -7.36 10.65 6.19
CA GLY A 28 -8.01 10.76 7.49
C GLY A 28 -7.00 10.76 8.63
N TYR A 29 -5.90 10.04 8.45
CA TYR A 29 -4.86 9.96 9.48
C TYR A 29 -4.02 11.23 9.50
N PRO A 30 -3.97 11.93 10.65
CA PRO A 30 -3.19 13.17 10.78
C PRO A 30 -1.69 12.92 10.67
N GLY A 31 -1.07 13.51 9.63
CA GLY A 31 0.35 13.34 9.43
C GLY A 31 0.66 12.45 8.24
N VAL A 32 -0.26 11.56 7.92
CA VAL A 32 -0.08 10.66 6.79
C VAL A 32 -0.36 11.37 5.47
N HIS A 33 0.65 11.41 4.60
CA HIS A 33 0.52 12.05 3.30
C HIS A 33 0.80 11.05 2.17
N VAL A 34 -0.22 10.33 1.77
CA VAL A 34 -0.09 9.34 0.71
C VAL A 34 0.06 10.00 -0.66
N SER A 35 1.31 10.19 -1.09
CA SER A 35 1.58 10.80 -2.39
C SER A 35 2.92 10.33 -2.94
N ASP A 36 3.41 9.21 -2.42
CA ASP A 36 4.68 8.65 -2.88
C ASP A 36 4.58 7.14 -3.03
N LEU A 37 5.15 6.62 -4.11
CA LEU A 37 5.12 5.19 -4.37
C LEU A 37 6.38 4.50 -3.84
N SER A 38 6.87 4.98 -2.70
CA SER A 38 8.08 4.42 -2.09
C SER A 38 8.20 4.84 -0.63
N SER A 39 8.49 6.12 -0.42
CA SER A 39 8.64 6.65 0.93
C SER A 39 7.33 6.57 1.71
N SER A 40 6.22 6.71 1.00
CA SER A 40 4.90 6.66 1.62
C SER A 40 4.70 5.34 2.38
N TRP A 41 5.45 4.32 1.99
CA TRP A 41 5.35 3.02 2.64
C TRP A 41 6.59 2.72 3.50
N ALA A 42 7.43 3.73 3.69
CA ALA A 42 8.64 3.58 4.49
C ALA A 42 8.32 3.06 5.88
N ASP A 43 7.52 3.81 6.64
CA ASP A 43 7.14 3.42 7.98
C ASP A 43 5.95 2.46 7.97
N GLY A 44 5.49 2.09 6.77
CA GLY A 44 4.36 1.19 6.65
C GLY A 44 3.05 1.84 7.04
N LEU A 45 2.94 3.14 6.84
CA LEU A 45 1.73 3.88 7.18
C LEU A 45 0.62 3.60 6.17
N ALA A 46 1.00 3.43 4.91
CA ALA A 46 0.03 3.15 3.85
C ALA A 46 -0.60 1.77 4.01
N LEU A 47 0.25 0.77 4.24
CA LEU A 47 -0.23 -0.59 4.41
C LEU A 47 -1.09 -0.73 5.66
N CYS A 48 -0.63 -0.16 6.77
CA CYS A 48 -1.37 -0.22 8.02
C CYS A 48 -2.64 0.62 7.93
N ALA A 49 -2.55 1.73 7.20
CA ALA A 49 -3.70 2.62 7.04
C ALA A 49 -4.87 1.89 6.40
N LEU A 50 -4.58 1.05 5.41
CA LEU A 50 -5.61 0.30 4.72
C LEU A 50 -6.19 -0.78 5.63
N VAL A 51 -5.31 -1.58 6.21
CA VAL A 51 -5.73 -2.66 7.11
C VAL A 51 -6.53 -2.11 8.29
N TYR A 52 -6.04 -1.00 8.86
CA TYR A 52 -6.71 -0.37 9.99
C TYR A 52 -8.13 0.05 9.61
N ARG A 53 -8.29 0.54 8.39
CA ARG A 53 -9.60 0.98 7.91
C ARG A 53 -10.58 -0.18 7.88
N LEU A 54 -10.11 -1.34 7.44
CA LEU A 54 -10.96 -2.53 7.36
C LEU A 54 -11.12 -3.17 8.74
N GLN A 55 -10.00 -3.32 9.45
CA GLN A 55 -10.01 -3.91 10.78
C GLN A 55 -9.16 -3.09 11.74
N PRO A 56 -9.71 -1.98 12.26
CA PRO A 56 -8.99 -1.11 13.19
C PRO A 56 -8.76 -1.76 14.55
N GLY A 57 -9.66 -2.65 14.93
CA GLY A 57 -9.54 -3.34 16.20
C GLY A 57 -8.40 -4.34 16.22
N LEU A 58 -8.14 -4.95 15.07
CA LEU A 58 -7.07 -5.94 14.95
C LEU A 58 -5.80 -5.32 14.39
N LEU A 59 -5.65 -4.01 14.59
CA LEU A 59 -4.47 -3.29 14.11
C LEU A 59 -4.11 -2.14 15.04
N GLU A 60 -2.91 -1.59 14.86
CA GLU A 60 -2.44 -0.48 15.67
C GLU A 60 -1.40 0.35 14.90
N PRO A 61 -1.80 0.93 13.76
CA PRO A 61 -0.92 1.75 12.93
C PRO A 61 -0.21 2.84 13.72
N SER A 62 -0.91 3.38 14.71
CA SER A 62 -0.34 4.44 15.55
C SER A 62 0.99 4.01 16.15
N GLU A 63 1.01 2.80 16.72
CA GLU A 63 2.23 2.27 17.32
C GLU A 63 3.25 1.88 16.26
N LEU A 64 2.80 1.12 15.27
CA LEU A 64 3.67 0.67 14.19
C LEU A 64 4.18 1.84 13.35
N GLN A 65 3.56 3.00 13.52
CA GLN A 65 3.95 4.18 12.75
C GLN A 65 5.37 4.62 13.08
N GLY A 66 5.74 4.54 14.35
CA GLY A 66 7.07 4.95 14.76
C GLY A 66 7.93 3.79 15.24
N LEU A 67 7.32 2.62 15.38
CA LEU A 67 8.06 1.44 15.84
C LEU A 67 9.21 1.13 14.89
N GLY A 68 9.03 1.45 13.61
CA GLY A 68 10.07 1.19 12.63
C GLY A 68 9.50 0.75 11.29
N ALA A 69 10.26 0.97 10.23
CA ALA A 69 9.84 0.59 8.89
C ALA A 69 9.68 -0.92 8.77
N LEU A 70 10.77 -1.64 8.99
CA LEU A 70 10.74 -3.10 8.91
C LEU A 70 9.77 -3.70 9.91
N GLU A 71 9.69 -3.10 11.10
CA GLU A 71 8.81 -3.57 12.14
C GLU A 71 7.34 -3.34 11.77
N ALA A 72 7.05 -2.13 11.30
CA ALA A 72 5.68 -1.78 10.91
C ALA A 72 5.22 -2.62 9.72
N THR A 73 6.09 -2.79 8.74
CA THR A 73 5.77 -3.56 7.55
C THR A 73 5.60 -5.04 7.88
N ALA A 74 6.57 -5.59 8.61
CA ALA A 74 6.53 -6.99 9.00
C ALA A 74 5.29 -7.31 9.83
N TRP A 75 4.99 -6.43 10.78
CA TRP A 75 3.84 -6.62 11.66
C TRP A 75 2.54 -6.52 10.88
N ALA A 76 2.40 -5.45 10.09
CA ALA A 76 1.20 -5.23 9.30
C ALA A 76 1.02 -6.33 8.25
N LEU A 77 2.11 -6.74 7.63
CA LEU A 77 2.06 -7.79 6.61
C LEU A 77 1.62 -9.12 7.21
N LYS A 78 2.16 -9.44 8.38
CA LYS A 78 1.82 -10.69 9.05
C LYS A 78 0.38 -10.69 9.55
N VAL A 79 -0.01 -9.61 10.23
CA VAL A 79 -1.37 -9.49 10.76
C VAL A 79 -2.38 -9.34 9.64
N ALA A 80 -2.05 -8.51 8.65
CA ALA A 80 -2.95 -8.29 7.52
C ALA A 80 -3.29 -9.62 6.85
N GLU A 81 -2.27 -10.46 6.66
CA GLU A 81 -2.46 -11.76 6.06
C GLU A 81 -3.23 -12.68 7.00
N ASN A 82 -2.95 -12.56 8.30
CA ASN A 82 -3.61 -13.38 9.30
C ASN A 82 -5.08 -12.99 9.46
N GLU A 83 -5.35 -11.69 9.46
CA GLU A 83 -6.71 -11.19 9.63
C GLU A 83 -7.50 -11.22 8.32
N LEU A 84 -6.86 -10.84 7.22
CA LEU A 84 -7.53 -10.81 5.92
C LEU A 84 -7.30 -12.10 5.13
N GLY A 85 -6.06 -12.61 5.18
CA GLY A 85 -5.75 -13.83 4.44
C GLY A 85 -4.96 -13.55 3.17
N ILE A 86 -4.37 -12.36 3.08
CA ILE A 86 -3.59 -11.98 1.91
C ILE A 86 -2.10 -12.25 2.14
N THR A 87 -1.56 -13.21 1.40
CA THR A 87 -0.15 -13.58 1.52
C THR A 87 0.74 -12.52 0.88
N PRO A 88 1.82 -12.11 1.57
CA PRO A 88 2.75 -11.10 1.05
C PRO A 88 3.31 -11.48 -0.32
N VAL A 89 3.57 -10.46 -1.15
CA VAL A 89 4.11 -10.69 -2.48
C VAL A 89 5.47 -10.04 -2.65
N VAL A 90 5.83 -9.14 -1.74
CA VAL A 90 7.12 -8.46 -1.81
C VAL A 90 7.73 -8.32 -0.42
N SER A 91 9.05 -8.13 -0.36
CA SER A 91 9.76 -7.98 0.90
C SER A 91 9.56 -6.59 1.48
N ALA A 92 9.58 -6.49 2.80
CA ALA A 92 9.41 -5.21 3.48
C ALA A 92 10.53 -4.24 3.13
N GLN A 93 11.76 -4.75 3.12
CA GLN A 93 12.93 -3.93 2.80
C GLN A 93 12.80 -3.32 1.41
N ALA A 94 12.22 -4.08 0.49
CA ALA A 94 12.05 -3.61 -0.88
C ALA A 94 11.05 -2.46 -0.93
N VAL A 95 9.93 -2.62 -0.23
CA VAL A 95 8.90 -1.59 -0.20
C VAL A 95 9.42 -0.29 0.39
N VAL A 96 10.05 -0.39 1.57
CA VAL A 96 10.59 0.77 2.25
C VAL A 96 11.70 1.42 1.43
N ALA A 97 12.46 0.59 0.72
CA ALA A 97 13.56 1.08 -0.10
C ALA A 97 13.07 1.53 -1.47
N GLY A 98 11.83 1.16 -1.82
CA GLY A 98 11.28 1.54 -3.11
C GLY A 98 12.12 1.04 -4.27
N SER A 99 12.82 -0.08 -4.05
CA SER A 99 13.66 -0.66 -5.09
C SER A 99 12.98 -1.86 -5.73
N ASP A 100 11.66 -1.83 -5.78
CA ASP A 100 10.88 -2.92 -6.37
C ASP A 100 9.49 -2.44 -6.77
N PRO A 101 9.41 -1.50 -7.72
CA PRO A 101 8.13 -0.97 -8.20
C PRO A 101 7.16 -2.06 -8.63
N LEU A 102 7.68 -3.05 -9.34
CA LEU A 102 6.87 -4.16 -9.83
C LEU A 102 6.20 -4.88 -8.66
N GLY A 103 6.89 -4.99 -7.54
CA GLY A 103 6.35 -5.65 -6.37
C GLY A 103 5.23 -4.86 -5.73
N LEU A 104 5.40 -3.55 -5.66
CA LEU A 104 4.39 -2.68 -5.07
C LEU A 104 3.06 -2.79 -5.79
N ILE A 105 3.12 -2.85 -7.12
CA ILE A 105 1.92 -2.97 -7.94
C ILE A 105 1.25 -4.32 -7.73
N ALA A 106 2.06 -5.37 -7.66
CA ALA A 106 1.54 -6.72 -7.47
C ALA A 106 0.77 -6.84 -6.16
N TYR A 107 1.34 -6.28 -5.09
CA TYR A 107 0.72 -6.31 -3.78
C TYR A 107 -0.54 -5.45 -3.75
N LEU A 108 -0.43 -4.23 -4.30
CA LEU A 108 -1.55 -3.31 -4.34
C LEU A 108 -2.73 -3.91 -5.09
N SER A 109 -2.44 -4.63 -6.17
CA SER A 109 -3.47 -5.26 -6.97
C SER A 109 -4.29 -6.25 -6.14
N HIS A 110 -3.60 -6.95 -5.23
CA HIS A 110 -4.27 -7.93 -4.38
C HIS A 110 -5.10 -7.24 -3.30
N PHE A 111 -4.57 -6.15 -2.75
CA PHE A 111 -5.27 -5.40 -1.71
C PHE A 111 -6.53 -4.74 -2.27
N HIS A 112 -6.40 -4.18 -3.48
CA HIS A 112 -7.53 -3.51 -4.12
C HIS A 112 -8.63 -4.50 -4.46
N SER A 113 -8.23 -5.68 -4.96
CA SER A 113 -9.19 -6.72 -5.32
C SER A 113 -10.02 -7.15 -4.12
N ALA A 114 -9.35 -7.34 -2.98
CA ALA A 114 -10.03 -7.76 -1.77
C ALA A 114 -10.84 -6.60 -1.17
N PHE A 115 -10.24 -5.42 -1.13
CA PHE A 115 -10.90 -4.24 -0.59
C PHE A 115 -12.11 -3.84 -1.44
N LYS A 116 -12.08 -4.24 -2.71
CA LYS A 116 -13.17 -3.91 -3.63
C LYS A 116 -14.51 -4.41 -3.09
N SER A 117 -14.50 -5.58 -2.47
CA SER A 117 -15.71 -6.16 -1.91
C SER A 117 -16.29 -5.26 -0.81
N MET A 118 -15.44 -4.87 0.12
CA MET A 118 -15.86 -4.01 1.22
C MET A 118 -15.85 -2.53 0.80
N MET A 1 3.06 16.83 -43.87
CA MET A 1 1.98 17.64 -43.25
C MET A 1 1.37 16.92 -42.04
N GLY A 2 1.86 17.27 -40.85
CA GLY A 2 1.36 16.64 -39.64
C GLY A 2 1.23 17.62 -38.50
N HIS A 3 0.12 17.53 -37.77
CA HIS A 3 -0.12 18.42 -36.63
C HIS A 3 -0.09 17.65 -35.32
N HIS A 4 0.61 18.21 -34.33
CA HIS A 4 0.71 17.57 -33.02
C HIS A 4 1.42 16.22 -33.12
N HIS A 5 0.67 15.19 -33.52
CA HIS A 5 1.23 13.85 -33.67
C HIS A 5 1.82 13.36 -32.34
N HIS A 6 2.51 12.24 -32.39
CA HIS A 6 3.12 11.67 -31.19
C HIS A 6 2.08 11.34 -30.14
N HIS A 7 2.46 10.55 -29.15
CA HIS A 7 1.55 10.17 -28.08
C HIS A 7 2.30 9.52 -26.92
N HIS A 8 2.11 10.06 -25.73
CA HIS A 8 2.77 9.54 -24.53
C HIS A 8 1.80 9.46 -23.36
N MET A 9 1.32 8.25 -23.09
CA MET A 9 0.37 8.02 -21.99
C MET A 9 0.06 6.55 -21.83
N GLY A 10 0.81 5.88 -20.97
CA GLY A 10 0.61 4.46 -20.74
C GLY A 10 0.97 4.04 -19.33
N SER A 11 2.23 4.23 -18.97
CA SER A 11 2.70 3.87 -17.63
C SER A 11 2.63 5.06 -16.68
N ALA A 12 1.86 6.08 -17.06
CA ALA A 12 1.71 7.28 -16.24
C ALA A 12 0.26 7.48 -15.81
N GLY A 13 -0.67 7.13 -16.70
CA GLY A 13 -2.08 7.28 -16.39
C GLY A 13 -2.62 6.12 -15.58
N THR A 14 -2.01 4.95 -15.74
CA THR A 14 -2.45 3.76 -15.02
C THR A 14 -2.01 3.81 -13.57
N GLN A 15 -0.75 4.12 -13.35
CA GLN A 15 -0.19 4.20 -12.00
C GLN A 15 -0.85 5.31 -11.20
N GLU A 16 -1.24 6.38 -11.89
CA GLU A 16 -1.88 7.52 -11.24
C GLU A 16 -3.21 7.13 -10.61
N GLU A 17 -4.03 6.40 -11.37
CA GLU A 17 -5.34 5.97 -10.87
C GLU A 17 -5.19 5.03 -9.68
N LEU A 18 -4.11 4.26 -9.66
CA LEU A 18 -3.85 3.32 -8.58
C LEU A 18 -3.49 4.06 -7.29
N LEU A 19 -2.56 5.01 -7.40
CA LEU A 19 -2.12 5.79 -6.26
C LEU A 19 -3.27 6.63 -5.70
N ARG A 20 -4.07 7.19 -6.60
CA ARG A 20 -5.20 8.02 -6.21
C ARG A 20 -6.18 7.24 -5.35
N TRP A 21 -6.48 6.01 -5.76
CA TRP A 21 -7.41 5.15 -5.03
C TRP A 21 -6.84 4.80 -3.65
N CYS A 22 -5.55 4.47 -3.61
CA CYS A 22 -4.90 4.12 -2.35
C CYS A 22 -4.98 5.27 -1.35
N GLN A 23 -4.70 6.48 -1.82
CA GLN A 23 -4.73 7.66 -0.97
C GLN A 23 -6.13 7.88 -0.41
N GLU A 24 -7.14 7.57 -1.21
CA GLU A 24 -8.53 7.74 -0.78
C GLU A 24 -8.87 6.79 0.35
N GLN A 25 -8.46 5.53 0.21
CA GLN A 25 -8.72 4.52 1.23
C GLN A 25 -7.91 4.79 2.49
N THR A 26 -6.72 5.39 2.30
CA THR A 26 -5.85 5.71 3.43
C THR A 26 -6.04 7.15 3.90
N ALA A 27 -7.04 7.83 3.36
CA ALA A 27 -7.31 9.21 3.72
C ALA A 27 -8.13 9.28 5.01
N GLY A 28 -7.61 10.02 5.99
CA GLY A 28 -8.31 10.15 7.26
C GLY A 28 -7.35 10.29 8.43
N TYR A 29 -6.15 9.74 8.30
CA TYR A 29 -5.15 9.82 9.36
C TYR A 29 -4.30 11.08 9.20
N PRO A 30 -4.27 11.95 10.23
CA PRO A 30 -3.50 13.20 10.19
C PRO A 30 -2.00 12.94 10.08
N GLY A 31 -1.38 13.48 9.03
CA GLY A 31 0.04 13.29 8.83
C GLY A 31 0.34 12.35 7.68
N VAL A 32 -0.59 11.45 7.41
CA VAL A 32 -0.42 10.49 6.33
C VAL A 32 -0.71 11.12 4.98
N HIS A 33 0.28 11.11 4.10
CA HIS A 33 0.14 11.68 2.76
C HIS A 33 0.50 10.65 1.70
N VAL A 34 -0.36 9.66 1.53
CA VAL A 34 -0.12 8.61 0.54
C VAL A 34 -0.10 9.16 -0.88
N SER A 35 1.09 9.52 -1.35
CA SER A 35 1.24 10.06 -2.71
C SER A 35 2.62 9.70 -3.28
N ASP A 36 3.23 8.67 -2.72
CA ASP A 36 4.55 8.23 -3.18
C ASP A 36 4.62 6.70 -3.24
N LEU A 37 5.27 6.18 -4.27
CA LEU A 37 5.39 4.73 -4.43
C LEU A 37 6.72 4.24 -3.88
N SER A 38 7.16 4.82 -2.76
CA SER A 38 8.42 4.43 -2.14
C SER A 38 8.54 4.99 -0.73
N SER A 39 8.85 6.28 -0.64
CA SER A 39 9.00 6.94 0.66
C SER A 39 7.74 6.79 1.51
N SER A 40 6.59 7.00 0.90
CA SER A 40 5.31 6.90 1.59
C SER A 40 5.16 5.54 2.28
N TRP A 41 5.80 4.52 1.71
CA TRP A 41 5.72 3.18 2.27
C TRP A 41 6.90 2.90 3.20
N ALA A 42 7.78 3.88 3.38
CA ALA A 42 8.95 3.73 4.24
C ALA A 42 8.55 3.22 5.63
N ASP A 43 7.78 4.02 6.36
CA ASP A 43 7.33 3.64 7.70
C ASP A 43 6.14 2.68 7.64
N GLY A 44 5.67 2.39 6.42
CA GLY A 44 4.55 1.49 6.27
C GLY A 44 3.23 2.10 6.72
N LEU A 45 3.08 3.40 6.50
CA LEU A 45 1.87 4.10 6.89
C LEU A 45 0.67 3.67 6.05
N ALA A 46 0.88 3.62 4.74
CA ALA A 46 -0.19 3.23 3.81
C ALA A 46 -0.70 1.82 4.11
N LEU A 47 0.23 0.89 4.30
CA LEU A 47 -0.13 -0.50 4.59
C LEU A 47 -0.87 -0.61 5.91
N CYS A 48 -0.34 0.04 6.94
CA CYS A 48 -0.94 0.01 8.27
C CYS A 48 -2.31 0.67 8.27
N ALA A 49 -2.41 1.83 7.64
CA ALA A 49 -3.67 2.57 7.57
C ALA A 49 -4.77 1.73 6.96
N LEU A 50 -4.47 1.08 5.83
CA LEU A 50 -5.44 0.24 5.15
C LEU A 50 -5.94 -0.89 6.05
N VAL A 51 -4.99 -1.63 6.63
CA VAL A 51 -5.33 -2.74 7.50
C VAL A 51 -6.18 -2.28 8.68
N TYR A 52 -5.84 -1.11 9.23
CA TYR A 52 -6.57 -0.55 10.36
C TYR A 52 -8.04 -0.36 10.04
N ARG A 53 -8.32 0.19 8.86
CA ARG A 53 -9.70 0.43 8.43
C ARG A 53 -10.46 -0.89 8.30
N LEU A 54 -9.76 -1.92 7.84
CA LEU A 54 -10.38 -3.24 7.66
C LEU A 54 -10.52 -3.96 9.01
N GLN A 55 -9.49 -3.84 9.84
CA GLN A 55 -9.51 -4.48 11.16
C GLN A 55 -8.96 -3.54 12.23
N PRO A 56 -9.71 -2.47 12.54
CA PRO A 56 -9.29 -1.49 13.56
C PRO A 56 -9.30 -2.08 14.97
N GLY A 57 -10.11 -3.10 15.18
CA GLY A 57 -10.19 -3.74 16.48
C GLY A 57 -9.08 -4.75 16.70
N LEU A 58 -8.28 -4.99 15.67
CA LEU A 58 -7.17 -5.95 15.77
C LEU A 58 -5.91 -5.41 15.13
N LEU A 59 -5.73 -4.09 15.19
CA LEU A 59 -4.55 -3.45 14.62
C LEU A 59 -4.06 -2.30 15.49
N GLU A 60 -2.82 -1.90 15.29
CA GLU A 60 -2.22 -0.80 16.05
C GLU A 60 -1.23 -0.03 15.17
N PRO A 61 -1.73 0.62 14.11
CA PRO A 61 -0.89 1.39 13.18
C PRO A 61 -0.08 2.47 13.88
N SER A 62 -0.74 3.27 14.71
CA SER A 62 -0.06 4.34 15.44
C SER A 62 1.13 3.81 16.22
N GLU A 63 1.05 2.56 16.65
CA GLU A 63 2.13 1.93 17.41
C GLU A 63 3.34 1.66 16.53
N LEU A 64 3.10 1.01 15.38
CA LEU A 64 4.17 0.66 14.46
C LEU A 64 4.50 1.82 13.51
N GLN A 65 3.67 2.85 13.52
CA GLN A 65 3.86 4.00 12.65
C GLN A 65 5.19 4.70 12.91
N GLY A 66 5.59 4.76 14.17
CA GLY A 66 6.85 5.41 14.51
C GLY A 66 7.86 4.45 15.11
N LEU A 67 7.37 3.39 15.75
CA LEU A 67 8.24 2.41 16.38
C LEU A 67 9.33 1.94 15.42
N GLY A 68 8.99 1.84 14.14
CA GLY A 68 9.95 1.40 13.15
C GLY A 68 9.33 1.15 11.79
N ALA A 69 10.11 1.35 10.74
CA ALA A 69 9.63 1.15 9.37
C ALA A 69 9.58 -0.33 9.02
N LEU A 70 10.73 -1.00 9.13
CA LEU A 70 10.82 -2.42 8.83
C LEU A 70 9.87 -3.23 9.71
N GLU A 71 9.75 -2.81 10.97
CA GLU A 71 8.88 -3.50 11.91
C GLU A 71 7.42 -3.32 11.52
N ALA A 72 7.07 -2.11 11.11
CA ALA A 72 5.69 -1.81 10.71
C ALA A 72 5.29 -2.61 9.48
N THR A 73 6.20 -2.70 8.52
CA THR A 73 5.94 -3.44 7.29
C THR A 73 5.81 -4.94 7.57
N ALA A 74 6.79 -5.49 8.29
CA ALA A 74 6.79 -6.90 8.63
C ALA A 74 5.60 -7.24 9.52
N TRP A 75 5.34 -6.40 10.51
CA TRP A 75 4.22 -6.61 11.43
C TRP A 75 2.89 -6.48 10.70
N ALA A 76 2.80 -5.49 9.82
CA ALA A 76 1.58 -5.25 9.06
C ALA A 76 1.31 -6.38 8.07
N LEU A 77 2.37 -6.89 7.46
CA LEU A 77 2.26 -7.97 6.49
C LEU A 77 1.77 -9.25 7.16
N LYS A 78 2.32 -9.56 8.32
CA LYS A 78 1.94 -10.75 9.06
C LYS A 78 0.52 -10.64 9.59
N VAL A 79 0.21 -9.52 10.23
CA VAL A 79 -1.13 -9.29 10.77
C VAL A 79 -2.16 -9.15 9.66
N ALA A 80 -1.80 -8.44 8.60
CA ALA A 80 -2.70 -8.25 7.47
C ALA A 80 -3.18 -9.59 6.93
N GLU A 81 -2.24 -10.52 6.79
CA GLU A 81 -2.55 -11.85 6.29
C GLU A 81 -3.35 -12.63 7.34
N ASN A 82 -3.02 -12.43 8.60
CA ASN A 82 -3.70 -13.11 9.69
C ASN A 82 -5.13 -12.60 9.86
N GLU A 83 -5.30 -11.29 9.75
CA GLU A 83 -6.62 -10.66 9.89
C GLU A 83 -7.44 -10.76 8.61
N LEU A 84 -6.81 -10.54 7.47
CA LEU A 84 -7.52 -10.58 6.20
C LEU A 84 -7.30 -11.89 5.44
N GLY A 85 -6.05 -12.36 5.41
CA GLY A 85 -5.75 -13.59 4.71
C GLY A 85 -4.95 -13.37 3.44
N ILE A 86 -4.37 -12.17 3.31
CA ILE A 86 -3.57 -11.84 2.13
C ILE A 86 -2.12 -12.29 2.31
N THR A 87 -1.70 -13.24 1.48
CA THR A 87 -0.34 -13.76 1.54
C THR A 87 0.66 -12.76 0.98
N PRO A 88 1.75 -12.46 1.73
CA PRO A 88 2.77 -11.50 1.29
C PRO A 88 3.35 -11.87 -0.07
N VAL A 89 3.55 -10.85 -0.91
CA VAL A 89 4.11 -11.07 -2.24
C VAL A 89 5.46 -10.38 -2.40
N VAL A 90 5.74 -9.40 -1.54
CA VAL A 90 6.99 -8.66 -1.60
C VAL A 90 7.63 -8.57 -0.21
N SER A 91 8.94 -8.31 -0.18
CA SER A 91 9.67 -8.21 1.08
C SER A 91 9.54 -6.80 1.66
N ALA A 92 9.75 -6.68 2.96
CA ALA A 92 9.66 -5.39 3.64
C ALA A 92 10.75 -4.43 3.15
N GLN A 93 11.97 -4.95 3.02
CA GLN A 93 13.09 -4.15 2.56
C GLN A 93 12.79 -3.49 1.23
N ALA A 94 12.26 -4.27 0.29
CA ALA A 94 11.92 -3.76 -1.03
C ALA A 94 10.86 -2.68 -0.95
N VAL A 95 9.89 -2.87 -0.06
CA VAL A 95 8.81 -1.91 0.11
C VAL A 95 9.32 -0.61 0.73
N VAL A 96 10.04 -0.73 1.84
CA VAL A 96 10.59 0.43 2.53
C VAL A 96 11.57 1.18 1.64
N ALA A 97 12.32 0.44 0.82
CA ALA A 97 13.30 1.04 -0.07
C ALA A 97 12.66 1.51 -1.37
N GLY A 98 11.43 1.07 -1.62
CA GLY A 98 10.74 1.45 -2.84
C GLY A 98 11.51 1.09 -4.09
N SER A 99 12.24 -0.02 -4.03
CA SER A 99 13.03 -0.48 -5.16
C SER A 99 12.34 -1.63 -5.89
N ASP A 100 11.02 -1.55 -5.99
CA ASP A 100 10.25 -2.60 -6.66
C ASP A 100 8.84 -2.09 -7.00
N PRO A 101 8.73 -1.23 -8.02
CA PRO A 101 7.43 -0.68 -8.45
C PRO A 101 6.47 -1.76 -8.92
N LEU A 102 6.98 -2.72 -9.70
CA LEU A 102 6.16 -3.81 -10.21
C LEU A 102 5.54 -4.60 -9.07
N GLY A 103 6.33 -4.86 -8.03
CA GLY A 103 5.84 -5.60 -6.90
C GLY A 103 4.84 -4.82 -6.07
N LEU A 104 5.11 -3.53 -5.88
CA LEU A 104 4.22 -2.66 -5.11
C LEU A 104 2.83 -2.62 -5.73
N ILE A 105 2.76 -2.53 -7.05
CA ILE A 105 1.49 -2.48 -7.76
C ILE A 105 0.76 -3.81 -7.64
N ALA A 106 1.50 -4.91 -7.76
CA ALA A 106 0.91 -6.25 -7.66
C ALA A 106 0.20 -6.44 -6.33
N TYR A 107 0.85 -6.03 -5.24
CA TYR A 107 0.27 -6.15 -3.91
C TYR A 107 -0.96 -5.27 -3.77
N LEU A 108 -0.89 -4.05 -4.30
CA LEU A 108 -2.00 -3.12 -4.24
C LEU A 108 -3.24 -3.70 -4.90
N SER A 109 -3.03 -4.50 -5.94
CA SER A 109 -4.13 -5.12 -6.66
C SER A 109 -4.94 -6.04 -5.74
N HIS A 110 -4.22 -6.86 -4.97
CA HIS A 110 -4.86 -7.79 -4.05
C HIS A 110 -5.67 -7.04 -2.99
N PHE A 111 -5.06 -5.99 -2.43
CA PHE A 111 -5.72 -5.19 -1.41
C PHE A 111 -6.91 -4.44 -1.99
N HIS A 112 -6.71 -3.83 -3.15
CA HIS A 112 -7.77 -3.08 -3.82
C HIS A 112 -8.92 -4.00 -4.22
N SER A 113 -8.59 -5.08 -4.91
CA SER A 113 -9.60 -6.05 -5.35
C SER A 113 -10.33 -6.66 -4.17
N ALA A 114 -9.64 -6.76 -3.03
CA ALA A 114 -10.23 -7.34 -1.82
C ALA A 114 -11.14 -6.34 -1.13
N PHE A 115 -10.75 -5.07 -1.13
CA PHE A 115 -11.54 -4.02 -0.49
C PHE A 115 -12.68 -3.57 -1.39
N LYS A 116 -12.43 -3.54 -2.70
CA LYS A 116 -13.45 -3.12 -3.66
C LYS A 116 -14.68 -4.01 -3.57
N SER A 117 -14.46 -5.30 -3.31
CA SER A 117 -15.56 -6.26 -3.20
C SER A 117 -16.44 -5.93 -2.01
N MET A 118 -15.84 -5.36 -0.96
CA MET A 118 -16.57 -5.00 0.24
C MET A 118 -17.32 -3.69 0.05
N MET A 1 1.71 -14.27 -18.36
CA MET A 1 0.57 -14.84 -19.13
C MET A 1 0.18 -13.92 -20.29
N GLY A 2 -0.02 -12.65 -19.98
CA GLY A 2 -0.41 -11.69 -21.00
C GLY A 2 -1.53 -10.78 -20.54
N HIS A 3 -2.04 -9.97 -21.47
CA HIS A 3 -3.13 -9.05 -21.17
C HIS A 3 -3.87 -8.64 -22.44
N HIS A 4 -5.07 -9.20 -22.62
CA HIS A 4 -5.87 -8.88 -23.79
C HIS A 4 -6.22 -7.40 -23.84
N HIS A 5 -6.61 -6.93 -25.02
CA HIS A 5 -6.97 -5.53 -25.20
C HIS A 5 -5.79 -4.61 -24.87
N HIS A 6 -6.06 -3.31 -24.82
CA HIS A 6 -5.02 -2.33 -24.51
C HIS A 6 -3.94 -2.33 -25.58
N HIS A 7 -3.46 -1.14 -25.93
CA HIS A 7 -2.42 -1.00 -26.95
C HIS A 7 -1.37 0.02 -26.51
N HIS A 8 -1.80 1.27 -26.37
CA HIS A 8 -0.89 2.34 -25.96
C HIS A 8 -1.47 3.11 -24.77
N MET A 9 -0.60 3.85 -24.08
CA MET A 9 -1.02 4.64 -22.93
C MET A 9 -1.61 3.73 -21.85
N GLY A 10 -0.77 3.35 -20.89
CA GLY A 10 -1.22 2.49 -19.81
C GLY A 10 -0.19 2.37 -18.70
N SER A 11 0.53 3.46 -18.44
CA SER A 11 1.55 3.47 -17.41
C SER A 11 1.42 4.71 -16.53
N ALA A 12 1.27 5.87 -17.17
CA ALA A 12 1.13 7.13 -16.45
C ALA A 12 -0.32 7.43 -16.14
N GLY A 13 -1.22 6.97 -17.00
CA GLY A 13 -2.64 7.20 -16.79
C GLY A 13 -3.26 6.19 -15.84
N THR A 14 -2.67 5.00 -15.79
CA THR A 14 -3.17 3.94 -14.91
C THR A 14 -2.62 4.10 -13.49
N GLN A 15 -1.34 4.39 -13.39
CA GLN A 15 -0.68 4.57 -12.10
C GLN A 15 -1.25 5.76 -11.36
N GLU A 16 -1.67 6.78 -12.10
CA GLU A 16 -2.24 7.98 -11.51
C GLU A 16 -3.53 7.67 -10.75
N GLU A 17 -4.41 6.91 -11.39
CA GLU A 17 -5.68 6.54 -10.77
C GLU A 17 -5.46 5.64 -9.57
N LEU A 18 -4.41 4.82 -9.63
CA LEU A 18 -4.09 3.91 -8.53
C LEU A 18 -3.69 4.67 -7.27
N LEU A 19 -2.78 5.64 -7.44
CA LEU A 19 -2.31 6.44 -6.32
C LEU A 19 -3.46 7.23 -5.69
N ARG A 20 -4.39 7.67 -6.53
CA ARG A 20 -5.54 8.43 -6.06
C ARG A 20 -6.42 7.60 -5.15
N TRP A 21 -6.60 6.33 -5.51
CA TRP A 21 -7.42 5.42 -4.71
C TRP A 21 -6.77 5.12 -3.37
N CYS A 22 -5.46 4.90 -3.40
CA CYS A 22 -4.72 4.58 -2.18
C CYS A 22 -4.76 5.75 -1.20
N GLN A 23 -4.56 6.96 -1.71
CA GLN A 23 -4.58 8.16 -0.88
C GLN A 23 -5.95 8.36 -0.24
N GLU A 24 -7.00 8.11 -1.02
CA GLU A 24 -8.37 8.26 -0.53
C GLU A 24 -8.67 7.24 0.56
N GLN A 25 -8.29 5.98 0.31
CA GLN A 25 -8.52 4.91 1.27
C GLN A 25 -7.68 5.11 2.52
N THR A 26 -6.52 5.76 2.36
CA THR A 26 -5.63 6.01 3.49
C THR A 26 -5.97 7.33 4.18
N ALA A 27 -7.08 7.95 3.79
CA ALA A 27 -7.51 9.20 4.38
C ALA A 27 -8.22 8.97 5.71
N GLY A 28 -7.80 9.70 6.74
CA GLY A 28 -8.41 9.55 8.05
C GLY A 28 -7.42 9.77 9.19
N TYR A 29 -6.14 9.53 8.90
CA TYR A 29 -5.10 9.69 9.90
C TYR A 29 -4.55 11.12 9.89
N PRO A 30 -4.64 11.84 11.03
CA PRO A 30 -4.15 13.23 11.13
C PRO A 30 -2.63 13.32 11.01
N GLY A 31 -2.11 12.93 9.86
CA GLY A 31 -0.67 12.99 9.64
C GLY A 31 -0.19 11.90 8.69
N VAL A 32 -0.98 11.63 7.67
CA VAL A 32 -0.62 10.61 6.68
C VAL A 32 -0.54 11.21 5.28
N HIS A 33 0.62 11.10 4.66
CA HIS A 33 0.83 11.62 3.32
C HIS A 33 1.00 10.47 2.32
N VAL A 34 -0.01 10.26 1.48
CA VAL A 34 0.04 9.19 0.50
C VAL A 34 0.07 9.74 -0.92
N SER A 35 1.29 9.95 -1.43
CA SER A 35 1.46 10.48 -2.78
C SER A 35 2.75 9.97 -3.40
N ASP A 36 3.29 8.87 -2.87
CA ASP A 36 4.51 8.28 -3.36
C ASP A 36 4.40 6.76 -3.41
N LEU A 37 4.97 6.15 -4.44
CA LEU A 37 4.93 4.70 -4.60
C LEU A 37 6.20 4.06 -4.03
N SER A 38 6.69 4.61 -2.93
CA SER A 38 7.89 4.08 -2.29
C SER A 38 8.07 4.68 -0.90
N SER A 39 8.53 5.92 -0.84
CA SER A 39 8.76 6.61 0.43
C SER A 39 7.47 6.69 1.25
N SER A 40 6.33 6.56 0.58
CA SER A 40 5.04 6.61 1.26
C SER A 40 4.84 5.40 2.15
N TRP A 41 5.52 4.31 1.83
CA TRP A 41 5.41 3.08 2.62
C TRP A 41 6.67 2.83 3.44
N ALA A 42 7.50 3.87 3.61
CA ALA A 42 8.73 3.74 4.37
C ALA A 42 8.46 3.22 5.78
N ASP A 43 7.66 3.97 6.53
CA ASP A 43 7.32 3.58 7.90
C ASP A 43 6.10 2.65 7.92
N GLY A 44 5.64 2.24 6.74
CA GLY A 44 4.49 1.35 6.66
C GLY A 44 3.19 2.06 6.97
N LEU A 45 3.13 3.36 6.69
CA LEU A 45 1.94 4.15 6.96
C LEU A 45 0.80 3.75 6.02
N ALA A 46 1.13 3.60 4.74
CA ALA A 46 0.13 3.24 3.73
C ALA A 46 -0.37 1.80 3.93
N LEU A 47 0.55 0.88 4.12
CA LEU A 47 0.20 -0.53 4.31
C LEU A 47 -0.67 -0.73 5.54
N CYS A 48 -0.26 -0.12 6.66
CA CYS A 48 -1.00 -0.24 7.90
C CYS A 48 -2.30 0.56 7.83
N ALA A 49 -2.25 1.72 7.20
CA ALA A 49 -3.43 2.58 7.05
C ALA A 49 -4.55 1.83 6.34
N LEU A 50 -4.18 1.04 5.34
CA LEU A 50 -5.14 0.26 4.58
C LEU A 50 -5.73 -0.86 5.42
N VAL A 51 -4.85 -1.65 6.05
CA VAL A 51 -5.28 -2.75 6.89
C VAL A 51 -6.15 -2.26 8.03
N TYR A 52 -5.73 -1.17 8.67
CA TYR A 52 -6.48 -0.60 9.77
C TYR A 52 -7.89 -0.21 9.35
N ARG A 53 -8.01 0.31 8.12
CA ARG A 53 -9.31 0.72 7.59
C ARG A 53 -10.25 -0.48 7.48
N LEU A 54 -9.71 -1.61 7.03
CA LEU A 54 -10.51 -2.82 6.88
C LEU A 54 -10.78 -3.46 8.25
N GLN A 55 -9.78 -3.40 9.13
CA GLN A 55 -9.91 -3.98 10.46
C GLN A 55 -9.25 -3.09 11.50
N PRO A 56 -9.92 -1.99 11.89
CA PRO A 56 -9.39 -1.05 12.89
C PRO A 56 -9.34 -1.65 14.29
N GLY A 57 -10.06 -2.76 14.48
CA GLY A 57 -10.08 -3.40 15.77
C GLY A 57 -8.96 -4.42 15.94
N LEU A 58 -8.39 -4.86 14.83
CA LEU A 58 -7.31 -5.84 14.86
C LEU A 58 -6.02 -5.26 14.30
N LEU A 59 -5.86 -3.94 14.40
CA LEU A 59 -4.68 -3.26 13.90
C LEU A 59 -4.27 -2.12 14.82
N GLU A 60 -3.05 -1.62 14.62
CA GLU A 60 -2.53 -0.53 15.44
C GLU A 60 -1.49 0.27 14.65
N PRO A 61 -1.91 0.92 13.55
CA PRO A 61 -1.02 1.72 12.71
C PRO A 61 -0.31 2.82 13.50
N SER A 62 -0.96 3.32 14.53
CA SER A 62 -0.39 4.38 15.35
C SER A 62 0.93 3.92 15.98
N GLU A 63 0.95 2.69 16.47
CA GLU A 63 2.14 2.14 17.10
C GLU A 63 3.23 1.85 16.06
N LEU A 64 2.86 1.14 15.00
CA LEU A 64 3.81 0.79 13.95
C LEU A 64 4.25 2.02 13.15
N GLN A 65 3.58 3.14 13.37
CA GLN A 65 3.89 4.38 12.67
C GLN A 65 5.29 4.87 13.02
N GLY A 66 5.67 4.77 14.27
CA GLY A 66 6.98 5.22 14.71
C GLY A 66 7.87 4.09 15.18
N LEU A 67 7.29 2.91 15.38
CA LEU A 67 8.06 1.76 15.83
C LEU A 67 9.20 1.46 14.88
N GLY A 68 9.03 1.81 13.61
CA GLY A 68 10.07 1.57 12.62
C GLY A 68 9.51 1.20 11.26
N ALA A 69 10.38 1.17 10.26
CA ALA A 69 9.99 0.84 8.90
C ALA A 69 9.80 -0.67 8.74
N LEU A 70 10.88 -1.42 8.92
CA LEU A 70 10.85 -2.87 8.79
C LEU A 70 9.85 -3.47 9.78
N GLU A 71 9.80 -2.89 10.98
CA GLU A 71 8.89 -3.36 12.01
C GLU A 71 7.44 -3.16 11.61
N ALA A 72 7.14 -1.97 11.09
CA ALA A 72 5.79 -1.65 10.65
C ALA A 72 5.36 -2.54 9.50
N THR A 73 6.26 -2.73 8.54
CA THR A 73 5.97 -3.57 7.38
C THR A 73 5.81 -5.03 7.78
N ALA A 74 6.78 -5.54 8.54
CA ALA A 74 6.74 -6.93 8.99
C ALA A 74 5.51 -7.20 9.86
N TRP A 75 5.22 -6.28 10.77
CA TRP A 75 4.08 -6.43 11.65
C TRP A 75 2.77 -6.33 10.87
N ALA A 76 2.65 -5.30 10.05
CA ALA A 76 1.46 -5.10 9.25
C ALA A 76 1.25 -6.25 8.27
N LEU A 77 2.35 -6.75 7.71
CA LEU A 77 2.28 -7.86 6.76
C LEU A 77 1.81 -9.13 7.45
N LYS A 78 2.28 -9.35 8.68
CA LYS A 78 1.90 -10.54 9.43
C LYS A 78 0.44 -10.47 9.87
N VAL A 79 0.05 -9.33 10.44
CA VAL A 79 -1.32 -9.15 10.90
C VAL A 79 -2.28 -9.07 9.73
N ALA A 80 -1.92 -8.29 8.71
CA ALA A 80 -2.76 -8.14 7.53
C ALA A 80 -3.05 -9.50 6.92
N GLU A 81 -2.02 -10.33 6.82
CA GLU A 81 -2.15 -11.68 6.28
C GLU A 81 -2.96 -12.55 7.24
N ASN A 82 -2.75 -12.35 8.53
CA ASN A 82 -3.44 -13.13 9.54
C ASN A 82 -4.93 -12.76 9.60
N GLU A 83 -5.22 -11.48 9.50
CA GLU A 83 -6.60 -11.00 9.55
C GLU A 83 -7.32 -11.16 8.21
N LEU A 84 -6.63 -10.84 7.12
CA LEU A 84 -7.22 -10.93 5.78
C LEU A 84 -6.99 -12.31 5.15
N GLY A 85 -5.84 -12.90 5.43
CA GLY A 85 -5.52 -14.20 4.86
C GLY A 85 -4.80 -14.10 3.54
N ILE A 86 -4.04 -13.01 3.37
CA ILE A 86 -3.29 -12.80 2.13
C ILE A 86 -1.79 -12.96 2.37
N THR A 87 -1.19 -13.89 1.63
CA THR A 87 0.25 -14.14 1.75
C THR A 87 1.06 -13.05 1.05
N PRO A 88 1.98 -12.39 1.78
CA PRO A 88 2.82 -11.33 1.20
C PRO A 88 3.57 -11.79 -0.04
N VAL A 89 3.66 -10.92 -1.04
CA VAL A 89 4.35 -11.24 -2.28
C VAL A 89 5.57 -10.34 -2.48
N VAL A 90 5.91 -9.55 -1.46
CA VAL A 90 7.06 -8.65 -1.54
C VAL A 90 7.70 -8.45 -0.16
N SER A 91 9.01 -8.30 -0.14
CA SER A 91 9.74 -8.11 1.10
C SER A 91 9.54 -6.69 1.64
N ALA A 92 9.56 -6.55 2.97
CA ALA A 92 9.38 -5.26 3.60
C ALA A 92 10.46 -4.27 3.16
N GLN A 93 11.70 -4.75 3.10
CA GLN A 93 12.83 -3.92 2.69
C GLN A 93 12.58 -3.29 1.32
N ALA A 94 12.07 -4.10 0.39
CA ALA A 94 11.79 -3.63 -0.96
C ALA A 94 10.72 -2.53 -0.94
N VAL A 95 9.71 -2.70 -0.09
CA VAL A 95 8.63 -1.73 0.02
C VAL A 95 9.15 -0.38 0.51
N VAL A 96 9.96 -0.41 1.57
CA VAL A 96 10.51 0.81 2.14
C VAL A 96 11.60 1.39 1.26
N ALA A 97 12.40 0.53 0.65
CA ALA A 97 13.49 0.97 -0.22
C ALA A 97 12.99 1.25 -1.63
N GLY A 98 11.78 0.80 -1.95
CA GLY A 98 11.23 1.01 -3.27
C GLY A 98 12.11 0.44 -4.36
N SER A 99 12.75 -0.70 -4.08
CA SER A 99 13.62 -1.35 -5.04
C SER A 99 12.83 -2.25 -5.99
N ASP A 100 11.67 -2.72 -5.53
CA ASP A 100 10.83 -3.58 -6.34
C ASP A 100 9.48 -2.94 -6.62
N PRO A 101 9.42 -2.02 -7.61
CA PRO A 101 8.19 -1.33 -7.98
C PRO A 101 7.08 -2.30 -8.38
N LEU A 102 7.45 -3.29 -9.18
CA LEU A 102 6.49 -4.29 -9.63
C LEU A 102 5.86 -5.03 -8.47
N GLY A 103 6.65 -5.27 -7.43
CA GLY A 103 6.15 -5.96 -6.25
C GLY A 103 5.13 -5.15 -5.49
N LEU A 104 5.39 -3.86 -5.35
CA LEU A 104 4.50 -2.96 -4.63
C LEU A 104 3.12 -2.91 -5.30
N ILE A 105 3.12 -2.82 -6.62
CA ILE A 105 1.88 -2.75 -7.39
C ILE A 105 1.13 -4.08 -7.31
N ALA A 106 1.86 -5.19 -7.40
CA ALA A 106 1.26 -6.52 -7.35
C ALA A 106 0.44 -6.70 -6.08
N TYR A 107 1.02 -6.31 -4.95
CA TYR A 107 0.33 -6.43 -3.66
C TYR A 107 -0.85 -5.47 -3.58
N LEU A 108 -0.66 -4.26 -4.08
CA LEU A 108 -1.70 -3.24 -4.06
C LEU A 108 -2.92 -3.68 -4.87
N SER A 109 -2.66 -4.45 -5.92
CA SER A 109 -3.74 -4.95 -6.78
C SER A 109 -4.63 -5.93 -6.02
N HIS A 110 -4.01 -6.76 -5.19
CA HIS A 110 -4.74 -7.75 -4.41
C HIS A 110 -5.60 -7.07 -3.33
N PHE A 111 -5.00 -6.10 -2.64
CA PHE A 111 -5.71 -5.39 -1.59
C PHE A 111 -6.92 -4.65 -2.15
N HIS A 112 -6.79 -4.15 -3.37
CA HIS A 112 -7.86 -3.41 -4.02
C HIS A 112 -9.09 -4.29 -4.21
N SER A 113 -8.86 -5.54 -4.62
CA SER A 113 -9.96 -6.49 -4.83
C SER A 113 -10.68 -6.79 -3.53
N ALA A 114 -9.92 -6.94 -2.45
CA ALA A 114 -10.49 -7.23 -1.14
C ALA A 114 -11.32 -6.06 -0.62
N PHE A 115 -10.83 -4.85 -0.85
CA PHE A 115 -11.52 -3.65 -0.40
C PHE A 115 -12.84 -3.48 -1.16
N LYS A 116 -12.84 -3.81 -2.44
CA LYS A 116 -14.03 -3.70 -3.26
C LYS A 116 -15.16 -4.56 -2.70
N SER A 117 -14.80 -5.66 -2.06
CA SER A 117 -15.78 -6.56 -1.47
C SER A 117 -15.94 -6.30 0.02
N MET A 118 -14.92 -6.67 0.79
CA MET A 118 -14.95 -6.49 2.24
C MET A 118 -15.09 -5.00 2.59
N MET A 1 16.69 -2.32 -41.25
CA MET A 1 15.24 -2.38 -40.94
C MET A 1 14.96 -3.30 -39.76
N GLY A 2 14.20 -2.80 -38.79
CA GLY A 2 13.88 -3.59 -37.61
C GLY A 2 12.51 -3.26 -37.06
N HIS A 3 12.33 -3.50 -35.77
CA HIS A 3 11.05 -3.23 -35.11
C HIS A 3 11.26 -2.45 -33.82
N HIS A 4 11.04 -1.13 -33.90
CA HIS A 4 11.20 -0.27 -32.73
C HIS A 4 10.11 -0.53 -31.70
N HIS A 5 10.27 0.04 -30.51
CA HIS A 5 9.30 -0.13 -29.44
C HIS A 5 9.19 1.14 -28.59
N HIS A 6 8.19 1.96 -28.90
CA HIS A 6 7.96 3.20 -28.17
C HIS A 6 6.83 3.06 -27.16
N HIS A 7 6.82 3.92 -26.15
CA HIS A 7 5.78 3.89 -25.13
C HIS A 7 5.76 5.18 -24.33
N HIS A 8 4.57 5.74 -24.14
CA HIS A 8 4.41 6.98 -23.40
C HIS A 8 3.38 6.82 -22.29
N MET A 9 2.12 6.62 -22.68
CA MET A 9 1.04 6.44 -21.71
C MET A 9 0.72 4.96 -21.52
N GLY A 10 0.44 4.59 -20.27
CA GLY A 10 0.12 3.20 -19.97
C GLY A 10 0.47 2.82 -18.55
N SER A 11 1.68 3.18 -18.12
CA SER A 11 2.14 2.87 -16.78
C SER A 11 1.88 4.05 -15.84
N ALA A 12 2.05 5.25 -16.34
CA ALA A 12 1.83 6.46 -15.55
C ALA A 12 0.35 6.73 -15.36
N GLY A 13 -0.45 6.37 -16.36
CA GLY A 13 -1.88 6.58 -16.29
C GLY A 13 -2.54 5.73 -15.22
N THR A 14 -2.09 4.49 -15.08
CA THR A 14 -2.63 3.58 -14.08
C THR A 14 -2.00 3.83 -12.71
N GLN A 15 -0.71 4.17 -12.72
CA GLN A 15 0.01 4.44 -11.49
C GLN A 15 -0.60 5.61 -10.73
N GLU A 16 -0.93 6.67 -11.47
CA GLU A 16 -1.53 7.86 -10.87
C GLU A 16 -2.87 7.53 -10.24
N GLU A 17 -3.69 6.77 -10.95
CA GLU A 17 -5.01 6.38 -10.46
C GLU A 17 -4.88 5.53 -9.20
N LEU A 18 -3.91 4.63 -9.19
CA LEU A 18 -3.69 3.76 -8.05
C LEU A 18 -3.39 4.57 -6.79
N LEU A 19 -2.60 5.63 -6.96
CA LEU A 19 -2.24 6.49 -5.83
C LEU A 19 -3.47 7.18 -5.28
N ARG A 20 -4.35 7.63 -6.17
CA ARG A 20 -5.58 8.31 -5.77
C ARG A 20 -6.44 7.40 -4.88
N TRP A 21 -6.51 6.12 -5.25
CA TRP A 21 -7.30 5.16 -4.49
C TRP A 21 -6.68 4.90 -3.13
N CYS A 22 -5.36 4.78 -3.09
CA CYS A 22 -4.64 4.53 -1.84
C CYS A 22 -4.82 5.69 -0.86
N GLN A 23 -4.66 6.91 -1.36
CA GLN A 23 -4.80 8.10 -0.53
C GLN A 23 -6.21 8.21 0.05
N GLU A 24 -7.20 7.79 -0.74
CA GLU A 24 -8.58 7.84 -0.30
C GLU A 24 -8.83 6.89 0.86
N GLN A 25 -8.31 5.67 0.74
CA GLN A 25 -8.47 4.66 1.78
C GLN A 25 -7.56 4.96 2.97
N THR A 26 -6.44 5.63 2.71
CA THR A 26 -5.49 5.98 3.75
C THR A 26 -5.83 7.33 4.39
N ALA A 27 -6.98 7.89 4.02
CA ALA A 27 -7.41 9.18 4.56
C ALA A 27 -8.04 9.01 5.94
N GLY A 28 -7.52 9.74 6.91
CA GLY A 28 -8.05 9.65 8.27
C GLY A 28 -6.97 9.77 9.32
N TYR A 29 -5.74 9.42 8.97
CA TYR A 29 -4.62 9.49 9.90
C TYR A 29 -3.92 10.85 9.81
N PRO A 30 -3.86 11.58 10.93
CA PRO A 30 -3.21 12.91 10.96
C PRO A 30 -1.73 12.84 10.59
N GLY A 31 -1.42 13.15 9.34
CA GLY A 31 -0.04 13.12 8.89
C GLY A 31 0.17 12.19 7.71
N VAL A 32 -0.86 11.42 7.36
CA VAL A 32 -0.77 10.49 6.24
C VAL A 32 -0.91 11.21 4.90
N HIS A 33 0.12 11.10 4.07
CA HIS A 33 0.12 11.73 2.75
C HIS A 33 0.56 10.74 1.68
N VAL A 34 -0.24 9.70 1.48
CA VAL A 34 0.05 8.68 0.49
C VAL A 34 -0.03 9.24 -0.93
N SER A 35 1.12 9.69 -1.45
CA SER A 35 1.16 10.24 -2.80
C SER A 35 2.51 9.95 -3.45
N ASP A 36 3.21 8.94 -2.93
CA ASP A 36 4.51 8.55 -3.47
C ASP A 36 4.63 7.03 -3.53
N LEU A 37 5.30 6.54 -4.57
CA LEU A 37 5.47 5.10 -4.74
C LEU A 37 6.83 4.65 -4.22
N SER A 38 7.26 5.25 -3.11
CA SER A 38 8.55 4.91 -2.50
C SER A 38 8.61 5.34 -1.05
N SER A 39 8.80 6.64 -0.83
CA SER A 39 8.89 7.19 0.52
C SER A 39 7.61 6.95 1.30
N SER A 40 6.47 7.18 0.64
CA SER A 40 5.17 7.01 1.29
C SER A 40 5.02 5.62 1.89
N TRP A 41 5.77 4.66 1.36
CA TRP A 41 5.71 3.29 1.86
C TRP A 41 6.91 2.97 2.76
N ALA A 42 7.81 3.94 2.93
CA ALA A 42 8.99 3.74 3.77
C ALA A 42 8.61 3.27 5.17
N ASP A 43 7.82 4.07 5.87
CA ASP A 43 7.39 3.73 7.23
C ASP A 43 6.23 2.73 7.20
N GLY A 44 5.75 2.40 6.00
CA GLY A 44 4.65 1.46 5.87
C GLY A 44 3.33 2.06 6.30
N LEU A 45 3.16 3.35 6.06
CA LEU A 45 1.93 4.05 6.43
C LEU A 45 0.79 3.70 5.48
N ALA A 46 1.09 3.67 4.19
CA ALA A 46 0.08 3.34 3.18
C ALA A 46 -0.46 1.94 3.37
N LEU A 47 0.43 0.98 3.55
CA LEU A 47 0.04 -0.41 3.75
C LEU A 47 -0.71 -0.57 5.06
N CYS A 48 -0.16 0.02 6.11
CA CYS A 48 -0.78 -0.05 7.43
C CYS A 48 -2.17 0.58 7.42
N ALA A 49 -2.27 1.77 6.82
CA ALA A 49 -3.54 2.48 6.75
C ALA A 49 -4.63 1.61 6.11
N LEU A 50 -4.25 0.86 5.08
CA LEU A 50 -5.19 -0.01 4.38
C LEU A 50 -5.71 -1.10 5.31
N VAL A 51 -4.78 -1.81 5.94
CA VAL A 51 -5.14 -2.89 6.86
C VAL A 51 -6.00 -2.37 8.01
N TYR A 52 -5.55 -1.29 8.65
CA TYR A 52 -6.27 -0.70 9.76
C TYR A 52 -7.70 -0.34 9.36
N ARG A 53 -7.87 0.12 8.14
CA ARG A 53 -9.19 0.50 7.64
C ARG A 53 -10.12 -0.72 7.59
N LEU A 54 -9.59 -1.84 7.14
CA LEU A 54 -10.37 -3.07 7.06
C LEU A 54 -10.59 -3.69 8.44
N GLN A 55 -9.59 -3.54 9.31
CA GLN A 55 -9.68 -4.07 10.66
C GLN A 55 -8.84 -3.23 11.62
N PRO A 56 -9.39 -2.09 12.09
CA PRO A 56 -8.68 -1.20 13.01
C PRO A 56 -8.54 -1.79 14.41
N GLY A 57 -9.58 -2.50 14.84
CA GLY A 57 -9.57 -3.11 16.16
C GLY A 57 -8.48 -4.15 16.30
N LEU A 58 -8.21 -4.87 15.20
CA LEU A 58 -7.17 -5.90 15.21
C LEU A 58 -5.84 -5.35 14.72
N LEU A 59 -5.67 -4.04 14.78
CA LEU A 59 -4.43 -3.40 14.35
C LEU A 59 -4.07 -2.23 15.25
N GLU A 60 -2.84 -1.73 15.08
CA GLU A 60 -2.36 -0.60 15.87
C GLU A 60 -1.15 0.05 15.21
N PRO A 61 -1.25 0.33 13.89
CA PRO A 61 -0.17 0.95 13.12
C PRO A 61 0.22 2.32 13.66
N SER A 62 -0.65 2.91 14.47
CA SER A 62 -0.39 4.23 15.05
C SER A 62 0.95 4.22 15.79
N GLU A 63 1.20 3.15 16.53
CA GLU A 63 2.43 3.00 17.29
C GLU A 63 3.62 2.74 16.36
N LEU A 64 3.45 1.77 15.47
CA LEU A 64 4.50 1.40 14.52
C LEU A 64 4.68 2.46 13.43
N GLN A 65 3.78 3.42 13.39
CA GLN A 65 3.84 4.48 12.38
C GLN A 65 5.13 5.28 12.51
N GLY A 66 5.64 5.39 13.74
CA GLY A 66 6.86 6.14 13.96
C GLY A 66 7.86 5.38 14.81
N LEU A 67 7.53 4.15 15.17
CA LEU A 67 8.41 3.31 15.98
C LEU A 67 9.40 2.54 15.12
N GLY A 68 9.00 2.27 13.88
CA GLY A 68 9.85 1.52 12.98
C GLY A 68 9.18 1.24 11.65
N ALA A 69 9.95 1.35 10.57
CA ALA A 69 9.43 1.10 9.23
C ALA A 69 9.22 -0.39 8.99
N LEU A 70 10.31 -1.15 9.09
CA LEU A 70 10.24 -2.59 8.87
C LEU A 70 9.31 -3.25 9.88
N GLU A 71 9.33 -2.76 11.12
CA GLU A 71 8.49 -3.29 12.18
C GLU A 71 7.01 -3.12 11.84
N ALA A 72 6.65 -1.92 11.39
CA ALA A 72 5.26 -1.63 11.05
C ALA A 72 4.82 -2.44 9.83
N THR A 73 5.69 -2.55 8.84
CA THR A 73 5.38 -3.30 7.62
C THR A 73 5.27 -4.79 7.92
N ALA A 74 6.27 -5.33 8.60
CA ALA A 74 6.28 -6.75 8.94
C ALA A 74 5.05 -7.13 9.76
N TRP A 75 4.71 -6.28 10.73
CA TRP A 75 3.56 -6.53 11.59
C TRP A 75 2.26 -6.44 10.81
N ALA A 76 2.13 -5.38 10.02
CA ALA A 76 0.93 -5.16 9.21
C ALA A 76 0.73 -6.29 8.21
N LEU A 77 1.80 -6.66 7.51
CA LEU A 77 1.73 -7.72 6.52
C LEU A 77 1.38 -9.06 7.17
N LYS A 78 2.06 -9.38 8.27
CA LYS A 78 1.81 -10.62 8.99
C LYS A 78 0.40 -10.67 9.54
N VAL A 79 -0.02 -9.61 10.21
CA VAL A 79 -1.36 -9.55 10.79
C VAL A 79 -2.43 -9.47 9.71
N ALA A 80 -2.14 -8.74 8.63
CA ALA A 80 -3.08 -8.60 7.53
C ALA A 80 -3.48 -9.97 6.99
N GLU A 81 -2.49 -10.83 6.78
CA GLU A 81 -2.75 -12.17 6.29
C GLU A 81 -3.45 -13.01 7.35
N ASN A 82 -3.05 -12.81 8.60
CA ASN A 82 -3.63 -13.56 9.72
C ASN A 82 -5.08 -13.16 9.96
N GLU A 83 -5.35 -11.86 9.88
CA GLU A 83 -6.70 -11.34 10.11
C GLU A 83 -7.58 -11.48 8.87
N LEU A 84 -7.02 -11.18 7.71
CA LEU A 84 -7.77 -11.26 6.46
C LEU A 84 -7.49 -12.55 5.69
N GLY A 85 -6.22 -12.83 5.44
CA GLY A 85 -5.85 -14.04 4.71
C GLY A 85 -5.31 -13.73 3.33
N ILE A 86 -4.74 -12.53 3.17
CA ILE A 86 -4.18 -12.12 1.89
C ILE A 86 -2.77 -12.67 1.72
N THR A 87 -2.51 -13.28 0.56
CA THR A 87 -1.21 -13.85 0.26
C THR A 87 -0.19 -12.74 -0.05
N PRO A 88 0.84 -12.59 0.81
CA PRO A 88 1.87 -11.55 0.62
C PRO A 88 2.58 -11.70 -0.73
N VAL A 89 3.02 -10.58 -1.28
CA VAL A 89 3.73 -10.59 -2.56
C VAL A 89 4.87 -9.57 -2.57
N VAL A 90 5.28 -9.13 -1.38
CA VAL A 90 6.36 -8.17 -1.25
C VAL A 90 7.13 -8.35 0.05
N SER A 91 8.35 -7.83 0.11
CA SER A 91 9.18 -7.95 1.30
C SER A 91 9.37 -6.58 1.95
N ALA A 92 9.55 -6.59 3.27
CA ALA A 92 9.75 -5.35 4.02
C ALA A 92 10.99 -4.61 3.53
N GLN A 93 12.07 -5.36 3.31
CA GLN A 93 13.32 -4.77 2.84
C GLN A 93 13.11 -3.99 1.54
N ALA A 94 12.37 -4.60 0.61
CA ALA A 94 12.09 -3.97 -0.67
C ALA A 94 11.19 -2.75 -0.51
N VAL A 95 10.22 -2.86 0.39
CA VAL A 95 9.28 -1.77 0.64
C VAL A 95 9.98 -0.57 1.27
N VAL A 96 10.74 -0.81 2.33
CA VAL A 96 11.46 0.25 3.02
C VAL A 96 12.49 0.89 2.10
N ALA A 97 13.04 0.10 1.19
CA ALA A 97 14.05 0.59 0.25
C ALA A 97 13.41 1.24 -0.97
N GLY A 98 12.11 1.01 -1.15
CA GLY A 98 11.41 1.59 -2.29
C GLY A 98 12.01 1.16 -3.61
N SER A 99 12.55 -0.05 -3.66
CA SER A 99 13.17 -0.57 -4.87
C SER A 99 12.39 -1.76 -5.41
N ASP A 100 11.06 -1.66 -5.37
CA ASP A 100 10.19 -2.73 -5.85
C ASP A 100 8.85 -2.17 -6.33
N PRO A 101 8.88 -1.31 -7.36
CA PRO A 101 7.66 -0.71 -7.92
C PRO A 101 6.70 -1.75 -8.49
N LEU A 102 7.27 -2.72 -9.21
CA LEU A 102 6.46 -3.77 -9.82
C LEU A 102 5.68 -4.54 -8.75
N GLY A 103 6.32 -4.79 -7.62
CA GLY A 103 5.68 -5.51 -6.54
C GLY A 103 4.54 -4.72 -5.92
N LEU A 104 4.73 -3.40 -5.81
CA LEU A 104 3.71 -2.54 -5.23
C LEU A 104 2.42 -2.60 -6.04
N ILE A 105 2.55 -2.59 -7.36
CA ILE A 105 1.40 -2.64 -8.25
C ILE A 105 0.69 -3.99 -8.13
N ALA A 106 1.47 -5.06 -8.12
CA ALA A 106 0.91 -6.41 -8.01
C ALA A 106 0.23 -6.62 -6.66
N TYR A 107 0.86 -6.10 -5.61
CA TYR A 107 0.32 -6.22 -4.26
C TYR A 107 -0.95 -5.41 -4.11
N LEU A 108 -0.91 -4.16 -4.56
CA LEU A 108 -2.06 -3.26 -4.46
C LEU A 108 -3.25 -3.84 -5.22
N SER A 109 -2.96 -4.53 -6.32
CA SER A 109 -4.01 -5.13 -7.14
C SER A 109 -4.77 -6.20 -6.36
N HIS A 110 -4.05 -6.93 -5.52
CA HIS A 110 -4.65 -7.99 -4.70
C HIS A 110 -5.44 -7.38 -3.55
N PHE A 111 -4.91 -6.32 -2.96
CA PHE A 111 -5.56 -5.65 -1.84
C PHE A 111 -6.84 -4.98 -2.30
N HIS A 112 -6.78 -4.30 -3.44
CA HIS A 112 -7.94 -3.61 -4.00
C HIS A 112 -9.07 -4.59 -4.28
N SER A 113 -8.74 -5.69 -4.95
CA SER A 113 -9.73 -6.70 -5.28
C SER A 113 -10.43 -7.23 -4.03
N ALA A 114 -9.63 -7.49 -2.99
CA ALA A 114 -10.16 -8.00 -1.73
C ALA A 114 -10.95 -6.92 -1.00
N PHE A 115 -10.47 -5.68 -1.08
CA PHE A 115 -11.13 -4.56 -0.42
C PHE A 115 -12.50 -4.30 -1.04
N LYS A 116 -12.65 -4.65 -2.31
CA LYS A 116 -13.92 -4.45 -3.02
C LYS A 116 -15.05 -5.17 -2.31
N SER A 117 -14.86 -6.47 -2.07
CA SER A 117 -15.88 -7.27 -1.40
C SER A 117 -15.78 -7.13 0.12
N MET A 118 -14.56 -6.91 0.61
CA MET A 118 -14.34 -6.75 2.04
C MET A 118 -14.63 -5.32 2.48
N MET A 1 20.57 4.38 -25.08
CA MET A 1 21.11 5.50 -25.89
C MET A 1 20.02 6.17 -26.71
N GLY A 2 19.10 5.36 -27.25
CA GLY A 2 18.01 5.89 -28.05
C GLY A 2 17.13 6.84 -27.26
N HIS A 3 16.61 7.86 -27.95
CA HIS A 3 15.74 8.85 -27.30
C HIS A 3 14.40 8.23 -26.94
N HIS A 4 13.89 8.58 -25.76
CA HIS A 4 12.60 8.05 -25.30
C HIS A 4 11.45 8.64 -26.12
N HIS A 5 10.42 7.83 -26.32
CA HIS A 5 9.25 8.28 -27.08
C HIS A 5 8.27 9.02 -26.19
N HIS A 6 7.67 10.08 -26.73
CA HIS A 6 6.71 10.88 -25.98
C HIS A 6 5.33 10.22 -25.98
N HIS A 7 4.36 10.89 -25.38
CA HIS A 7 3.00 10.36 -25.31
C HIS A 7 2.97 9.03 -24.56
N HIS A 8 2.81 9.12 -23.24
CA HIS A 8 2.77 7.92 -22.39
C HIS A 8 1.34 7.66 -21.90
N MET A 9 0.50 7.14 -22.77
CA MET A 9 -0.89 6.85 -22.41
C MET A 9 -1.08 5.36 -22.14
N GLY A 10 -1.11 5.00 -20.86
CA GLY A 10 -1.28 3.61 -20.49
C GLY A 10 -0.60 3.26 -19.17
N SER A 11 0.65 3.67 -19.04
CA SER A 11 1.41 3.41 -17.82
C SER A 11 1.14 4.48 -16.75
N ALA A 12 1.37 5.73 -17.11
CA ALA A 12 1.15 6.85 -16.20
C ALA A 12 -0.33 7.02 -15.90
N GLY A 13 -1.17 6.67 -16.86
CA GLY A 13 -2.60 6.80 -16.68
C GLY A 13 -3.15 5.82 -15.65
N THR A 14 -2.47 4.69 -15.49
CA THR A 14 -2.89 3.67 -14.54
C THR A 14 -2.37 3.98 -13.14
N GLN A 15 -1.16 4.53 -13.07
CA GLN A 15 -0.54 4.87 -11.80
C GLN A 15 -1.35 5.96 -11.07
N GLU A 16 -1.96 6.85 -11.84
CA GLU A 16 -2.75 7.93 -11.27
C GLU A 16 -3.93 7.40 -10.47
N GLU A 17 -4.66 6.45 -11.06
CA GLU A 17 -5.83 5.86 -10.40
C GLU A 17 -5.41 5.04 -9.19
N LEU A 18 -4.23 4.43 -9.27
CA LEU A 18 -3.71 3.62 -8.17
C LEU A 18 -3.30 4.47 -6.99
N LEU A 19 -2.59 5.56 -7.27
CA LEU A 19 -2.13 6.47 -6.22
C LEU A 19 -3.30 7.11 -5.49
N ARG A 20 -4.27 7.59 -6.26
CA ARG A 20 -5.45 8.25 -5.68
C ARG A 20 -6.22 7.28 -4.78
N TRP A 21 -6.32 6.02 -5.20
CA TRP A 21 -7.03 5.01 -4.43
C TRP A 21 -6.36 4.79 -3.07
N CYS A 22 -5.03 4.80 -3.06
CA CYS A 22 -4.27 4.61 -1.83
C CYS A 22 -4.43 5.80 -0.90
N GLN A 23 -4.31 7.01 -1.46
CA GLN A 23 -4.44 8.23 -0.69
C GLN A 23 -5.84 8.36 -0.10
N GLU A 24 -6.83 7.94 -0.87
CA GLU A 24 -8.22 8.01 -0.42
C GLU A 24 -8.46 7.07 0.75
N GLN A 25 -7.96 5.85 0.64
CA GLN A 25 -8.11 4.86 1.70
C GLN A 25 -7.27 5.24 2.92
N THR A 26 -6.16 5.92 2.69
CA THR A 26 -5.27 6.33 3.77
C THR A 26 -5.60 7.74 4.25
N ALA A 27 -6.70 8.30 3.75
CA ALA A 27 -7.12 9.64 4.13
C ALA A 27 -7.78 9.64 5.51
N GLY A 28 -7.27 10.46 6.41
CA GLY A 28 -7.83 10.54 7.75
C GLY A 28 -6.76 10.57 8.82
N TYR A 29 -5.69 9.80 8.62
CA TYR A 29 -4.59 9.74 9.58
C TYR A 29 -3.84 11.07 9.63
N PRO A 30 -3.67 11.66 10.83
CA PRO A 30 -2.97 12.94 10.99
C PRO A 30 -1.47 12.81 10.77
N GLY A 31 -0.98 13.38 9.67
CA GLY A 31 0.43 13.32 9.38
C GLY A 31 0.74 12.43 8.19
N VAL A 32 -0.15 11.47 7.92
CA VAL A 32 0.03 10.56 6.80
C VAL A 32 -0.37 11.21 5.49
N HIS A 33 0.58 11.29 4.56
CA HIS A 33 0.33 11.89 3.25
C HIS A 33 0.76 10.94 2.14
N VAL A 34 -0.13 10.01 1.79
CA VAL A 34 0.15 9.04 0.73
C VAL A 34 0.01 9.68 -0.65
N SER A 35 1.14 9.97 -1.27
CA SER A 35 1.15 10.56 -2.60
C SER A 35 2.41 10.16 -3.38
N ASP A 36 3.01 9.04 -2.98
CA ASP A 36 4.22 8.54 -3.63
C ASP A 36 4.15 7.04 -3.81
N LEU A 37 4.76 6.54 -4.88
CA LEU A 37 4.76 5.11 -5.16
C LEU A 37 6.05 4.47 -4.67
N SER A 38 6.54 4.92 -3.52
CA SER A 38 7.77 4.38 -2.94
C SER A 38 8.05 4.97 -1.58
N SER A 39 8.56 6.20 -1.55
CA SER A 39 8.89 6.88 -0.30
C SER A 39 7.69 6.92 0.64
N SER A 40 6.49 6.93 0.08
CA SER A 40 5.27 6.97 0.87
C SER A 40 5.11 5.69 1.68
N TRP A 41 5.67 4.59 1.19
CA TRP A 41 5.58 3.31 1.87
C TRP A 41 6.81 3.04 2.74
N ALA A 42 7.62 4.08 2.96
CA ALA A 42 8.82 3.94 3.77
C ALA A 42 8.49 3.44 5.18
N ASP A 43 7.60 4.16 5.86
CA ASP A 43 7.20 3.77 7.21
C ASP A 43 6.02 2.80 7.18
N GLY A 44 5.65 2.34 5.98
CA GLY A 44 4.54 1.41 5.85
C GLY A 44 3.22 2.00 6.32
N LEU A 45 3.05 3.30 6.11
CA LEU A 45 1.82 3.99 6.51
C LEU A 45 0.68 3.66 5.57
N ALA A 46 0.96 3.62 4.26
CA ALA A 46 -0.05 3.33 3.27
C ALA A 46 -0.62 1.93 3.46
N LEU A 47 0.27 0.94 3.64
CA LEU A 47 -0.15 -0.44 3.83
C LEU A 47 -0.86 -0.60 5.17
N CYS A 48 -0.32 0.04 6.21
CA CYS A 48 -0.89 -0.04 7.54
C CYS A 48 -2.28 0.60 7.57
N ALA A 49 -2.38 1.79 6.99
CA ALA A 49 -3.66 2.51 6.96
C ALA A 49 -4.75 1.65 6.32
N LEU A 50 -4.40 0.96 5.24
CA LEU A 50 -5.35 0.11 4.52
C LEU A 50 -5.87 -1.00 5.44
N VAL A 51 -4.96 -1.73 6.06
CA VAL A 51 -5.32 -2.82 6.95
C VAL A 51 -6.14 -2.31 8.13
N TYR A 52 -5.69 -1.22 8.74
CA TYR A 52 -6.38 -0.64 9.88
C TYR A 52 -7.84 -0.34 9.54
N ARG A 53 -8.09 0.11 8.32
CA ARG A 53 -9.44 0.42 7.87
C ARG A 53 -10.29 -0.83 7.78
N LEU A 54 -9.71 -1.90 7.26
CA LEU A 54 -10.42 -3.17 7.13
C LEU A 54 -10.49 -3.92 8.46
N GLN A 55 -9.48 -3.73 9.29
CA GLN A 55 -9.42 -4.39 10.59
C GLN A 55 -8.78 -3.48 11.64
N PRO A 56 -9.46 -2.38 12.00
CA PRO A 56 -8.94 -1.44 13.00
C PRO A 56 -8.95 -2.02 14.41
N GLY A 57 -9.88 -2.95 14.65
CA GLY A 57 -9.98 -3.57 15.95
C GLY A 57 -8.95 -4.67 16.17
N LEU A 58 -8.17 -4.96 15.13
CA LEU A 58 -7.13 -5.98 15.23
C LEU A 58 -5.78 -5.46 14.73
N LEU A 59 -5.60 -4.16 14.81
CA LEU A 59 -4.34 -3.54 14.37
C LEU A 59 -4.01 -2.31 15.21
N GLU A 60 -2.72 -1.99 15.27
CA GLU A 60 -2.25 -0.84 16.03
C GLU A 60 -1.11 -0.13 15.30
N PRO A 61 -1.29 0.12 13.99
CA PRO A 61 -0.27 0.80 13.16
C PRO A 61 0.08 2.19 13.68
N SER A 62 -0.78 2.74 14.54
CA SER A 62 -0.54 4.06 15.10
C SER A 62 0.80 4.10 15.82
N GLU A 63 1.07 3.06 16.61
CA GLU A 63 2.31 2.97 17.37
C GLU A 63 3.49 2.69 16.43
N LEU A 64 3.33 1.68 15.58
CA LEU A 64 4.38 1.30 14.63
C LEU A 64 4.55 2.35 13.53
N GLN A 65 3.63 3.30 13.47
CA GLN A 65 3.68 4.35 12.45
C GLN A 65 4.98 5.16 12.56
N GLY A 66 5.45 5.33 13.79
CA GLY A 66 6.67 6.09 14.01
C GLY A 66 7.68 5.35 14.88
N LEU A 67 7.35 4.10 15.23
CA LEU A 67 8.24 3.29 16.07
C LEU A 67 9.26 2.56 15.21
N GLY A 68 8.89 2.28 13.96
CA GLY A 68 9.80 1.59 13.06
C GLY A 68 9.18 1.31 11.71
N ALA A 69 9.85 1.75 10.66
CA ALA A 69 9.36 1.54 9.29
C ALA A 69 9.22 0.06 8.99
N LEU A 70 10.34 -0.66 9.08
CA LEU A 70 10.34 -2.10 8.81
C LEU A 70 9.45 -2.85 9.79
N GLU A 71 9.45 -2.40 11.04
CA GLU A 71 8.64 -3.01 12.08
C GLU A 71 7.15 -2.94 11.72
N ALA A 72 6.71 -1.77 11.29
CA ALA A 72 5.31 -1.56 10.93
C ALA A 72 4.93 -2.42 9.73
N THR A 73 5.83 -2.53 8.77
CA THR A 73 5.58 -3.33 7.57
C THR A 73 5.50 -4.81 7.91
N ALA A 74 6.50 -5.31 8.63
CA ALA A 74 6.54 -6.72 9.02
C ALA A 74 5.32 -7.09 9.87
N TRP A 75 4.99 -6.22 10.82
CA TRP A 75 3.85 -6.46 11.70
C TRP A 75 2.54 -6.42 10.93
N ALA A 76 2.44 -5.49 9.99
CA ALA A 76 1.23 -5.34 9.18
C ALA A 76 1.09 -6.49 8.19
N LEU A 77 2.20 -6.92 7.61
CA LEU A 77 2.19 -8.01 6.64
C LEU A 77 1.74 -9.32 7.30
N LYS A 78 2.22 -9.56 8.52
CA LYS A 78 1.87 -10.79 9.24
C LYS A 78 0.42 -10.76 9.69
N VAL A 79 0.00 -9.65 10.30
CA VAL A 79 -1.37 -9.52 10.78
C VAL A 79 -2.36 -9.44 9.64
N ALA A 80 -2.03 -8.64 8.63
CA ALA A 80 -2.90 -8.47 7.47
C ALA A 80 -3.20 -9.84 6.84
N GLU A 81 -2.16 -10.64 6.67
CA GLU A 81 -2.31 -11.97 6.10
C GLU A 81 -3.04 -12.89 7.08
N ASN A 82 -2.75 -12.73 8.36
CA ASN A 82 -3.37 -13.54 9.39
C ASN A 82 -4.86 -13.23 9.54
N GLU A 83 -5.20 -11.95 9.48
CA GLU A 83 -6.59 -11.52 9.62
C GLU A 83 -7.39 -11.67 8.32
N LEU A 84 -6.78 -11.30 7.21
CA LEU A 84 -7.45 -11.38 5.91
C LEU A 84 -7.10 -12.65 5.14
N GLY A 85 -5.83 -13.04 5.18
CA GLY A 85 -5.39 -14.23 4.47
C GLY A 85 -4.80 -13.91 3.12
N ILE A 86 -4.25 -12.70 2.98
CA ILE A 86 -3.64 -12.28 1.73
C ILE A 86 -2.23 -12.80 1.59
N THR A 87 -1.94 -13.45 0.47
CA THR A 87 -0.62 -14.02 0.23
C THR A 87 0.39 -12.92 -0.11
N PRO A 88 1.40 -12.72 0.75
CA PRO A 88 2.43 -11.69 0.54
C PRO A 88 3.09 -11.81 -0.83
N VAL A 89 3.35 -10.67 -1.46
CA VAL A 89 3.99 -10.65 -2.78
C VAL A 89 5.36 -9.98 -2.73
N VAL A 90 5.66 -9.29 -1.63
CA VAL A 90 6.95 -8.63 -1.47
C VAL A 90 7.39 -8.63 -0.01
N SER A 91 8.69 -8.42 0.21
CA SER A 91 9.24 -8.40 1.55
C SER A 91 9.12 -7.00 2.16
N ALA A 92 9.18 -6.94 3.49
CA ALA A 92 9.09 -5.66 4.19
C ALA A 92 10.25 -4.76 3.86
N GLN A 93 11.46 -5.33 3.85
CA GLN A 93 12.67 -4.58 3.54
C GLN A 93 12.57 -3.91 2.18
N ALA A 94 12.03 -4.64 1.20
CA ALA A 94 11.88 -4.12 -0.15
C ALA A 94 10.92 -2.94 -0.17
N VAL A 95 9.83 -3.05 0.60
CA VAL A 95 8.84 -1.98 0.67
C VAL A 95 9.42 -0.71 1.26
N VAL A 96 10.07 -0.84 2.42
CA VAL A 96 10.67 0.29 3.09
C VAL A 96 11.77 0.92 2.24
N ALA A 97 12.44 0.10 1.44
CA ALA A 97 13.52 0.58 0.58
C ALA A 97 12.98 1.12 -0.74
N GLY A 98 11.72 0.83 -1.03
CA GLY A 98 11.11 1.30 -2.27
C GLY A 98 11.89 0.87 -3.49
N SER A 99 12.45 -0.34 -3.45
CA SER A 99 13.23 -0.86 -4.57
C SER A 99 12.50 -2.01 -5.26
N ASP A 100 11.17 -1.95 -5.23
CA ASP A 100 10.35 -2.99 -5.85
C ASP A 100 9.02 -2.42 -6.34
N PRO A 101 9.07 -1.51 -7.32
CA PRO A 101 7.85 -0.88 -7.87
C PRO A 101 6.87 -1.92 -8.42
N LEU A 102 7.40 -2.91 -9.13
CA LEU A 102 6.57 -3.95 -9.71
C LEU A 102 5.87 -4.76 -8.62
N GLY A 103 6.57 -4.98 -7.50
CA GLY A 103 6.00 -5.73 -6.41
C GLY A 103 4.92 -4.96 -5.67
N LEU A 104 5.14 -3.66 -5.49
CA LEU A 104 4.18 -2.81 -4.81
C LEU A 104 2.84 -2.79 -5.54
N ILE A 105 2.90 -2.69 -6.86
CA ILE A 105 1.68 -2.67 -7.68
C ILE A 105 0.98 -4.02 -7.64
N ALA A 106 1.76 -5.10 -7.71
CA ALA A 106 1.21 -6.44 -7.68
C ALA A 106 0.42 -6.68 -6.40
N TYR A 107 1.00 -6.29 -5.28
CA TYR A 107 0.35 -6.48 -3.98
C TYR A 107 -0.89 -5.61 -3.87
N LEU A 108 -0.79 -4.37 -4.34
CA LEU A 108 -1.91 -3.43 -4.30
C LEU A 108 -3.09 -3.97 -5.10
N SER A 109 -2.79 -4.69 -6.18
CA SER A 109 -3.83 -5.26 -7.03
C SER A 109 -4.71 -6.23 -6.24
N HIS A 110 -4.08 -6.97 -5.33
CA HIS A 110 -4.80 -7.93 -4.51
C HIS A 110 -5.67 -7.22 -3.46
N PHE A 111 -5.06 -6.26 -2.76
CA PHE A 111 -5.77 -5.50 -1.73
C PHE A 111 -6.92 -4.72 -2.35
N HIS A 112 -6.74 -4.28 -3.58
CA HIS A 112 -7.77 -3.51 -4.29
C HIS A 112 -9.05 -4.32 -4.44
N SER A 113 -8.90 -5.55 -4.94
CA SER A 113 -10.05 -6.44 -5.15
C SER A 113 -10.67 -6.84 -3.81
N ALA A 114 -9.83 -7.00 -2.79
CA ALA A 114 -10.29 -7.39 -1.47
C ALA A 114 -11.15 -6.29 -0.85
N PHE A 115 -10.69 -5.05 -0.97
CA PHE A 115 -11.42 -3.90 -0.42
C PHE A 115 -12.75 -3.71 -1.14
N LYS A 116 -12.76 -4.02 -2.44
CA LYS A 116 -13.97 -3.87 -3.25
C LYS A 116 -15.06 -4.83 -2.76
N SER A 117 -14.65 -5.98 -2.25
CA SER A 117 -15.60 -6.97 -1.75
C SER A 117 -15.59 -7.01 -0.23
N MET A 118 -15.33 -5.87 0.39
CA MET A 118 -15.30 -5.77 1.84
C MET A 118 -15.04 -4.33 2.29
N MET A 1 8.50 12.93 -16.33
CA MET A 1 8.28 11.58 -16.93
C MET A 1 9.33 11.28 -17.99
N GLY A 2 9.47 10.00 -18.33
CA GLY A 2 10.44 9.60 -19.33
C GLY A 2 10.03 8.33 -20.07
N HIS A 3 10.09 8.37 -21.39
CA HIS A 3 9.73 7.22 -22.21
C HIS A 3 10.96 6.63 -22.89
N HIS A 4 10.88 5.35 -23.24
CA HIS A 4 11.98 4.66 -23.91
C HIS A 4 11.47 3.80 -25.06
N HIS A 5 10.43 3.02 -24.79
CA HIS A 5 9.85 2.14 -25.80
C HIS A 5 8.80 2.88 -26.61
N HIS A 6 8.11 3.83 -25.98
CA HIS A 6 7.08 4.62 -26.65
C HIS A 6 5.96 3.72 -27.15
N HIS A 7 4.82 4.32 -27.48
CA HIS A 7 3.67 3.57 -27.98
C HIS A 7 3.20 2.56 -26.94
N HIS A 8 3.34 2.92 -25.67
CA HIS A 8 2.92 2.04 -24.59
C HIS A 8 1.71 2.63 -23.85
N MET A 9 0.95 1.75 -23.21
CA MET A 9 -0.24 2.18 -22.47
C MET A 9 -0.74 1.07 -21.55
N GLY A 10 -1.50 1.45 -20.53
CA GLY A 10 -2.03 0.48 -19.60
C GLY A 10 -1.24 0.41 -18.31
N SER A 11 0.04 0.79 -18.38
CA SER A 11 0.90 0.77 -17.20
C SER A 11 0.98 2.15 -16.56
N ALA A 12 0.91 3.19 -17.39
CA ALA A 12 0.97 4.56 -16.90
C ALA A 12 -0.42 5.06 -16.51
N GLY A 13 -1.44 4.55 -17.17
CA GLY A 13 -2.80 4.96 -16.87
C GLY A 13 -3.33 4.32 -15.62
N THR A 14 -2.83 3.13 -15.30
CA THR A 14 -3.26 2.41 -14.10
C THR A 14 -2.60 2.97 -12.85
N GLN A 15 -1.38 3.49 -13.01
CA GLN A 15 -0.64 4.06 -11.90
C GLN A 15 -1.39 5.23 -11.27
N GLU A 16 -1.94 6.10 -12.12
CA GLU A 16 -2.70 7.25 -11.65
C GLU A 16 -3.95 6.82 -10.91
N GLU A 17 -4.69 5.88 -11.50
CA GLU A 17 -5.92 5.38 -10.89
C GLU A 17 -5.63 4.69 -9.56
N LEU A 18 -4.55 3.93 -9.53
CA LEU A 18 -4.16 3.20 -8.31
C LEU A 18 -3.76 4.17 -7.21
N LEU A 19 -3.06 5.24 -7.60
CA LEU A 19 -2.60 6.24 -6.63
C LEU A 19 -3.79 6.94 -5.97
N ARG A 20 -4.78 7.31 -6.78
CA ARG A 20 -5.96 7.99 -6.28
C ARG A 20 -6.71 7.12 -5.26
N TRP A 21 -6.85 5.85 -5.59
CA TRP A 21 -7.54 4.90 -4.72
C TRP A 21 -6.74 4.66 -3.44
N CYS A 22 -5.41 4.62 -3.57
CA CYS A 22 -4.54 4.39 -2.42
C CYS A 22 -4.60 5.56 -1.44
N GLN A 23 -4.52 6.77 -1.96
CA GLN A 23 -4.55 7.97 -1.12
C GLN A 23 -5.89 8.12 -0.42
N GLU A 24 -6.97 7.73 -1.11
CA GLU A 24 -8.31 7.83 -0.55
C GLU A 24 -8.46 6.87 0.64
N GLN A 25 -8.01 5.65 0.45
CA GLN A 25 -8.09 4.64 1.50
C GLN A 25 -7.23 5.01 2.70
N THR A 26 -6.13 5.70 2.44
CA THR A 26 -5.22 6.13 3.50
C THR A 26 -5.57 7.51 4.02
N ALA A 27 -6.70 8.06 3.57
CA ALA A 27 -7.13 9.38 4.00
C ALA A 27 -7.90 9.31 5.31
N GLY A 28 -7.46 10.07 6.30
CA GLY A 28 -8.13 10.08 7.59
C GLY A 28 -7.15 10.21 8.75
N TYR A 29 -5.87 9.97 8.48
CA TYR A 29 -4.85 10.06 9.52
C TYR A 29 -4.19 11.44 9.51
N PRO A 30 -4.26 12.17 10.65
CA PRO A 30 -3.67 13.51 10.76
C PRO A 30 -2.15 13.50 10.73
N GLY A 31 -1.58 13.01 9.65
CA GLY A 31 -0.13 12.95 9.52
C GLY A 31 0.34 11.84 8.60
N VAL A 32 -0.40 11.61 7.52
CA VAL A 32 -0.04 10.57 6.56
C VAL A 32 -0.30 11.03 5.12
N HIS A 33 0.75 11.04 4.32
CA HIS A 33 0.65 11.45 2.93
C HIS A 33 1.00 10.29 1.99
N VAL A 34 0.05 9.89 1.17
CA VAL A 34 0.27 8.79 0.23
C VAL A 34 0.44 9.29 -1.20
N SER A 35 1.12 10.42 -1.35
CA SER A 35 1.36 10.99 -2.67
C SER A 35 2.73 10.58 -3.21
N ASP A 36 3.28 9.51 -2.66
CA ASP A 36 4.58 9.01 -3.08
C ASP A 36 4.57 7.48 -3.16
N LEU A 37 5.18 6.95 -4.22
CA LEU A 37 5.23 5.51 -4.41
C LEU A 37 6.51 4.92 -3.84
N SER A 38 6.97 5.47 -2.72
CA SER A 38 8.19 4.98 -2.07
C SER A 38 8.29 5.49 -0.64
N SER A 39 8.65 6.76 -0.48
CA SER A 39 8.78 7.37 0.84
C SER A 39 7.49 7.24 1.64
N SER A 40 6.36 7.16 0.94
CA SER A 40 5.06 7.04 1.60
C SER A 40 4.93 5.68 2.30
N TRP A 41 5.59 4.67 1.74
CA TRP A 41 5.55 3.32 2.30
C TRP A 41 6.76 3.04 3.17
N ALA A 42 7.61 4.05 3.37
CA ALA A 42 8.81 3.89 4.19
C ALA A 42 8.48 3.30 5.56
N ASP A 43 7.73 4.04 6.35
CA ASP A 43 7.34 3.58 7.68
C ASP A 43 6.18 2.58 7.61
N GLY A 44 5.68 2.33 6.41
CA GLY A 44 4.58 1.40 6.25
C GLY A 44 3.24 1.99 6.66
N LEU A 45 3.10 3.29 6.48
CA LEU A 45 1.86 3.98 6.83
C LEU A 45 0.73 3.64 5.86
N ALA A 46 1.06 3.60 4.58
CA ALA A 46 0.08 3.29 3.55
C ALA A 46 -0.50 1.90 3.75
N LEU A 47 0.37 0.91 3.98
CA LEU A 47 -0.07 -0.47 4.20
C LEU A 47 -0.92 -0.58 5.45
N CYS A 48 -0.45 0.04 6.54
CA CYS A 48 -1.17 0.01 7.81
C CYS A 48 -2.46 0.81 7.72
N ALA A 49 -2.44 1.89 6.93
CA ALA A 49 -3.60 2.74 6.75
C ALA A 49 -4.77 1.95 6.19
N LEU A 50 -4.50 1.10 5.20
CA LEU A 50 -5.52 0.29 4.56
C LEU A 50 -6.02 -0.80 5.50
N VAL A 51 -5.10 -1.57 6.06
CA VAL A 51 -5.44 -2.66 6.97
C VAL A 51 -6.20 -2.13 8.18
N TYR A 52 -5.66 -1.07 8.78
CA TYR A 52 -6.27 -0.46 9.96
C TYR A 52 -7.71 -0.03 9.67
N ARG A 53 -7.94 0.46 8.45
CA ARG A 53 -9.28 0.89 8.05
C ARG A 53 -10.26 -0.27 8.06
N LEU A 54 -9.82 -1.41 7.55
CA LEU A 54 -10.66 -2.61 7.51
C LEU A 54 -10.76 -3.25 8.90
N GLN A 55 -9.62 -3.32 9.59
CA GLN A 55 -9.57 -3.90 10.92
C GLN A 55 -8.57 -3.14 11.79
N PRO A 56 -8.99 -2.00 12.36
CA PRO A 56 -8.12 -1.19 13.22
C PRO A 56 -7.90 -1.81 14.59
N GLY A 57 -8.93 -2.47 15.09
CA GLY A 57 -8.84 -3.12 16.39
C GLY A 57 -7.86 -4.28 16.40
N LEU A 58 -7.59 -4.82 15.21
CA LEU A 58 -6.67 -5.95 15.08
C LEU A 58 -5.24 -5.49 14.84
N LEU A 59 -5.05 -4.19 14.59
CA LEU A 59 -3.71 -3.66 14.34
C LEU A 59 -3.58 -2.22 14.83
N GLU A 60 -2.51 -1.95 15.57
CA GLU A 60 -2.25 -0.61 16.09
C GLU A 60 -1.17 0.09 15.27
N PRO A 61 -1.55 0.67 14.13
CA PRO A 61 -0.61 1.37 13.24
C PRO A 61 0.12 2.51 13.94
N SER A 62 -0.60 3.22 14.79
CA SER A 62 -0.01 4.35 15.53
C SER A 62 1.25 3.93 16.28
N GLU A 63 1.25 2.71 16.78
CA GLU A 63 2.40 2.20 17.53
C GLU A 63 3.57 1.91 16.61
N LEU A 64 3.32 1.17 15.53
CA LEU A 64 4.36 0.82 14.56
C LEU A 64 4.66 1.96 13.60
N GLN A 65 3.84 2.99 13.63
CA GLN A 65 4.03 4.14 12.74
C GLN A 65 5.37 4.81 12.96
N GLY A 66 5.83 4.83 14.21
CA GLY A 66 7.10 5.46 14.51
C GLY A 66 8.09 4.49 15.14
N LEU A 67 7.59 3.42 15.73
CA LEU A 67 8.44 2.42 16.37
C LEU A 67 9.48 1.88 15.39
N GLY A 68 9.09 1.76 14.13
CA GLY A 68 10.01 1.25 13.12
C GLY A 68 9.32 0.99 11.79
N ALA A 69 10.07 1.16 10.70
CA ALA A 69 9.54 0.93 9.37
C ALA A 69 9.45 -0.56 9.05
N LEU A 70 10.58 -1.25 9.17
CA LEU A 70 10.64 -2.68 8.90
C LEU A 70 9.67 -3.45 9.80
N GLU A 71 9.66 -3.09 11.08
CA GLU A 71 8.79 -3.74 12.04
C GLU A 71 7.31 -3.49 11.71
N ALA A 72 7.01 -2.26 11.31
CA ALA A 72 5.63 -1.90 10.96
C ALA A 72 5.15 -2.68 9.74
N THR A 73 6.01 -2.80 8.74
CA THR A 73 5.67 -3.53 7.52
C THR A 73 5.48 -5.01 7.80
N ALA A 74 6.47 -5.60 8.47
CA ALA A 74 6.42 -7.03 8.80
C ALA A 74 5.23 -7.34 9.68
N TRP A 75 4.98 -6.50 10.68
CA TRP A 75 3.86 -6.70 11.60
C TRP A 75 2.54 -6.54 10.88
N ALA A 76 2.45 -5.53 10.02
CA ALA A 76 1.22 -5.27 9.27
C ALA A 76 0.97 -6.34 8.22
N LEU A 77 2.03 -6.79 7.56
CA LEU A 77 1.92 -7.80 6.52
C LEU A 77 1.46 -9.14 7.10
N LYS A 78 2.05 -9.55 8.22
CA LYS A 78 1.70 -10.81 8.86
C LYS A 78 0.26 -10.79 9.37
N VAL A 79 -0.09 -9.72 10.09
CA VAL A 79 -1.43 -9.59 10.64
C VAL A 79 -2.45 -9.36 9.52
N ALA A 80 -2.12 -8.51 8.57
CA ALA A 80 -3.01 -8.22 7.46
C ALA A 80 -3.40 -9.52 6.74
N GLU A 81 -2.40 -10.35 6.47
CA GLU A 81 -2.63 -11.62 5.81
C GLU A 81 -3.37 -12.59 6.73
N ASN A 82 -3.04 -12.54 8.01
CA ASN A 82 -3.67 -13.40 8.99
C ASN A 82 -5.14 -13.02 9.22
N GLU A 83 -5.40 -11.73 9.30
CA GLU A 83 -6.75 -11.23 9.53
C GLU A 83 -7.58 -11.20 8.25
N LEU A 84 -6.95 -10.76 7.15
CA LEU A 84 -7.65 -10.66 5.87
C LEU A 84 -7.50 -11.93 5.03
N GLY A 85 -6.29 -12.49 5.01
CA GLY A 85 -6.05 -13.69 4.23
C GLY A 85 -5.38 -13.41 2.91
N ILE A 86 -4.66 -12.29 2.83
CA ILE A 86 -3.97 -11.91 1.60
C ILE A 86 -2.55 -12.46 1.58
N THR A 87 -2.20 -13.19 0.53
CA THR A 87 -0.87 -13.76 0.39
C THR A 87 0.15 -12.69 0.03
N PRO A 88 1.21 -12.54 0.85
CA PRO A 88 2.27 -11.54 0.62
C PRO A 88 2.89 -11.67 -0.77
N VAL A 89 3.20 -10.53 -1.37
CA VAL A 89 3.81 -10.52 -2.70
C VAL A 89 5.03 -9.60 -2.76
N VAL A 90 5.43 -9.06 -1.60
CA VAL A 90 6.59 -8.17 -1.54
C VAL A 90 7.28 -8.28 -0.18
N SER A 91 8.59 -8.04 -0.16
CA SER A 91 9.36 -8.10 1.07
C SER A 91 9.33 -6.76 1.80
N ALA A 92 9.37 -6.81 3.12
CA ALA A 92 9.35 -5.60 3.93
C ALA A 92 10.52 -4.68 3.58
N GLN A 93 11.70 -5.27 3.42
CA GLN A 93 12.89 -4.50 3.08
C GLN A 93 12.71 -3.75 1.76
N ALA A 94 12.03 -4.38 0.82
CA ALA A 94 11.78 -3.78 -0.49
C ALA A 94 10.83 -2.59 -0.36
N VAL A 95 9.76 -2.77 0.39
CA VAL A 95 8.77 -1.71 0.58
C VAL A 95 9.36 -0.53 1.34
N VAL A 96 10.04 -0.81 2.45
CA VAL A 96 10.65 0.23 3.26
C VAL A 96 11.70 1.00 2.46
N ALA A 97 12.42 0.30 1.59
CA ALA A 97 13.45 0.91 0.77
C ALA A 97 12.88 1.45 -0.54
N GLY A 98 11.66 1.05 -0.87
CA GLY A 98 11.04 1.51 -2.09
C GLY A 98 11.82 1.12 -3.33
N SER A 99 12.44 -0.06 -3.28
CA SER A 99 13.23 -0.56 -4.41
C SER A 99 12.51 -1.70 -5.11
N ASP A 100 11.18 -1.66 -5.09
CA ASP A 100 10.37 -2.69 -5.73
C ASP A 100 9.06 -2.12 -6.26
N PRO A 101 9.13 -1.29 -7.31
CA PRO A 101 7.94 -0.67 -7.91
C PRO A 101 6.97 -1.71 -8.47
N LEU A 102 7.51 -2.72 -9.15
CA LEU A 102 6.70 -3.78 -9.73
C LEU A 102 5.89 -4.50 -8.65
N GLY A 103 6.56 -4.82 -7.54
CA GLY A 103 5.88 -5.50 -6.46
C GLY A 103 4.79 -4.66 -5.83
N LEU A 104 4.99 -3.35 -5.82
CA LEU A 104 4.01 -2.43 -5.25
C LEU A 104 2.71 -2.47 -6.04
N ILE A 105 2.82 -2.48 -7.36
CA ILE A 105 1.65 -2.51 -8.23
C ILE A 105 0.87 -3.82 -8.06
N ALA A 106 1.60 -4.93 -8.01
CA ALA A 106 0.99 -6.24 -7.85
C ALA A 106 0.31 -6.36 -6.49
N TYR A 107 0.95 -5.82 -5.47
CA TYR A 107 0.41 -5.86 -4.12
C TYR A 107 -0.83 -4.97 -4.00
N LEU A 108 -0.73 -3.76 -4.52
CA LEU A 108 -1.83 -2.81 -4.46
C LEU A 108 -3.06 -3.36 -5.17
N SER A 109 -2.83 -4.15 -6.22
CA SER A 109 -3.92 -4.76 -6.99
C SER A 109 -4.69 -5.76 -6.13
N HIS A 110 -3.96 -6.58 -5.39
CA HIS A 110 -4.57 -7.60 -4.54
C HIS A 110 -5.43 -6.94 -3.45
N PHE A 111 -4.86 -5.95 -2.79
CA PHE A 111 -5.58 -5.24 -1.72
C PHE A 111 -6.81 -4.53 -2.27
N HIS A 112 -6.70 -4.05 -3.51
CA HIS A 112 -7.82 -3.35 -4.15
C HIS A 112 -8.99 -4.29 -4.39
N SER A 113 -8.70 -5.46 -4.94
CA SER A 113 -9.73 -6.45 -5.24
C SER A 113 -10.36 -6.98 -3.95
N ALA A 114 -9.52 -7.23 -2.95
CA ALA A 114 -9.98 -7.73 -1.66
C ALA A 114 -10.85 -6.71 -0.95
N PHE A 115 -10.43 -5.44 -1.02
CA PHE A 115 -11.16 -4.37 -0.36
C PHE A 115 -12.53 -4.17 -1.03
N LYS A 116 -12.56 -4.23 -2.35
CA LYS A 116 -13.80 -4.05 -3.09
C LYS A 116 -14.79 -5.16 -2.77
N SER A 117 -14.30 -6.40 -2.74
CA SER A 117 -15.15 -7.55 -2.45
C SER A 117 -15.69 -7.48 -1.01
N MET A 118 -14.78 -7.28 -0.05
CA MET A 118 -15.17 -7.20 1.35
C MET A 118 -15.99 -5.94 1.61
N MET A 1 -1.97 -8.23 -28.05
CA MET A 1 -2.95 -9.32 -28.27
C MET A 1 -4.38 -8.84 -28.01
N GLY A 2 -5.16 -8.76 -29.08
CA GLY A 2 -6.53 -8.30 -28.95
C GLY A 2 -6.69 -6.83 -29.23
N HIS A 3 -7.84 -6.28 -28.88
CA HIS A 3 -8.12 -4.86 -29.08
C HIS A 3 -8.06 -4.51 -30.57
N HIS A 4 -8.74 -3.44 -30.94
CA HIS A 4 -8.78 -2.99 -32.34
C HIS A 4 -8.60 -1.49 -32.43
N HIS A 5 -9.47 -0.75 -31.75
CA HIS A 5 -9.41 0.70 -31.75
C HIS A 5 -9.15 1.24 -30.35
N HIS A 6 -7.93 1.71 -30.12
CA HIS A 6 -7.55 2.26 -28.82
C HIS A 6 -6.30 3.13 -28.95
N HIS A 7 -6.29 4.24 -28.21
CA HIS A 7 -5.16 5.15 -28.23
C HIS A 7 -4.40 5.11 -26.91
N HIS A 8 -3.18 5.65 -26.92
CA HIS A 8 -2.35 5.68 -25.72
C HIS A 8 -2.79 6.78 -24.78
N MET A 9 -3.21 6.41 -23.58
CA MET A 9 -3.66 7.37 -22.58
C MET A 9 -4.12 6.68 -21.30
N GLY A 10 -4.70 5.49 -21.46
CA GLY A 10 -5.16 4.75 -20.30
C GLY A 10 -4.12 3.83 -19.71
N SER A 11 -2.84 4.14 -19.98
CA SER A 11 -1.74 3.33 -19.46
C SER A 11 -1.04 4.06 -18.33
N ALA A 12 -0.85 5.37 -18.48
CA ALA A 12 -0.19 6.18 -17.48
C ALA A 12 -1.20 6.75 -16.48
N GLY A 13 -2.42 6.96 -16.96
CA GLY A 13 -3.46 7.51 -16.10
C GLY A 13 -3.97 6.48 -15.09
N THR A 14 -3.79 5.21 -15.41
CA THR A 14 -4.23 4.13 -14.51
C THR A 14 -3.57 4.26 -13.14
N GLN A 15 -2.28 4.59 -13.14
CA GLN A 15 -1.53 4.75 -11.91
C GLN A 15 -2.09 5.90 -11.06
N GLU A 16 -2.58 6.93 -11.74
CA GLU A 16 -3.14 8.09 -11.05
C GLU A 16 -4.35 7.71 -10.21
N GLU A 17 -5.25 6.93 -10.79
CA GLU A 17 -6.46 6.49 -10.08
C GLU A 17 -6.10 5.54 -8.95
N LEU A 18 -5.04 4.77 -9.15
CA LEU A 18 -4.60 3.81 -8.14
C LEU A 18 -4.07 4.53 -6.90
N LEU A 19 -3.25 5.55 -7.13
CA LEU A 19 -2.67 6.33 -6.03
C LEU A 19 -3.77 7.04 -5.24
N ARG A 20 -4.80 7.47 -5.94
CA ARG A 20 -5.91 8.18 -5.31
C ARG A 20 -6.67 7.26 -4.37
N TRP A 21 -6.83 5.99 -4.79
CA TRP A 21 -7.54 5.02 -3.98
C TRP A 21 -6.78 4.71 -2.69
N CYS A 22 -5.49 4.46 -2.81
CA CYS A 22 -4.66 4.15 -1.65
C CYS A 22 -4.60 5.33 -0.69
N GLN A 23 -4.39 6.52 -1.24
CA GLN A 23 -4.32 7.74 -0.43
C GLN A 23 -5.66 8.07 0.19
N GLU A 24 -6.73 7.78 -0.55
CA GLU A 24 -8.08 8.04 -0.06
C GLU A 24 -8.39 7.19 1.16
N GLN A 25 -8.05 5.90 1.07
CA GLN A 25 -8.29 4.96 2.16
C GLN A 25 -7.44 5.33 3.38
N THR A 26 -6.22 5.78 3.13
CA THR A 26 -5.31 6.17 4.20
C THR A 26 -5.50 7.64 4.59
N ALA A 27 -6.52 8.27 4.04
CA ALA A 27 -6.80 9.67 4.35
C ALA A 27 -7.58 9.82 5.64
N GLY A 28 -7.04 10.61 6.57
CA GLY A 28 -7.70 10.81 7.85
C GLY A 28 -6.74 10.70 9.01
N TYR A 29 -5.69 9.92 8.84
CA TYR A 29 -4.69 9.73 9.89
C TYR A 29 -3.77 10.96 9.99
N PRO A 30 -3.53 11.46 11.21
CA PRO A 30 -2.67 12.62 11.43
C PRO A 30 -1.19 12.28 11.26
N GLY A 31 -0.62 12.67 10.12
CA GLY A 31 0.78 12.40 9.87
C GLY A 31 0.98 11.35 8.79
N VAL A 32 -0.02 11.21 7.92
CA VAL A 32 0.05 10.24 6.84
C VAL A 32 -0.30 10.89 5.50
N HIS A 33 0.64 10.83 4.57
CA HIS A 33 0.44 11.41 3.24
C HIS A 33 0.94 10.45 2.16
N VAL A 34 0.14 9.43 1.87
CA VAL A 34 0.51 8.44 0.87
C VAL A 34 0.33 9.00 -0.54
N SER A 35 1.44 9.25 -1.21
CA SER A 35 1.42 9.79 -2.57
C SER A 35 2.71 9.44 -3.31
N ASP A 36 3.38 8.37 -2.87
CA ASP A 36 4.61 7.93 -3.50
C ASP A 36 4.64 6.42 -3.63
N LEU A 37 5.40 5.91 -4.60
CA LEU A 37 5.51 4.49 -4.84
C LEU A 37 6.76 3.92 -4.17
N SER A 38 7.10 4.43 -3.00
CA SER A 38 8.28 3.96 -2.28
C SER A 38 8.40 4.63 -0.90
N SER A 39 8.91 5.85 -0.90
CA SER A 39 9.09 6.60 0.36
C SER A 39 7.78 6.73 1.12
N SER A 40 6.66 6.63 0.40
CA SER A 40 5.34 6.74 1.02
C SER A 40 5.07 5.56 1.95
N TRP A 41 5.64 4.41 1.61
CA TRP A 41 5.46 3.20 2.42
C TRP A 41 6.69 2.91 3.27
N ALA A 42 7.52 3.93 3.48
CA ALA A 42 8.73 3.78 4.28
C ALA A 42 8.42 3.26 5.67
N ASP A 43 7.57 3.98 6.40
CA ASP A 43 7.19 3.59 7.75
C ASP A 43 6.07 2.54 7.74
N GLY A 44 5.64 2.14 6.55
CA GLY A 44 4.58 1.16 6.43
C GLY A 44 3.23 1.68 6.91
N LEU A 45 3.05 2.99 6.80
CA LEU A 45 1.80 3.62 7.24
C LEU A 45 0.68 3.35 6.23
N ALA A 46 1.04 3.30 4.95
CA ALA A 46 0.07 3.05 3.89
C ALA A 46 -0.58 1.68 4.05
N LEU A 47 0.25 0.66 4.28
CA LEU A 47 -0.24 -0.70 4.45
C LEU A 47 -1.06 -0.82 5.73
N CYS A 48 -0.56 -0.23 6.82
CA CYS A 48 -1.24 -0.28 8.10
C CYS A 48 -2.54 0.52 8.04
N ALA A 49 -2.53 1.63 7.32
CA ALA A 49 -3.70 2.47 7.18
C ALA A 49 -4.86 1.70 6.57
N LEU A 50 -4.59 1.00 5.47
CA LEU A 50 -5.61 0.23 4.78
C LEU A 50 -6.17 -0.86 5.69
N VAL A 51 -5.27 -1.60 6.35
CA VAL A 51 -5.66 -2.67 7.25
C VAL A 51 -6.57 -2.14 8.36
N TYR A 52 -6.23 -0.97 8.89
CA TYR A 52 -7.01 -0.36 9.96
C TYR A 52 -8.42 -0.06 9.48
N ARG A 53 -8.56 0.36 8.23
CA ARG A 53 -9.85 0.68 7.65
C ARG A 53 -10.75 -0.55 7.61
N LEU A 54 -10.16 -1.70 7.26
CA LEU A 54 -10.90 -2.95 7.20
C LEU A 54 -11.00 -3.61 8.56
N GLN A 55 -9.96 -3.42 9.38
CA GLN A 55 -9.92 -4.00 10.72
C GLN A 55 -9.31 -3.02 11.71
N PRO A 56 -10.05 -1.93 12.03
CA PRO A 56 -9.58 -0.92 12.98
C PRO A 56 -9.51 -1.44 14.41
N GLY A 57 -10.35 -2.43 14.71
CA GLY A 57 -10.37 -3.01 16.04
C GLY A 57 -9.28 -4.04 16.25
N LEU A 58 -8.52 -4.34 15.20
CA LEU A 58 -7.44 -5.31 15.29
C LEU A 58 -6.17 -4.78 14.63
N LEU A 59 -5.94 -3.48 14.74
CA LEU A 59 -4.76 -2.86 14.15
C LEU A 59 -4.32 -1.65 14.95
N GLU A 60 -3.06 -1.25 14.77
CA GLU A 60 -2.49 -0.10 15.47
C GLU A 60 -1.54 0.66 14.56
N PRO A 61 -2.06 1.25 13.47
CA PRO A 61 -1.24 2.02 12.52
C PRO A 61 -0.47 3.14 13.19
N SER A 62 -1.08 3.77 14.18
CA SER A 62 -0.45 4.87 14.90
C SER A 62 0.84 4.39 15.58
N GLU A 63 0.79 3.18 16.13
CA GLU A 63 1.94 2.60 16.80
C GLU A 63 3.02 2.19 15.80
N LEU A 64 2.61 1.46 14.77
CA LEU A 64 3.55 0.99 13.74
C LEU A 64 4.07 2.16 12.92
N GLN A 65 3.45 3.32 13.06
CA GLN A 65 3.86 4.52 12.33
C GLN A 65 5.26 4.95 12.71
N GLY A 66 5.59 4.87 13.99
CA GLY A 66 6.90 5.27 14.46
C GLY A 66 7.72 4.12 15.01
N LEU A 67 7.06 3.00 15.28
CA LEU A 67 7.74 1.83 15.82
C LEU A 67 8.89 1.41 14.90
N GLY A 68 8.76 1.70 13.61
CA GLY A 68 9.80 1.34 12.66
C GLY A 68 9.24 1.06 11.28
N ALA A 69 10.13 1.07 10.28
CA ALA A 69 9.73 0.80 8.91
C ALA A 69 9.44 -0.67 8.69
N LEU A 70 10.48 -1.50 8.80
CA LEU A 70 10.33 -2.94 8.61
C LEU A 70 9.35 -3.52 9.63
N GLU A 71 9.39 -3.00 10.84
CA GLU A 71 8.50 -3.46 11.90
C GLU A 71 7.04 -3.23 11.53
N ALA A 72 6.76 -2.04 11.01
CA ALA A 72 5.40 -1.68 10.61
C ALA A 72 4.91 -2.59 9.48
N THR A 73 5.77 -2.80 8.49
CA THR A 73 5.43 -3.64 7.35
C THR A 73 5.25 -5.10 7.77
N ALA A 74 6.23 -5.63 8.49
CA ALA A 74 6.18 -7.02 8.95
C ALA A 74 4.99 -7.26 9.87
N TRP A 75 4.76 -6.33 10.78
CA TRP A 75 3.65 -6.45 11.73
C TRP A 75 2.31 -6.34 11.01
N ALA A 76 2.16 -5.31 10.18
CA ALA A 76 0.93 -5.09 9.43
C ALA A 76 0.68 -6.23 8.45
N LEU A 77 1.75 -6.70 7.81
CA LEU A 77 1.64 -7.78 6.83
C LEU A 77 1.19 -9.08 7.50
N LYS A 78 1.79 -9.40 8.64
CA LYS A 78 1.45 -10.62 9.36
C LYS A 78 0.02 -10.58 9.85
N VAL A 79 -0.38 -9.48 10.48
CA VAL A 79 -1.73 -9.32 10.99
C VAL A 79 -2.74 -9.22 9.84
N ALA A 80 -2.40 -8.43 8.83
CA ALA A 80 -3.27 -8.26 7.68
C ALA A 80 -3.62 -9.61 7.06
N GLU A 81 -2.60 -10.44 6.91
CA GLU A 81 -2.78 -11.77 6.35
C GLU A 81 -3.55 -12.66 7.32
N ASN A 82 -3.26 -12.49 8.61
CA ASN A 82 -3.91 -13.29 9.65
C ASN A 82 -5.39 -12.91 9.79
N GLU A 83 -5.67 -11.61 9.73
CA GLU A 83 -7.04 -11.12 9.86
C GLU A 83 -7.82 -11.23 8.56
N LEU A 84 -7.19 -10.89 7.44
CA LEU A 84 -7.86 -10.94 6.14
C LEU A 84 -7.46 -12.16 5.33
N GLY A 85 -6.16 -12.42 5.24
CA GLY A 85 -5.69 -13.56 4.47
C GLY A 85 -4.82 -13.16 3.30
N ILE A 86 -4.39 -11.90 3.28
CA ILE A 86 -3.56 -11.39 2.20
C ILE A 86 -2.09 -11.73 2.43
N THR A 87 -1.58 -12.69 1.67
CA THR A 87 -0.19 -13.11 1.81
C THR A 87 0.76 -12.07 1.21
N PRO A 88 1.81 -11.68 1.94
CA PRO A 88 2.78 -10.69 1.48
C PRO A 88 3.35 -11.04 0.10
N VAL A 89 3.49 -10.02 -0.74
CA VAL A 89 4.01 -10.22 -2.10
C VAL A 89 5.37 -9.55 -2.27
N VAL A 90 5.70 -8.62 -1.37
CA VAL A 90 6.98 -7.91 -1.43
C VAL A 90 7.58 -7.76 -0.05
N SER A 91 8.91 -7.75 0.02
CA SER A 91 9.62 -7.61 1.29
C SER A 91 9.57 -6.17 1.78
N ALA A 92 9.57 -5.99 3.10
CA ALA A 92 9.52 -4.66 3.70
C ALA A 92 10.70 -3.81 3.24
N GLN A 93 11.89 -4.41 3.22
CA GLN A 93 13.09 -3.71 2.80
C GLN A 93 12.94 -3.16 1.38
N ALA A 94 12.30 -3.94 0.51
CA ALA A 94 12.09 -3.53 -0.87
C ALA A 94 11.11 -2.37 -0.96
N VAL A 95 10.01 -2.47 -0.23
CA VAL A 95 8.99 -1.43 -0.22
C VAL A 95 9.55 -0.11 0.27
N VAL A 96 10.22 -0.14 1.41
CA VAL A 96 10.81 1.06 2.00
C VAL A 96 11.96 1.57 1.14
N ALA A 97 12.69 0.65 0.52
CA ALA A 97 13.83 1.00 -0.32
C ALA A 97 13.38 1.36 -1.73
N GLY A 98 12.13 1.05 -2.07
CA GLY A 98 11.62 1.35 -3.39
C GLY A 98 12.44 0.69 -4.49
N SER A 99 13.00 -0.48 -4.19
CA SER A 99 13.81 -1.21 -5.16
C SER A 99 13.06 -2.41 -5.71
N ASP A 100 11.73 -2.29 -5.80
CA ASP A 100 10.90 -3.37 -6.30
C ASP A 100 9.59 -2.82 -6.87
N PRO A 101 9.67 -2.09 -7.99
CA PRO A 101 8.49 -1.51 -8.64
C PRO A 101 7.50 -2.58 -9.11
N LEU A 102 8.03 -3.65 -9.70
CA LEU A 102 7.20 -4.74 -10.19
C LEU A 102 6.35 -5.34 -9.07
N GLY A 103 6.99 -5.56 -7.92
CA GLY A 103 6.29 -6.12 -6.78
C GLY A 103 5.25 -5.19 -6.21
N LEU A 104 5.54 -3.89 -6.23
CA LEU A 104 4.63 -2.88 -5.70
C LEU A 104 3.30 -2.92 -6.45
N ILE A 105 3.37 -3.03 -7.77
CA ILE A 105 2.17 -3.08 -8.60
C ILE A 105 1.39 -4.36 -8.36
N ALA A 106 2.09 -5.48 -8.36
CA ALA A 106 1.45 -6.79 -8.14
C ALA A 106 0.79 -6.85 -6.76
N TYR A 107 1.41 -6.21 -5.78
CA TYR A 107 0.88 -6.19 -4.43
C TYR A 107 -0.41 -5.39 -4.35
N LEU A 108 -0.38 -4.19 -4.94
CA LEU A 108 -1.55 -3.31 -4.94
C LEU A 108 -2.74 -4.00 -5.58
N SER A 109 -2.47 -4.84 -6.57
CA SER A 109 -3.53 -5.56 -7.27
C SER A 109 -4.28 -6.50 -6.32
N HIS A 110 -3.55 -7.11 -5.40
CA HIS A 110 -4.13 -8.03 -4.44
C HIS A 110 -4.92 -7.27 -3.38
N PHE A 111 -4.30 -6.24 -2.81
CA PHE A 111 -4.95 -5.44 -1.77
C PHE A 111 -6.20 -4.74 -2.33
N HIS A 112 -6.09 -4.24 -3.55
CA HIS A 112 -7.21 -3.55 -4.19
C HIS A 112 -8.35 -4.53 -4.50
N SER A 113 -8.00 -5.69 -5.02
CA SER A 113 -8.99 -6.71 -5.36
C SER A 113 -9.66 -7.26 -4.11
N ALA A 114 -8.86 -7.53 -3.08
CA ALA A 114 -9.38 -8.05 -1.83
C ALA A 114 -10.28 -7.04 -1.13
N PHE A 115 -9.83 -5.79 -1.08
CA PHE A 115 -10.60 -4.73 -0.44
C PHE A 115 -11.86 -4.41 -1.24
N LYS A 116 -11.81 -4.63 -2.55
CA LYS A 116 -12.95 -4.37 -3.41
C LYS A 116 -14.10 -5.33 -3.10
N SER A 117 -13.75 -6.56 -2.73
CA SER A 117 -14.76 -7.57 -2.42
C SER A 117 -14.51 -8.17 -1.04
N MET A 118 -13.94 -7.38 -0.14
CA MET A 118 -13.64 -7.83 1.21
C MET A 118 -13.03 -6.71 2.05
N MET A 1 -21.50 7.75 -28.98
CA MET A 1 -20.17 7.10 -28.77
C MET A 1 -19.82 6.19 -29.94
N GLY A 2 -18.59 5.67 -29.91
CA GLY A 2 -18.14 4.78 -30.97
C GLY A 2 -16.68 4.41 -30.84
N HIS A 3 -15.98 4.38 -31.95
CA HIS A 3 -14.56 4.04 -31.96
C HIS A 3 -13.72 5.13 -31.31
N HIS A 4 -12.48 4.81 -30.95
CA HIS A 4 -11.59 5.78 -30.32
C HIS A 4 -10.60 6.34 -31.34
N HIS A 5 -10.00 5.46 -32.13
CA HIS A 5 -9.04 5.88 -33.14
C HIS A 5 -7.84 6.57 -32.50
N HIS A 6 -7.50 6.14 -31.29
CA HIS A 6 -6.37 6.72 -30.56
C HIS A 6 -5.93 5.79 -29.42
N HIS A 7 -4.64 5.85 -29.10
CA HIS A 7 -4.10 5.02 -28.02
C HIS A 7 -2.79 5.60 -27.50
N HIS A 8 -2.89 6.71 -26.78
CA HIS A 8 -1.72 7.37 -26.22
C HIS A 8 -1.73 7.32 -24.69
N MET A 9 -2.93 7.30 -24.11
CA MET A 9 -3.08 7.25 -22.66
C MET A 9 -3.52 5.86 -22.21
N GLY A 10 -3.67 5.69 -20.91
CA GLY A 10 -4.10 4.41 -20.37
C GLY A 10 -2.97 3.69 -19.64
N SER A 11 -1.74 3.93 -20.07
CA SER A 11 -0.58 3.30 -19.46
C SER A 11 -0.08 4.12 -18.27
N ALA A 12 -0.20 5.44 -18.37
CA ALA A 12 0.23 6.34 -17.30
C ALA A 12 -0.87 6.50 -16.25
N GLY A 13 -2.10 6.66 -16.73
CA GLY A 13 -3.22 6.84 -15.81
C GLY A 13 -3.49 5.61 -14.97
N THR A 14 -3.07 4.44 -15.46
CA THR A 14 -3.27 3.19 -14.75
C THR A 14 -2.63 3.24 -13.37
N GLN A 15 -1.32 3.48 -13.33
CA GLN A 15 -0.59 3.55 -12.07
C GLN A 15 -1.08 4.72 -11.22
N GLU A 16 -1.50 5.80 -11.89
CA GLU A 16 -1.98 6.99 -11.19
C GLU A 16 -3.24 6.68 -10.40
N GLU A 17 -4.19 5.99 -11.03
CA GLU A 17 -5.45 5.65 -10.38
C GLU A 17 -5.22 4.74 -9.17
N LEU A 18 -4.19 3.91 -9.25
CA LEU A 18 -3.87 2.99 -8.15
C LEU A 18 -3.42 3.76 -6.91
N LEU A 19 -2.49 4.69 -7.11
CA LEU A 19 -1.98 5.49 -6.00
C LEU A 19 -3.08 6.34 -5.38
N ARG A 20 -3.95 6.88 -6.23
CA ARG A 20 -5.03 7.73 -5.77
C ARG A 20 -5.95 6.97 -4.82
N TRP A 21 -6.23 5.72 -5.14
CA TRP A 21 -7.09 4.89 -4.32
C TRP A 21 -6.44 4.57 -2.97
N CYS A 22 -5.13 4.37 -2.99
CA CYS A 22 -4.38 4.07 -1.78
C CYS A 22 -4.34 5.26 -0.83
N GLN A 23 -4.05 6.44 -1.37
CA GLN A 23 -3.97 7.65 -0.56
C GLN A 23 -5.35 8.02 -0.02
N GLU A 24 -6.39 7.79 -0.79
CA GLU A 24 -7.75 8.10 -0.38
C GLU A 24 -8.18 7.22 0.79
N GLN A 25 -7.90 5.93 0.68
CA GLN A 25 -8.26 4.97 1.73
C GLN A 25 -7.49 5.25 3.02
N THR A 26 -6.25 5.71 2.89
CA THR A 26 -5.42 6.01 4.04
C THR A 26 -5.65 7.43 4.54
N ALA A 27 -6.64 8.11 3.99
CA ALA A 27 -6.96 9.47 4.39
C ALA A 27 -7.88 9.49 5.61
N GLY A 28 -7.45 10.19 6.66
CA GLY A 28 -8.25 10.27 7.87
C GLY A 28 -7.41 10.28 9.12
N TYR A 29 -6.18 9.77 9.02
CA TYR A 29 -5.28 9.71 10.16
C TYR A 29 -4.58 11.06 10.36
N PRO A 30 -4.42 11.50 11.62
CA PRO A 30 -3.76 12.77 11.94
C PRO A 30 -2.25 12.72 11.72
N GLY A 31 -1.86 12.46 10.47
CA GLY A 31 -0.44 12.38 10.14
C GLY A 31 -0.17 11.41 9.01
N VAL A 32 -1.07 11.38 8.03
CA VAL A 32 -0.91 10.49 6.89
C VAL A 32 -0.68 11.28 5.61
N HIS A 33 0.46 11.02 4.97
CA HIS A 33 0.82 11.69 3.73
C HIS A 33 1.48 10.72 2.75
N VAL A 34 0.67 10.15 1.86
CA VAL A 34 1.17 9.19 0.88
C VAL A 34 1.07 9.76 -0.54
N SER A 35 2.20 10.09 -1.12
CA SER A 35 2.24 10.62 -2.48
C SER A 35 3.55 10.25 -3.19
N ASP A 36 4.18 9.18 -2.72
CA ASP A 36 5.42 8.71 -3.31
C ASP A 36 5.43 7.18 -3.43
N LEU A 37 6.33 6.68 -4.28
CA LEU A 37 6.44 5.24 -4.48
C LEU A 37 7.72 4.70 -3.87
N SER A 38 8.03 5.14 -2.66
CA SER A 38 9.23 4.70 -1.96
C SER A 38 9.19 5.09 -0.49
N SER A 39 9.50 6.35 -0.20
CA SER A 39 9.49 6.84 1.18
C SER A 39 8.09 6.83 1.76
N SER A 40 7.10 7.10 0.91
CA SER A 40 5.71 7.12 1.35
C SER A 40 5.31 5.81 2.01
N TRP A 41 6.02 4.74 1.68
CA TRP A 41 5.74 3.42 2.25
C TRP A 41 6.83 2.99 3.24
N ALA A 42 7.75 3.91 3.55
CA ALA A 42 8.83 3.62 4.48
C ALA A 42 8.31 3.08 5.81
N ASP A 43 7.50 3.89 6.50
CA ASP A 43 6.94 3.49 7.78
C ASP A 43 5.74 2.56 7.61
N GLY A 44 5.35 2.31 6.35
CA GLY A 44 4.22 1.44 6.09
C GLY A 44 2.91 2.01 6.58
N LEU A 45 2.78 3.33 6.49
CA LEU A 45 1.57 4.01 6.94
C LEU A 45 0.37 3.63 6.07
N ALA A 46 0.60 3.53 4.76
CA ALA A 46 -0.46 3.19 3.82
C ALA A 46 -1.00 1.78 4.08
N LEU A 47 -0.08 0.83 4.24
CA LEU A 47 -0.47 -0.56 4.48
C LEU A 47 -1.26 -0.70 5.78
N CYS A 48 -0.77 -0.07 6.84
CA CYS A 48 -1.43 -0.12 8.14
C CYS A 48 -2.77 0.61 8.10
N ALA A 49 -2.80 1.76 7.45
CA ALA A 49 -4.01 2.55 7.34
C ALA A 49 -5.13 1.76 6.67
N LEU A 50 -4.81 1.12 5.56
CA LEU A 50 -5.79 0.32 4.83
C LEU A 50 -6.35 -0.81 5.70
N VAL A 51 -5.45 -1.59 6.29
CA VAL A 51 -5.86 -2.69 7.16
C VAL A 51 -6.71 -2.20 8.32
N TYR A 52 -6.30 -1.08 8.91
CA TYR A 52 -7.02 -0.50 10.03
C TYR A 52 -8.44 -0.12 9.62
N ARG A 53 -8.59 0.39 8.40
CA ARG A 53 -9.89 0.79 7.89
C ARG A 53 -10.83 -0.41 7.81
N LEU A 54 -10.30 -1.54 7.38
CA LEU A 54 -11.11 -2.76 7.26
C LEU A 54 -11.29 -3.42 8.63
N GLN A 55 -10.26 -3.35 9.47
CA GLN A 55 -10.30 -3.94 10.79
C GLN A 55 -9.53 -3.07 11.79
N PRO A 56 -10.12 -1.94 12.22
CA PRO A 56 -9.49 -1.02 13.16
C PRO A 56 -9.35 -1.63 14.56
N GLY A 57 -10.23 -2.56 14.88
CA GLY A 57 -10.20 -3.21 16.17
C GLY A 57 -9.03 -4.16 16.33
N LEU A 58 -8.59 -4.73 15.21
CA LEU A 58 -7.48 -5.67 15.21
C LEU A 58 -6.25 -5.08 14.51
N LEU A 59 -6.05 -3.78 14.68
CA LEU A 59 -4.91 -3.10 14.07
C LEU A 59 -4.45 -1.92 14.92
N GLU A 60 -3.25 -1.43 14.65
CA GLU A 60 -2.68 -0.31 15.38
C GLU A 60 -1.69 0.47 14.51
N PRO A 61 -2.19 1.09 13.42
CA PRO A 61 -1.35 1.87 12.50
C PRO A 61 -0.61 3.00 13.21
N SER A 62 -1.18 3.48 14.31
CA SER A 62 -0.57 4.56 15.07
C SER A 62 0.77 4.11 15.66
N GLU A 63 0.80 2.89 16.16
CA GLU A 63 2.02 2.34 16.75
C GLU A 63 3.06 2.03 15.68
N LEU A 64 2.64 1.31 14.64
CA LEU A 64 3.53 0.95 13.55
C LEU A 64 4.01 2.18 12.78
N GLN A 65 3.35 3.31 13.01
CA GLN A 65 3.69 4.55 12.33
C GLN A 65 5.09 5.03 12.71
N GLY A 66 5.44 4.89 13.98
CA GLY A 66 6.74 5.33 14.42
C GLY A 66 7.64 4.18 14.87
N LEU A 67 7.05 2.99 14.98
CA LEU A 67 7.80 1.82 15.41
C LEU A 67 8.99 1.58 14.48
N GLY A 68 8.85 1.98 13.22
CA GLY A 68 9.93 1.80 12.27
C GLY A 68 9.42 1.37 10.90
N ALA A 69 10.33 1.30 9.93
CA ALA A 69 9.98 0.90 8.58
C ALA A 69 9.79 -0.61 8.48
N LEU A 70 10.86 -1.36 8.73
CA LEU A 70 10.81 -2.81 8.67
C LEU A 70 9.84 -3.37 9.71
N GLU A 71 9.82 -2.75 10.88
CA GLU A 71 8.94 -3.19 11.96
C GLU A 71 7.48 -2.99 11.59
N ALA A 72 7.16 -1.81 11.07
CA ALA A 72 5.78 -1.50 10.68
C ALA A 72 5.34 -2.35 9.49
N THR A 73 6.22 -2.46 8.50
CA THR A 73 5.93 -3.24 7.30
C THR A 73 5.81 -4.73 7.62
N ALA A 74 6.83 -5.26 8.31
CA ALA A 74 6.84 -6.67 8.69
C ALA A 74 5.66 -7.04 9.58
N TRP A 75 5.38 -6.17 10.56
CA TRP A 75 4.28 -6.41 11.48
C TRP A 75 2.93 -6.33 10.76
N ALA A 76 2.73 -5.27 9.99
CA ALA A 76 1.49 -5.07 9.26
C ALA A 76 1.27 -6.19 8.25
N LEU A 77 2.35 -6.65 7.63
CA LEU A 77 2.26 -7.72 6.63
C LEU A 77 1.79 -9.03 7.27
N LYS A 78 2.29 -9.32 8.47
CA LYS A 78 1.92 -10.54 9.17
C LYS A 78 0.48 -10.49 9.66
N VAL A 79 0.12 -9.39 10.31
CA VAL A 79 -1.24 -9.22 10.83
C VAL A 79 -2.24 -9.06 9.70
N ALA A 80 -1.92 -8.22 8.73
CA ALA A 80 -2.80 -8.00 7.59
C ALA A 80 -3.12 -9.31 6.91
N GLU A 81 -2.09 -10.13 6.72
CA GLU A 81 -2.24 -11.43 6.09
C GLU A 81 -3.01 -12.38 7.02
N ASN A 82 -2.74 -12.27 8.31
CA ASN A 82 -3.38 -13.12 9.30
C ASN A 82 -4.87 -12.76 9.47
N GLU A 83 -5.16 -11.46 9.49
CA GLU A 83 -6.53 -10.99 9.67
C GLU A 83 -7.32 -11.03 8.36
N LEU A 84 -6.69 -10.63 7.27
CA LEU A 84 -7.36 -10.59 5.96
C LEU A 84 -7.12 -11.88 5.17
N GLY A 85 -5.95 -12.47 5.33
CA GLY A 85 -5.65 -13.69 4.61
C GLY A 85 -4.91 -13.42 3.31
N ILE A 86 -4.29 -12.26 3.21
CA ILE A 86 -3.55 -11.87 2.01
C ILE A 86 -2.08 -12.27 2.13
N THR A 87 -1.64 -13.17 1.26
CA THR A 87 -0.25 -13.63 1.28
C THR A 87 0.68 -12.56 0.71
N PRO A 88 1.84 -12.34 1.34
CA PRO A 88 2.82 -11.34 0.89
C PRO A 88 3.23 -11.56 -0.57
N VAL A 89 3.42 -10.46 -1.28
CA VAL A 89 3.83 -10.52 -2.68
C VAL A 89 5.24 -9.97 -2.89
N VAL A 90 5.64 -9.05 -2.00
CA VAL A 90 6.96 -8.44 -2.08
C VAL A 90 7.60 -8.32 -0.69
N SER A 91 8.92 -8.20 -0.65
CA SER A 91 9.64 -8.08 0.60
C SER A 91 9.47 -6.69 1.20
N ALA A 92 9.61 -6.60 2.52
CA ALA A 92 9.47 -5.32 3.21
C ALA A 92 10.58 -4.35 2.80
N GLN A 93 11.80 -4.86 2.74
CA GLN A 93 12.95 -4.03 2.36
C GLN A 93 12.77 -3.45 0.96
N ALA A 94 12.17 -4.23 0.07
CA ALA A 94 11.95 -3.79 -1.30
C ALA A 94 10.92 -2.68 -1.37
N VAL A 95 9.80 -2.87 -0.66
CA VAL A 95 8.73 -1.89 -0.65
C VAL A 95 9.14 -0.62 0.11
N VAL A 96 9.75 -0.81 1.27
CA VAL A 96 10.18 0.31 2.09
C VAL A 96 11.23 1.15 1.36
N ALA A 97 12.11 0.47 0.63
CA ALA A 97 13.16 1.15 -0.12
C ALA A 97 12.66 1.63 -1.48
N GLY A 98 11.49 1.14 -1.89
CA GLY A 98 10.94 1.53 -3.17
C GLY A 98 11.79 1.08 -4.34
N SER A 99 12.46 -0.05 -4.17
CA SER A 99 13.31 -0.59 -5.23
C SER A 99 12.65 -1.79 -5.90
N ASP A 100 11.33 -1.78 -5.95
CA ASP A 100 10.57 -2.87 -6.56
C ASP A 100 9.15 -2.42 -6.90
N PRO A 101 8.98 -1.65 -8.00
CA PRO A 101 7.67 -1.16 -8.43
C PRO A 101 6.72 -2.30 -8.78
N LEU A 102 7.25 -3.35 -9.40
CA LEU A 102 6.44 -4.50 -9.79
C LEU A 102 5.77 -5.12 -8.57
N GLY A 103 6.49 -5.16 -7.45
CA GLY A 103 5.94 -5.73 -6.24
C GLY A 103 4.90 -4.84 -5.59
N LEU A 104 5.14 -3.53 -5.63
CA LEU A 104 4.21 -2.57 -5.05
C LEU A 104 2.84 -2.67 -5.71
N ILE A 105 2.84 -2.77 -7.03
CA ILE A 105 1.59 -2.87 -7.79
C ILE A 105 0.88 -4.20 -7.50
N ALA A 106 1.66 -5.28 -7.43
CA ALA A 106 1.11 -6.60 -7.16
C ALA A 106 0.37 -6.63 -5.82
N TYR A 107 0.94 -5.95 -4.83
CA TYR A 107 0.33 -5.90 -3.50
C TYR A 107 -0.99 -5.13 -3.53
N LEU A 108 -0.97 -3.97 -4.18
CA LEU A 108 -2.17 -3.14 -4.30
C LEU A 108 -3.30 -3.90 -4.97
N SER A 109 -2.96 -4.70 -5.97
CA SER A 109 -3.96 -5.48 -6.69
C SER A 109 -4.69 -6.44 -5.76
N HIS A 110 -3.92 -7.13 -4.92
CA HIS A 110 -4.50 -8.08 -3.97
C HIS A 110 -5.38 -7.37 -2.95
N PHE A 111 -4.89 -6.25 -2.44
CA PHE A 111 -5.63 -5.48 -1.44
C PHE A 111 -6.87 -4.85 -2.07
N HIS A 112 -6.73 -4.33 -3.29
CA HIS A 112 -7.84 -3.71 -3.99
C HIS A 112 -8.92 -4.73 -4.33
N SER A 113 -8.49 -5.91 -4.76
CA SER A 113 -9.43 -6.98 -5.12
C SER A 113 -10.29 -7.37 -3.92
N ALA A 114 -9.65 -7.49 -2.76
CA ALA A 114 -10.37 -7.87 -1.54
C ALA A 114 -11.15 -6.69 -0.98
N PHE A 115 -10.54 -5.52 -0.99
CA PHE A 115 -11.18 -4.30 -0.48
C PHE A 115 -12.37 -3.92 -1.35
N LYS A 116 -12.28 -4.23 -2.64
CA LYS A 116 -13.36 -3.91 -3.58
C LYS A 116 -14.62 -4.69 -3.24
N SER A 117 -14.48 -6.00 -3.03
CA SER A 117 -15.61 -6.85 -2.70
C SER A 117 -16.18 -6.48 -1.34
N MET A 118 -15.30 -6.21 -0.38
CA MET A 118 -15.73 -5.84 0.96
C MET A 118 -15.89 -4.33 1.09
N MET A 1 -12.24 -1.07 -28.36
CA MET A 1 -10.86 -1.59 -28.17
C MET A 1 -10.87 -3.07 -27.83
N GLY A 2 -10.28 -3.88 -28.70
CA GLY A 2 -10.22 -5.31 -28.47
C GLY A 2 -8.90 -5.75 -27.88
N HIS A 3 -7.83 -5.01 -28.19
CA HIS A 3 -6.51 -5.33 -27.68
C HIS A 3 -6.43 -5.10 -26.17
N HIS A 4 -5.27 -5.39 -25.60
CA HIS A 4 -5.07 -5.21 -24.16
C HIS A 4 -3.62 -4.87 -23.85
N HIS A 5 -3.40 -4.16 -22.74
CA HIS A 5 -2.06 -3.77 -22.33
C HIS A 5 -1.41 -2.88 -23.39
N HIS A 6 -1.52 -1.58 -23.22
CA HIS A 6 -0.95 -0.62 -24.15
C HIS A 6 0.56 -0.49 -23.95
N HIS A 7 1.07 -1.00 -22.83
CA HIS A 7 2.50 -0.93 -22.53
C HIS A 7 2.92 0.50 -22.23
N HIS A 8 2.87 1.35 -23.25
CA HIS A 8 3.25 2.75 -23.09
C HIS A 8 2.02 3.65 -23.03
N MET A 9 0.91 3.09 -22.54
CA MET A 9 -0.34 3.84 -22.43
C MET A 9 -1.41 3.02 -21.72
N GLY A 10 -0.98 2.23 -20.74
CA GLY A 10 -1.91 1.39 -20.00
C GLY A 10 -1.52 1.25 -18.54
N SER A 11 -0.46 0.48 -18.30
CA SER A 11 0.00 0.25 -16.93
C SER A 11 0.57 1.53 -16.33
N ALA A 12 1.14 2.38 -17.18
CA ALA A 12 1.72 3.64 -16.73
C ALA A 12 0.63 4.67 -16.45
N GLY A 13 -0.40 4.69 -17.30
CA GLY A 13 -1.48 5.63 -17.12
C GLY A 13 -2.42 5.23 -15.99
N THR A 14 -2.49 3.92 -15.73
CA THR A 14 -3.36 3.41 -14.66
C THR A 14 -2.78 3.74 -13.28
N GLN A 15 -1.47 3.98 -13.23
CA GLN A 15 -0.80 4.30 -11.97
C GLN A 15 -1.44 5.52 -11.31
N GLU A 16 -1.93 6.44 -12.12
CA GLU A 16 -2.56 7.65 -11.61
C GLU A 16 -3.81 7.32 -10.80
N GLU A 17 -4.65 6.46 -11.36
CA GLU A 17 -5.88 6.06 -10.67
C GLU A 17 -5.58 5.16 -9.49
N LEU A 18 -4.51 4.38 -9.60
CA LEU A 18 -4.12 3.47 -8.53
C LEU A 18 -3.62 4.24 -7.32
N LEU A 19 -2.75 5.22 -7.56
CA LEU A 19 -2.20 6.03 -6.48
C LEU A 19 -3.30 6.84 -5.80
N ARG A 20 -4.28 7.27 -6.59
CA ARG A 20 -5.40 8.05 -6.06
C ARG A 20 -6.25 7.21 -5.10
N TRP A 21 -6.42 5.93 -5.43
CA TRP A 21 -7.20 5.03 -4.60
C TRP A 21 -6.52 4.77 -3.27
N CYS A 22 -5.19 4.64 -3.31
CA CYS A 22 -4.40 4.39 -2.10
C CYS A 22 -4.50 5.56 -1.13
N GLN A 23 -4.35 6.77 -1.67
CA GLN A 23 -4.41 7.98 -0.85
C GLN A 23 -5.82 8.19 -0.31
N GLU A 24 -6.83 7.91 -1.13
CA GLU A 24 -8.22 8.07 -0.73
C GLU A 24 -8.56 7.09 0.38
N GLN A 25 -8.17 5.83 0.20
CA GLN A 25 -8.43 4.78 1.19
C GLN A 25 -7.66 5.06 2.47
N THR A 26 -6.50 5.68 2.34
CA THR A 26 -5.66 6.00 3.50
C THR A 26 -6.03 7.36 4.09
N ALA A 27 -7.11 7.95 3.58
CA ALA A 27 -7.56 9.26 4.07
C ALA A 27 -8.35 9.12 5.36
N GLY A 28 -7.96 9.90 6.38
CA GLY A 28 -8.65 9.84 7.65
C GLY A 28 -7.69 9.96 8.83
N TYR A 29 -6.43 9.59 8.61
CA TYR A 29 -5.42 9.66 9.66
C TYR A 29 -4.81 11.07 9.73
N PRO A 30 -4.90 11.74 10.89
CA PRO A 30 -4.35 13.09 11.07
C PRO A 30 -2.83 13.12 11.02
N GLY A 31 -2.26 12.71 9.89
CA GLY A 31 -0.82 12.71 9.75
C GLY A 31 -0.33 11.60 8.85
N VAL A 32 -1.04 11.36 7.76
CA VAL A 32 -0.66 10.31 6.82
C VAL A 32 -0.90 10.76 5.38
N HIS A 33 0.17 10.77 4.59
CA HIS A 33 0.09 11.18 3.19
C HIS A 33 0.59 10.07 2.27
N VAL A 34 -0.23 9.71 1.28
CA VAL A 34 0.14 8.66 0.34
C VAL A 34 0.15 9.19 -1.09
N SER A 35 1.33 9.51 -1.58
CA SER A 35 1.48 10.02 -2.95
C SER A 35 2.87 9.70 -3.50
N ASP A 36 3.50 8.66 -2.95
CA ASP A 36 4.82 8.25 -3.39
C ASP A 36 4.90 6.73 -3.50
N LEU A 37 5.71 6.24 -4.44
CA LEU A 37 5.87 4.80 -4.63
C LEU A 37 7.11 4.28 -3.90
N SER A 38 7.38 4.83 -2.72
CA SER A 38 8.53 4.40 -1.94
C SER A 38 8.50 5.01 -0.53
N SER A 39 8.92 6.26 -0.42
CA SER A 39 8.94 6.95 0.87
C SER A 39 7.58 6.91 1.55
N SER A 40 6.52 6.79 0.76
CA SER A 40 5.17 6.73 1.30
C SER A 40 4.95 5.47 2.13
N TRP A 41 5.70 4.41 1.80
CA TRP A 41 5.58 3.15 2.52
C TRP A 41 6.84 2.86 3.33
N ALA A 42 7.63 3.89 3.59
CA ALA A 42 8.87 3.74 4.36
C ALA A 42 8.57 3.17 5.75
N ASP A 43 7.71 3.84 6.50
CA ASP A 43 7.36 3.40 7.84
C ASP A 43 6.20 2.41 7.82
N GLY A 44 5.79 1.99 6.61
CA GLY A 44 4.70 1.04 6.48
C GLY A 44 3.37 1.63 6.90
N LEU A 45 3.22 2.94 6.74
CA LEU A 45 1.97 3.62 7.10
C LEU A 45 0.87 3.34 6.08
N ALA A 46 1.24 3.31 4.81
CA ALA A 46 0.29 3.05 3.74
C ALA A 46 -0.36 1.68 3.89
N LEU A 47 0.47 0.66 4.12
CA LEU A 47 -0.04 -0.69 4.28
C LEU A 47 -0.89 -0.81 5.54
N CYS A 48 -0.40 -0.26 6.64
CA CYS A 48 -1.12 -0.30 7.91
C CYS A 48 -2.39 0.53 7.82
N ALA A 49 -2.33 1.64 7.07
CA ALA A 49 -3.49 2.51 6.91
C ALA A 49 -4.66 1.76 6.29
N LEU A 50 -4.37 0.97 5.27
CA LEU A 50 -5.41 0.19 4.60
C LEU A 50 -5.99 -0.87 5.53
N VAL A 51 -5.11 -1.69 6.12
CA VAL A 51 -5.53 -2.73 7.03
C VAL A 51 -6.32 -2.17 8.20
N TYR A 52 -5.78 -1.12 8.82
CA TYR A 52 -6.42 -0.48 9.96
C TYR A 52 -7.84 -0.05 9.61
N ARG A 53 -8.03 0.43 8.39
CA ARG A 53 -9.34 0.86 7.93
C ARG A 53 -10.33 -0.30 7.91
N LEU A 54 -9.87 -1.45 7.42
CA LEU A 54 -10.71 -2.64 7.37
C LEU A 54 -10.84 -3.28 8.74
N GLN A 55 -9.77 -3.20 9.53
CA GLN A 55 -9.76 -3.77 10.87
C GLN A 55 -8.82 -2.98 11.77
N PRO A 56 -9.30 -1.84 12.33
CA PRO A 56 -8.49 -1.00 13.21
C PRO A 56 -8.23 -1.65 14.56
N GLY A 57 -9.23 -2.36 15.06
CA GLY A 57 -9.10 -3.02 16.35
C GLY A 57 -8.04 -4.10 16.33
N LEU A 58 -7.82 -4.70 15.17
CA LEU A 58 -6.83 -5.75 15.02
C LEU A 58 -5.50 -5.21 14.53
N LEU A 59 -5.25 -3.92 14.77
CA LEU A 59 -4.00 -3.29 14.34
C LEU A 59 -3.66 -2.10 15.22
N GLU A 60 -2.49 -1.50 14.96
CA GLU A 60 -2.03 -0.35 15.72
C GLU A 60 -1.02 0.46 14.91
N PRO A 61 -1.44 1.00 13.75
CA PRO A 61 -0.58 1.79 12.87
C PRO A 61 0.10 2.95 13.62
N SER A 62 -0.62 3.52 14.58
CA SER A 62 -0.08 4.64 15.36
C SER A 62 1.24 4.26 16.01
N GLU A 63 1.28 3.07 16.60
CA GLU A 63 2.49 2.59 17.26
C GLU A 63 3.57 2.23 16.24
N LEU A 64 3.20 1.43 15.25
CA LEU A 64 4.14 1.01 14.21
C LEU A 64 4.57 2.18 13.33
N GLN A 65 3.85 3.29 13.42
CA GLN A 65 4.14 4.47 12.63
C GLN A 65 5.55 5.01 12.92
N GLY A 66 5.92 4.98 14.20
CA GLY A 66 7.23 5.47 14.58
C GLY A 66 8.11 4.38 15.18
N LEU A 67 7.49 3.28 15.60
CA LEU A 67 8.23 2.17 16.19
C LEU A 67 9.35 1.71 15.26
N GLY A 68 9.12 1.85 13.96
CA GLY A 68 10.12 1.45 12.99
C GLY A 68 9.51 1.07 11.66
N ALA A 69 10.31 1.16 10.60
CA ALA A 69 9.85 0.83 9.26
C ALA A 69 9.75 -0.67 9.06
N LEU A 70 10.87 -1.37 9.30
CA LEU A 70 10.92 -2.82 9.16
C LEU A 70 9.90 -3.49 10.08
N GLU A 71 9.74 -2.94 11.28
CA GLU A 71 8.80 -3.48 12.24
C GLU A 71 7.36 -3.25 11.80
N ALA A 72 7.06 -2.05 11.35
CA ALA A 72 5.72 -1.70 10.90
C ALA A 72 5.32 -2.53 9.68
N THR A 73 6.24 -2.66 8.73
CA THR A 73 5.99 -3.42 7.51
C THR A 73 5.85 -4.91 7.82
N ALA A 74 6.78 -5.44 8.60
CA ALA A 74 6.75 -6.86 8.96
C ALA A 74 5.55 -7.19 9.84
N TRP A 75 5.27 -6.33 10.81
CA TRP A 75 4.14 -6.53 11.71
C TRP A 75 2.82 -6.40 10.95
N ALA A 76 2.75 -5.41 10.06
CA ALA A 76 1.54 -5.18 9.28
C ALA A 76 1.33 -6.28 8.25
N LEU A 77 2.43 -6.75 7.66
CA LEU A 77 2.38 -7.80 6.65
C LEU A 77 1.89 -9.11 7.26
N LYS A 78 2.36 -9.42 8.46
CA LYS A 78 1.98 -10.65 9.14
C LYS A 78 0.52 -10.59 9.59
N VAL A 79 0.15 -9.49 10.25
CA VAL A 79 -1.21 -9.30 10.73
C VAL A 79 -2.19 -9.15 9.58
N ALA A 80 -1.80 -8.37 8.57
CA ALA A 80 -2.64 -8.14 7.42
C ALA A 80 -3.03 -9.48 6.77
N GLU A 81 -2.06 -10.37 6.66
CA GLU A 81 -2.28 -11.68 6.09
C GLU A 81 -3.12 -12.54 7.03
N ASN A 82 -2.88 -12.38 8.33
CA ASN A 82 -3.61 -13.14 9.34
C ASN A 82 -5.07 -12.68 9.45
N GLU A 83 -5.26 -11.36 9.41
CA GLU A 83 -6.60 -10.78 9.51
C GLU A 83 -7.35 -10.83 8.18
N LEU A 84 -6.66 -10.51 7.10
CA LEU A 84 -7.27 -10.49 5.77
C LEU A 84 -7.15 -11.84 5.06
N GLY A 85 -6.05 -12.54 5.29
CA GLY A 85 -5.84 -13.82 4.66
C GLY A 85 -5.28 -13.69 3.26
N ILE A 86 -4.43 -12.69 3.06
CA ILE A 86 -3.82 -12.44 1.76
C ILE A 86 -2.32 -12.74 1.78
N THR A 87 -1.87 -13.55 0.83
CA THR A 87 -0.46 -13.91 0.74
C THR A 87 0.38 -12.75 0.22
N PRO A 88 1.42 -12.34 0.97
CA PRO A 88 2.29 -11.23 0.57
C PRO A 88 2.91 -11.45 -0.81
N VAL A 89 3.28 -10.35 -1.47
CA VAL A 89 3.88 -10.43 -2.79
C VAL A 89 5.21 -9.67 -2.85
N VAL A 90 5.59 -9.04 -1.74
CA VAL A 90 6.84 -8.29 -1.68
C VAL A 90 7.49 -8.40 -0.30
N SER A 91 8.79 -8.14 -0.24
CA SER A 91 9.52 -8.22 1.01
C SER A 91 9.39 -6.90 1.80
N ALA A 92 9.61 -6.97 3.10
CA ALA A 92 9.52 -5.80 3.96
C ALA A 92 10.60 -4.77 3.61
N GLN A 93 11.81 -5.25 3.40
CA GLN A 93 12.94 -4.38 3.06
C GLN A 93 12.72 -3.70 1.72
N ALA A 94 12.06 -4.40 0.80
CA ALA A 94 11.78 -3.86 -0.53
C ALA A 94 10.79 -2.70 -0.46
N VAL A 95 9.71 -2.89 0.28
CA VAL A 95 8.68 -1.86 0.41
C VAL A 95 9.22 -0.63 1.11
N VAL A 96 10.03 -0.83 2.14
CA VAL A 96 10.62 0.28 2.89
C VAL A 96 11.67 1.02 2.05
N ALA A 97 12.36 0.27 1.19
CA ALA A 97 13.39 0.86 0.34
C ALA A 97 12.80 1.35 -0.98
N GLY A 98 11.57 0.95 -1.28
CA GLY A 98 10.94 1.36 -2.52
C GLY A 98 11.72 0.94 -3.74
N SER A 99 12.41 -0.19 -3.64
CA SER A 99 13.20 -0.70 -4.76
C SER A 99 12.44 -1.78 -5.52
N ASP A 100 11.12 -1.64 -5.56
CA ASP A 100 10.27 -2.61 -6.26
C ASP A 100 8.92 -1.99 -6.61
N PRO A 101 8.89 -1.13 -7.65
CA PRO A 101 7.65 -0.47 -8.10
C PRO A 101 6.61 -1.48 -8.58
N LEU A 102 7.06 -2.47 -9.35
CA LEU A 102 6.16 -3.50 -9.87
C LEU A 102 5.54 -4.31 -8.74
N GLY A 103 6.33 -4.59 -7.71
CA GLY A 103 5.83 -5.36 -6.59
C GLY A 103 4.77 -4.61 -5.81
N LEU A 104 5.02 -3.32 -5.55
CA LEU A 104 4.06 -2.50 -4.82
C LEU A 104 2.71 -2.43 -5.53
N ILE A 105 2.76 -2.28 -6.85
CA ILE A 105 1.55 -2.21 -7.65
C ILE A 105 0.82 -3.54 -7.66
N ALA A 106 1.58 -4.63 -7.77
CA ALA A 106 1.01 -5.96 -7.79
C ALA A 106 0.25 -6.25 -6.50
N TYR A 107 0.84 -5.87 -5.37
CA TYR A 107 0.22 -6.08 -4.07
C TYR A 107 -1.00 -5.20 -3.90
N LEU A 108 -0.90 -3.95 -4.36
CA LEU A 108 -2.00 -3.00 -4.27
C LEU A 108 -3.25 -3.53 -4.98
N SER A 109 -3.04 -4.14 -6.14
CA SER A 109 -4.14 -4.69 -6.92
C SER A 109 -4.88 -5.76 -6.14
N HIS A 110 -4.12 -6.55 -5.36
CA HIS A 110 -4.71 -7.62 -4.56
C HIS A 110 -5.60 -7.04 -3.47
N PHE A 111 -5.14 -5.98 -2.82
CA PHE A 111 -5.90 -5.33 -1.76
C PHE A 111 -7.21 -4.78 -2.29
N HIS A 112 -7.18 -4.28 -3.53
CA HIS A 112 -8.37 -3.72 -4.15
C HIS A 112 -9.44 -4.79 -4.36
N SER A 113 -9.01 -5.98 -4.78
CA SER A 113 -9.93 -7.09 -5.00
C SER A 113 -10.74 -7.40 -3.76
N ALA A 114 -10.07 -7.36 -2.60
CA ALA A 114 -10.73 -7.65 -1.33
C ALA A 114 -11.45 -6.42 -0.81
N PHE A 115 -10.82 -5.26 -0.96
CA PHE A 115 -11.41 -4.00 -0.50
C PHE A 115 -12.66 -3.67 -1.28
N LYS A 116 -12.63 -3.93 -2.58
CA LYS A 116 -13.78 -3.66 -3.46
C LYS A 116 -14.92 -4.63 -3.18
N SER A 117 -14.58 -5.91 -3.09
CA SER A 117 -15.59 -6.94 -2.83
C SER A 117 -16.28 -6.71 -1.49
N MET A 118 -15.52 -6.81 -0.41
CA MET A 118 -16.06 -6.60 0.94
C MET A 118 -16.61 -5.19 1.08
N MET A 1 -2.31 13.51 -41.42
CA MET A 1 -3.74 13.66 -41.12
C MET A 1 -4.50 12.36 -41.40
N GLY A 2 -5.40 11.99 -40.48
CA GLY A 2 -6.17 10.78 -40.65
C GLY A 2 -6.50 10.11 -39.33
N HIS A 3 -7.63 9.42 -39.28
CA HIS A 3 -8.06 8.73 -38.07
C HIS A 3 -7.21 7.49 -37.81
N HIS A 4 -5.93 7.72 -37.51
CA HIS A 4 -5.00 6.62 -37.24
C HIS A 4 -4.52 6.66 -35.81
N HIS A 5 -4.98 5.70 -35.00
CA HIS A 5 -4.60 5.62 -33.59
C HIS A 5 -5.01 6.89 -32.85
N HIS A 6 -4.97 6.83 -31.52
CA HIS A 6 -5.35 7.96 -30.69
C HIS A 6 -4.17 8.43 -29.83
N HIS A 7 -4.45 9.30 -28.87
CA HIS A 7 -3.42 9.82 -27.98
C HIS A 7 -2.86 8.71 -27.09
N HIS A 8 -1.55 8.60 -27.05
CA HIS A 8 -0.89 7.59 -26.24
C HIS A 8 -1.10 7.85 -24.75
N MET A 9 -1.91 7.02 -24.11
CA MET A 9 -2.20 7.17 -22.69
C MET A 9 -2.47 5.82 -22.05
N GLY A 10 -1.63 5.45 -21.08
CA GLY A 10 -1.80 4.18 -20.40
C GLY A 10 -1.01 4.11 -19.11
N SER A 11 0.32 4.09 -19.22
CA SER A 11 1.18 4.02 -18.06
C SER A 11 1.01 5.25 -17.17
N ALA A 12 0.92 6.42 -17.80
CA ALA A 12 0.75 7.67 -17.07
C ALA A 12 -0.73 8.06 -16.98
N GLY A 13 -1.61 7.08 -17.21
CA GLY A 13 -3.04 7.35 -17.14
C GLY A 13 -3.74 6.47 -16.11
N THR A 14 -3.28 5.23 -15.99
CA THR A 14 -3.88 4.30 -15.05
C THR A 14 -3.22 4.42 -13.67
N GLN A 15 -1.94 4.78 -13.66
CA GLN A 15 -1.20 4.94 -12.42
C GLN A 15 -1.77 6.08 -11.58
N GLU A 16 -2.30 7.10 -12.24
CA GLU A 16 -2.87 8.25 -11.55
C GLU A 16 -4.08 7.83 -10.71
N GLU A 17 -4.97 7.04 -11.30
CA GLU A 17 -6.16 6.59 -10.59
C GLU A 17 -5.78 5.67 -9.43
N LEU A 18 -4.69 4.93 -9.60
CA LEU A 18 -4.23 4.01 -8.56
C LEU A 18 -3.78 4.78 -7.32
N LEU A 19 -2.99 5.83 -7.54
CA LEU A 19 -2.49 6.65 -6.44
C LEU A 19 -3.64 7.32 -5.70
N ARG A 20 -4.68 7.69 -6.44
CA ARG A 20 -5.85 8.34 -5.85
C ARG A 20 -6.56 7.40 -4.87
N TRP A 21 -6.67 6.14 -5.26
CA TRP A 21 -7.32 5.14 -4.42
C TRP A 21 -6.51 4.87 -3.15
N CYS A 22 -5.20 4.89 -3.28
CA CYS A 22 -4.31 4.64 -2.15
C CYS A 22 -4.44 5.75 -1.11
N GLN A 23 -4.44 7.00 -1.57
CA GLN A 23 -4.56 8.14 -0.68
C GLN A 23 -5.94 8.18 -0.02
N GLU A 24 -6.96 7.80 -0.78
CA GLU A 24 -8.32 7.79 -0.27
C GLU A 24 -8.48 6.76 0.83
N GLN A 25 -7.96 5.56 0.60
CA GLN A 25 -8.05 4.47 1.58
C GLN A 25 -7.18 4.77 2.79
N THR A 26 -6.09 5.50 2.58
CA THR A 26 -5.18 5.85 3.66
C THR A 26 -5.50 7.22 4.24
N ALA A 27 -6.62 7.81 3.81
CA ALA A 27 -7.04 9.11 4.30
C ALA A 27 -7.77 8.99 5.63
N GLY A 28 -7.35 9.78 6.62
CA GLY A 28 -7.98 9.75 7.92
C GLY A 28 -6.98 9.85 9.05
N TYR A 29 -5.74 9.43 8.79
CA TYR A 29 -4.69 9.48 9.81
C TYR A 29 -4.00 10.84 9.81
N PRO A 30 -4.02 11.55 10.97
CA PRO A 30 -3.38 12.86 11.08
C PRO A 30 -1.87 12.80 10.92
N GLY A 31 -1.39 13.17 9.73
CA GLY A 31 0.04 13.14 9.47
C GLY A 31 0.41 12.17 8.39
N VAL A 32 -0.56 11.85 7.53
CA VAL A 32 -0.32 10.92 6.43
C VAL A 32 -0.36 11.65 5.09
N HIS A 33 0.74 11.58 4.36
CA HIS A 33 0.85 12.22 3.06
C HIS A 33 1.08 11.17 1.96
N VAL A 34 0.04 10.41 1.64
CA VAL A 34 0.13 9.38 0.63
C VAL A 34 0.22 9.97 -0.77
N SER A 35 1.45 10.15 -1.26
CA SER A 35 1.67 10.70 -2.59
C SER A 35 2.98 10.19 -3.19
N ASP A 36 3.47 9.06 -2.66
CA ASP A 36 4.70 8.45 -3.15
C ASP A 36 4.55 6.93 -3.23
N LEU A 37 5.14 6.34 -4.27
CA LEU A 37 5.07 4.90 -4.46
C LEU A 37 6.30 4.22 -3.88
N SER A 38 6.79 4.73 -2.75
CA SER A 38 7.96 4.16 -2.09
C SER A 38 8.09 4.69 -0.66
N SER A 39 8.40 5.98 -0.53
CA SER A 39 8.57 6.60 0.77
C SER A 39 7.28 6.52 1.58
N SER A 40 6.15 6.68 0.90
CA SER A 40 4.84 6.63 1.57
C SER A 40 4.67 5.34 2.36
N TRP A 41 5.36 4.29 1.93
CA TRP A 41 5.27 3.00 2.59
C TRP A 41 6.52 2.72 3.44
N ALA A 42 7.38 3.73 3.59
CA ALA A 42 8.60 3.58 4.37
C ALA A 42 8.30 3.11 5.79
N ASP A 43 7.49 3.88 6.51
CA ASP A 43 7.13 3.53 7.88
C ASP A 43 6.02 2.46 7.91
N GLY A 44 5.53 2.08 6.74
CA GLY A 44 4.48 1.08 6.66
C GLY A 44 3.11 1.63 7.03
N LEU A 45 2.93 2.94 6.84
CA LEU A 45 1.65 3.58 7.16
C LEU A 45 0.60 3.24 6.11
N ALA A 46 1.03 3.15 4.85
CA ALA A 46 0.11 2.84 3.77
C ALA A 46 -0.49 1.45 3.91
N LEU A 47 0.36 0.46 4.20
CA LEU A 47 -0.08 -0.90 4.38
C LEU A 47 -0.92 -1.05 5.66
N CYS A 48 -0.43 -0.47 6.74
CA CYS A 48 -1.14 -0.52 8.02
C CYS A 48 -2.45 0.25 7.94
N ALA A 49 -2.44 1.37 7.23
CA ALA A 49 -3.62 2.20 7.07
C ALA A 49 -4.75 1.42 6.42
N LEU A 50 -4.42 0.67 5.38
CA LEU A 50 -5.42 -0.13 4.66
C LEU A 50 -6.00 -1.20 5.58
N VAL A 51 -5.12 -1.98 6.21
CA VAL A 51 -5.55 -3.04 7.11
C VAL A 51 -6.36 -2.46 8.27
N TYR A 52 -5.90 -1.34 8.82
CA TYR A 52 -6.58 -0.69 9.93
C TYR A 52 -7.99 -0.30 9.52
N ARG A 53 -8.15 0.15 8.29
CA ARG A 53 -9.46 0.56 7.79
C ARG A 53 -10.43 -0.62 7.78
N LEU A 54 -9.93 -1.78 7.37
CA LEU A 54 -10.75 -2.99 7.33
C LEU A 54 -10.96 -3.54 8.72
N GLN A 55 -9.97 -3.33 9.59
CA GLN A 55 -10.05 -3.80 10.97
C GLN A 55 -9.28 -2.88 11.90
N PRO A 56 -9.90 -1.77 12.34
CA PRO A 56 -9.26 -0.79 13.23
C PRO A 56 -9.04 -1.34 14.63
N GLY A 57 -9.88 -2.30 15.03
CA GLY A 57 -9.77 -2.89 16.35
C GLY A 57 -8.61 -3.88 16.45
N LEU A 58 -8.36 -4.59 15.36
CA LEU A 58 -7.28 -5.58 15.33
C LEU A 58 -6.03 -5.01 14.68
N LEU A 59 -5.85 -3.69 14.76
CA LEU A 59 -4.70 -3.04 14.17
C LEU A 59 -4.20 -1.90 15.06
N GLU A 60 -2.98 -1.44 14.80
CA GLU A 60 -2.38 -0.35 15.57
C GLU A 60 -1.33 0.37 14.74
N PRO A 61 -1.75 1.03 13.64
CA PRO A 61 -0.84 1.77 12.76
C PRO A 61 -0.06 2.85 13.50
N SER A 62 -0.76 3.62 14.31
CA SER A 62 -0.13 4.70 15.07
C SER A 62 1.04 4.18 15.91
N GLU A 63 0.93 2.93 16.34
CA GLU A 63 1.98 2.32 17.15
C GLU A 63 3.23 2.03 16.33
N LEU A 64 3.05 1.38 15.18
CA LEU A 64 4.16 1.03 14.30
C LEU A 64 4.52 2.19 13.38
N GLN A 65 3.69 3.22 13.35
CA GLN A 65 3.91 4.37 12.49
C GLN A 65 5.24 5.07 12.82
N GLY A 66 5.60 5.09 14.09
CA GLY A 66 6.85 5.72 14.49
C GLY A 66 7.83 4.77 15.13
N LEU A 67 7.32 3.69 15.71
CA LEU A 67 8.15 2.69 16.37
C LEU A 67 9.26 2.20 15.44
N GLY A 68 8.95 2.11 14.15
CA GLY A 68 9.93 1.65 13.18
C GLY A 68 9.31 1.30 11.84
N ALA A 69 10.08 1.47 10.78
CA ALA A 69 9.60 1.17 9.44
C ALA A 69 9.64 -0.33 9.17
N LEU A 70 10.82 -0.93 9.35
CA LEU A 70 10.99 -2.36 9.13
C LEU A 70 10.05 -3.16 10.02
N GLU A 71 9.90 -2.72 11.27
CA GLU A 71 9.02 -3.39 12.22
C GLU A 71 7.56 -3.19 11.85
N ALA A 72 7.25 -2.02 11.31
CA ALA A 72 5.88 -1.71 10.91
C ALA A 72 5.44 -2.57 9.73
N THR A 73 6.33 -2.71 8.75
CA THR A 73 6.04 -3.52 7.56
C THR A 73 5.87 -4.98 7.93
N ALA A 74 6.83 -5.53 8.66
CA ALA A 74 6.79 -6.92 9.07
C ALA A 74 5.53 -7.22 9.89
N TRP A 75 5.20 -6.31 10.80
CA TRP A 75 4.03 -6.48 11.65
C TRP A 75 2.75 -6.39 10.83
N ALA A 76 2.69 -5.40 9.94
CA ALA A 76 1.52 -5.19 9.10
C ALA A 76 1.30 -6.39 8.16
N LEU A 77 2.39 -6.91 7.62
CA LEU A 77 2.32 -8.05 6.71
C LEU A 77 1.77 -9.29 7.41
N LYS A 78 2.24 -9.55 8.63
CA LYS A 78 1.78 -10.71 9.39
C LYS A 78 0.33 -10.55 9.82
N VAL A 79 0.01 -9.39 10.39
CA VAL A 79 -1.35 -9.13 10.85
C VAL A 79 -2.32 -9.01 9.69
N ALA A 80 -1.88 -8.36 8.61
CA ALA A 80 -2.72 -8.19 7.42
C ALA A 80 -3.17 -9.55 6.91
N GLU A 81 -2.24 -10.48 6.83
CA GLU A 81 -2.55 -11.83 6.35
C GLU A 81 -3.40 -12.57 7.39
N ASN A 82 -3.11 -12.34 8.66
CA ASN A 82 -3.83 -12.99 9.73
C ASN A 82 -5.27 -12.48 9.83
N GLU A 83 -5.43 -11.17 9.68
CA GLU A 83 -6.74 -10.53 9.76
C GLU A 83 -7.53 -10.65 8.46
N LEU A 84 -6.85 -10.46 7.33
CA LEU A 84 -7.51 -10.51 6.02
C LEU A 84 -7.24 -11.83 5.30
N GLY A 85 -6.00 -12.29 5.34
CA GLY A 85 -5.66 -13.53 4.65
C GLY A 85 -5.05 -13.28 3.28
N ILE A 86 -4.40 -12.13 3.13
CA ILE A 86 -3.78 -11.76 1.87
C ILE A 86 -2.31 -12.18 1.85
N THR A 87 -1.95 -12.99 0.85
CA THR A 87 -0.57 -13.47 0.72
C THR A 87 0.34 -12.35 0.20
N PRO A 88 1.31 -11.91 1.02
CA PRO A 88 2.24 -10.86 0.63
C PRO A 88 3.19 -11.30 -0.48
N VAL A 89 3.18 -10.59 -1.60
CA VAL A 89 4.04 -10.90 -2.72
C VAL A 89 5.24 -9.97 -2.79
N VAL A 90 5.56 -9.31 -1.69
CA VAL A 90 6.69 -8.40 -1.62
C VAL A 90 7.29 -8.37 -0.22
N SER A 91 8.60 -8.14 -0.15
CA SER A 91 9.30 -8.08 1.12
C SER A 91 9.17 -6.69 1.75
N ALA A 92 9.39 -6.62 3.05
CA ALA A 92 9.30 -5.34 3.77
C ALA A 92 10.38 -4.38 3.30
N GLN A 93 11.60 -4.89 3.15
CA GLN A 93 12.72 -4.07 2.70
C GLN A 93 12.48 -3.53 1.29
N ALA A 94 11.82 -4.33 0.46
CA ALA A 94 11.52 -3.94 -0.91
C ALA A 94 10.53 -2.79 -0.96
N VAL A 95 9.46 -2.91 -0.19
CA VAL A 95 8.43 -1.88 -0.15
C VAL A 95 8.93 -0.61 0.55
N VAL A 96 9.67 -0.79 1.64
CA VAL A 96 10.22 0.33 2.39
C VAL A 96 11.29 1.06 1.58
N ALA A 97 12.07 0.29 0.83
CA ALA A 97 13.13 0.86 0.01
C ALA A 97 12.62 1.24 -1.38
N GLY A 98 11.44 0.75 -1.75
CA GLY A 98 10.88 1.05 -3.05
C GLY A 98 11.77 0.61 -4.18
N SER A 99 12.57 -0.43 -3.94
CA SER A 99 13.48 -0.95 -4.95
C SER A 99 12.74 -1.82 -5.96
N ASP A 100 11.70 -2.51 -5.49
CA ASP A 100 10.92 -3.38 -6.35
C ASP A 100 9.54 -2.78 -6.62
N PRO A 101 9.47 -1.80 -7.55
CA PRO A 101 8.21 -1.13 -7.91
C PRO A 101 7.21 -2.11 -8.51
N LEU A 102 7.68 -2.98 -9.38
CA LEU A 102 6.82 -3.97 -10.03
C LEU A 102 6.14 -4.85 -8.99
N GLY A 103 6.89 -5.24 -7.97
CA GLY A 103 6.34 -6.09 -6.92
C GLY A 103 5.27 -5.37 -6.12
N LEU A 104 5.48 -4.08 -5.87
CA LEU A 104 4.53 -3.29 -5.10
C LEU A 104 3.17 -3.26 -5.79
N ILE A 105 3.17 -3.10 -7.11
CA ILE A 105 1.95 -3.06 -7.89
C ILE A 105 1.23 -4.41 -7.84
N ALA A 106 2.00 -5.49 -7.94
CA ALA A 106 1.44 -6.83 -7.90
C ALA A 106 0.69 -7.08 -6.60
N TYR A 107 1.30 -6.67 -5.49
CA TYR A 107 0.69 -6.85 -4.18
C TYR A 107 -0.53 -5.94 -4.02
N LEU A 108 -0.43 -4.72 -4.54
CA LEU A 108 -1.52 -3.76 -4.46
C LEU A 108 -2.79 -4.32 -5.11
N SER A 109 -2.61 -5.03 -6.22
CA SER A 109 -3.74 -5.62 -6.93
C SER A 109 -4.49 -6.60 -6.04
N HIS A 110 -3.74 -7.41 -5.28
CA HIS A 110 -4.35 -8.39 -4.39
C HIS A 110 -5.14 -7.71 -3.28
N PHE A 111 -4.57 -6.62 -2.74
CA PHE A 111 -5.23 -5.87 -1.67
C PHE A 111 -6.48 -5.17 -2.20
N HIS A 112 -6.36 -4.57 -3.37
CA HIS A 112 -7.48 -3.86 -3.99
C HIS A 112 -8.62 -4.80 -4.29
N SER A 113 -8.30 -5.97 -4.82
CA SER A 113 -9.31 -6.98 -5.16
C SER A 113 -10.11 -7.38 -3.93
N ALA A 114 -9.46 -7.36 -2.77
CA ALA A 114 -10.13 -7.72 -1.52
C ALA A 114 -10.91 -6.54 -0.96
N PHE A 115 -10.30 -5.36 -0.98
CA PHE A 115 -10.94 -4.15 -0.47
C PHE A 115 -12.13 -3.76 -1.34
N LYS A 116 -12.03 -4.04 -2.64
CA LYS A 116 -13.10 -3.72 -3.57
C LYS A 116 -14.28 -4.68 -3.42
N SER A 117 -13.98 -5.91 -3.04
CA SER A 117 -15.01 -6.93 -2.84
C SER A 117 -15.53 -6.91 -1.40
N MET A 118 -14.63 -6.60 -0.46
CA MET A 118 -15.00 -6.55 0.94
C MET A 118 -14.76 -5.16 1.53
N MET A 1 15.33 9.64 -34.41
CA MET A 1 14.76 10.40 -35.55
C MET A 1 13.26 10.64 -35.36
N GLY A 2 12.90 11.93 -35.28
CA GLY A 2 11.50 12.27 -35.10
C GLY A 2 11.01 11.97 -33.69
N HIS A 3 9.77 12.35 -33.41
CA HIS A 3 9.17 12.10 -32.10
C HIS A 3 7.66 12.11 -32.18
N HIS A 4 7.09 11.01 -32.67
CA HIS A 4 5.65 10.89 -32.81
C HIS A 4 5.23 9.42 -32.90
N HIS A 5 5.21 8.75 -31.75
CA HIS A 5 4.84 7.34 -31.71
C HIS A 5 3.33 7.18 -31.81
N HIS A 6 2.86 5.93 -31.79
CA HIS A 6 1.45 5.63 -31.88
C HIS A 6 0.72 6.04 -30.60
N HIS A 7 1.12 5.44 -29.49
CA HIS A 7 0.51 5.73 -28.20
C HIS A 7 1.53 6.38 -27.26
N HIS A 8 1.14 7.52 -26.68
CA HIS A 8 2.02 8.23 -25.76
C HIS A 8 1.51 8.12 -24.32
N MET A 9 0.24 8.44 -24.13
CA MET A 9 -0.36 8.36 -22.80
C MET A 9 -0.96 6.98 -22.55
N GLY A 10 -1.32 6.71 -21.29
CA GLY A 10 -1.89 5.43 -20.95
C GLY A 10 -1.25 4.81 -19.72
N SER A 11 0.02 5.14 -19.49
CA SER A 11 0.74 4.61 -18.35
C SER A 11 0.68 5.58 -17.17
N ALA A 12 0.71 6.87 -17.47
CA ALA A 12 0.66 7.90 -16.44
C ALA A 12 -0.75 8.04 -15.88
N GLY A 13 -1.74 7.78 -16.72
CA GLY A 13 -3.12 7.88 -16.28
C GLY A 13 -3.50 6.79 -15.30
N THR A 14 -3.21 5.54 -15.66
CA THR A 14 -3.53 4.41 -14.80
C THR A 14 -2.81 4.54 -13.45
N GLN A 15 -1.54 4.89 -13.49
CA GLN A 15 -0.74 5.05 -12.27
C GLN A 15 -1.30 6.17 -11.40
N GLU A 16 -1.84 7.20 -12.05
CA GLU A 16 -2.40 8.34 -11.33
C GLU A 16 -3.66 7.97 -10.56
N GLU A 17 -4.57 7.25 -11.21
CA GLU A 17 -5.82 6.83 -10.58
C GLU A 17 -5.55 5.85 -9.43
N LEU A 18 -4.49 5.05 -9.58
CA LEU A 18 -4.13 4.08 -8.56
C LEU A 18 -3.66 4.77 -7.29
N LEU A 19 -2.80 5.77 -7.44
CA LEU A 19 -2.29 6.51 -6.29
C LEU A 19 -3.41 7.24 -5.57
N ARG A 20 -4.38 7.71 -6.34
CA ARG A 20 -5.52 8.43 -5.77
C ARG A 20 -6.36 7.52 -4.90
N TRP A 21 -6.52 6.27 -5.32
CA TRP A 21 -7.31 5.29 -4.58
C TRP A 21 -6.62 4.95 -3.26
N CYS A 22 -5.30 4.83 -3.30
CA CYS A 22 -4.52 4.49 -2.10
C CYS A 22 -4.54 5.65 -1.11
N GLN A 23 -4.32 6.86 -1.61
CA GLN A 23 -4.30 8.05 -0.76
C GLN A 23 -5.64 8.25 -0.07
N GLU A 24 -6.73 7.97 -0.80
CA GLU A 24 -8.07 8.11 -0.24
C GLU A 24 -8.30 7.10 0.87
N GLN A 25 -7.92 5.85 0.62
CA GLN A 25 -8.09 4.79 1.60
C GLN A 25 -7.17 5.01 2.81
N THR A 26 -6.04 5.67 2.58
CA THR A 26 -5.09 5.94 3.65
C THR A 26 -5.38 7.28 4.33
N ALA A 27 -6.45 7.94 3.91
CA ALA A 27 -6.82 9.23 4.49
C ALA A 27 -7.62 9.05 5.77
N GLY A 28 -7.27 9.81 6.81
CA GLY A 28 -7.97 9.73 8.07
C GLY A 28 -7.03 9.74 9.26
N TYR A 29 -5.78 9.35 9.05
CA TYR A 29 -4.80 9.32 10.11
C TYR A 29 -4.12 10.69 10.26
N PRO A 30 -3.84 11.12 11.50
CA PRO A 30 -3.18 12.41 11.77
C PRO A 30 -1.73 12.42 11.33
N GLY A 31 -1.52 12.27 10.02
CA GLY A 31 -0.18 12.28 9.48
C GLY A 31 -0.06 11.41 8.25
N VAL A 32 -1.07 11.46 7.39
CA VAL A 32 -1.08 10.68 6.16
C VAL A 32 -0.51 11.47 5.00
N HIS A 33 0.56 10.94 4.40
CA HIS A 33 1.20 11.60 3.27
C HIS A 33 1.44 10.59 2.14
N VAL A 34 0.37 10.22 1.45
CA VAL A 34 0.45 9.26 0.36
C VAL A 34 0.48 9.95 -1.00
N SER A 35 1.69 10.25 -1.47
CA SER A 35 1.86 10.91 -2.76
C SER A 35 3.16 10.45 -3.44
N ASP A 36 3.66 9.29 -3.01
CA ASP A 36 4.89 8.73 -3.58
C ASP A 36 4.74 7.23 -3.80
N LEU A 37 5.42 6.72 -4.82
CA LEU A 37 5.37 5.30 -5.14
C LEU A 37 6.62 4.58 -4.64
N SER A 38 7.09 4.94 -3.45
CA SER A 38 8.28 4.33 -2.88
C SER A 38 8.53 4.82 -1.46
N SER A 39 9.13 6.00 -1.33
CA SER A 39 9.42 6.57 -0.02
C SER A 39 8.16 6.70 0.84
N SER A 40 7.01 6.72 0.17
CA SER A 40 5.74 6.84 0.88
C SER A 40 5.46 5.60 1.74
N TRP A 41 5.96 4.46 1.29
CA TRP A 41 5.77 3.20 2.01
C TRP A 41 6.96 2.89 2.92
N ALA A 42 7.81 3.88 3.14
CA ALA A 42 8.98 3.69 3.99
C ALA A 42 8.58 3.22 5.39
N ASP A 43 7.75 4.01 6.07
CA ASP A 43 7.30 3.66 7.40
C ASP A 43 6.17 2.63 7.36
N GLY A 44 5.76 2.24 6.16
CA GLY A 44 4.69 1.26 6.02
C GLY A 44 3.35 1.78 6.48
N LEU A 45 3.13 3.09 6.30
CA LEU A 45 1.87 3.71 6.70
C LEU A 45 0.75 3.36 5.73
N ALA A 46 1.08 3.35 4.44
CA ALA A 46 0.09 3.03 3.41
C ALA A 46 -0.49 1.63 3.60
N LEU A 47 0.40 0.65 3.83
CA LEU A 47 -0.03 -0.73 4.03
C LEU A 47 -0.81 -0.89 5.32
N CYS A 48 -0.29 -0.30 6.40
CA CYS A 48 -0.95 -0.38 7.70
C CYS A 48 -2.31 0.32 7.67
N ALA A 49 -2.37 1.47 7.02
CA ALA A 49 -3.60 2.24 6.93
C ALA A 49 -4.71 1.41 6.28
N LEU A 50 -4.39 0.76 5.17
CA LEU A 50 -5.36 -0.06 4.45
C LEU A 50 -5.89 -1.17 5.35
N VAL A 51 -4.97 -1.93 5.95
CA VAL A 51 -5.35 -3.04 6.82
C VAL A 51 -6.18 -2.53 7.99
N TYR A 52 -5.76 -1.41 8.57
CA TYR A 52 -6.46 -0.82 9.70
C TYR A 52 -7.90 -0.47 9.33
N ARG A 53 -8.09 -0.01 8.11
CA ARG A 53 -9.42 0.36 7.62
C ARG A 53 -10.33 -0.86 7.59
N LEU A 54 -9.79 -1.98 7.14
CA LEU A 54 -10.55 -3.22 7.05
C LEU A 54 -10.66 -3.88 8.43
N GLN A 55 -9.58 -3.78 9.20
CA GLN A 55 -9.55 -4.36 10.54
C GLN A 55 -8.72 -3.48 11.48
N PRO A 56 -9.30 -2.37 11.97
CA PRO A 56 -8.61 -1.44 12.87
C PRO A 56 -8.39 -2.04 14.26
N GLY A 57 -9.39 -2.76 14.75
CA GLY A 57 -9.29 -3.36 16.07
C GLY A 57 -8.14 -4.35 16.16
N LEU A 58 -7.81 -4.98 15.04
CA LEU A 58 -6.72 -5.96 15.00
C LEU A 58 -5.43 -5.32 14.51
N LEU A 59 -5.31 -4.00 14.67
CA LEU A 59 -4.11 -3.29 14.24
C LEU A 59 -3.88 -2.04 15.09
N GLU A 60 -2.74 -1.40 14.87
CA GLU A 60 -2.38 -0.19 15.60
C GLU A 60 -1.33 0.62 14.83
N PRO A 61 -1.66 1.03 13.60
CA PRO A 61 -0.75 1.81 12.75
C PRO A 61 -0.22 3.05 13.44
N SER A 62 -1.03 3.62 14.33
CA SER A 62 -0.64 4.82 15.06
C SER A 62 0.69 4.62 15.77
N GLU A 63 0.84 3.50 16.47
CA GLU A 63 2.06 3.20 17.19
C GLU A 63 3.21 2.86 16.24
N LEU A 64 2.94 1.94 15.31
CA LEU A 64 3.95 1.52 14.34
C LEU A 64 4.27 2.61 13.32
N GLN A 65 3.47 3.67 13.32
CA GLN A 65 3.67 4.77 12.37
C GLN A 65 5.04 5.41 12.55
N GLY A 66 5.47 5.56 13.80
CA GLY A 66 6.75 6.16 14.07
C GLY A 66 7.69 5.23 14.82
N LEU A 67 7.14 4.16 15.39
CA LEU A 67 7.94 3.20 16.13
C LEU A 67 9.02 2.59 15.24
N GLY A 68 8.73 2.51 13.95
CA GLY A 68 9.69 1.93 13.02
C GLY A 68 9.08 1.57 11.69
N ALA A 69 9.89 1.61 10.63
CA ALA A 69 9.42 1.27 9.29
C ALA A 69 9.29 -0.24 9.12
N LEU A 70 10.38 -0.95 9.36
CA LEU A 70 10.38 -2.40 9.25
C LEU A 70 9.37 -3.03 10.20
N GLU A 71 9.27 -2.45 11.39
CA GLU A 71 8.35 -2.96 12.40
C GLU A 71 6.90 -2.81 11.94
N ALA A 72 6.57 -1.65 11.39
CA ALA A 72 5.22 -1.39 10.91
C ALA A 72 4.86 -2.32 9.75
N THR A 73 5.79 -2.50 8.83
CA THR A 73 5.58 -3.35 7.67
C THR A 73 5.46 -4.82 8.09
N ALA A 74 6.36 -5.25 8.96
CA ALA A 74 6.37 -6.64 9.44
C ALA A 74 5.10 -6.96 10.23
N TRP A 75 4.71 -6.05 11.11
CA TRP A 75 3.52 -6.23 11.93
C TRP A 75 2.25 -6.24 11.07
N ALA A 76 2.13 -5.22 10.22
CA ALA A 76 0.97 -5.09 9.35
C ALA A 76 0.88 -6.27 8.38
N LEU A 77 2.03 -6.69 7.85
CA LEU A 77 2.08 -7.79 6.90
C LEU A 77 1.63 -9.09 7.55
N LYS A 78 2.13 -9.36 8.76
CA LYS A 78 1.77 -10.58 9.48
C LYS A 78 0.30 -10.57 9.88
N VAL A 79 -0.15 -9.46 10.47
CA VAL A 79 -1.53 -9.33 10.90
C VAL A 79 -2.48 -9.28 9.71
N ALA A 80 -2.06 -8.58 8.65
CA ALA A 80 -2.88 -8.45 7.45
C ALA A 80 -3.24 -9.83 6.91
N GLU A 81 -2.24 -10.70 6.83
CA GLU A 81 -2.45 -12.05 6.33
C GLU A 81 -3.27 -12.87 7.33
N ASN A 82 -3.01 -12.64 8.62
CA ASN A 82 -3.73 -13.36 9.67
C ASN A 82 -5.19 -12.94 9.74
N GLU A 83 -5.43 -11.64 9.62
CA GLU A 83 -6.78 -11.09 9.68
C GLU A 83 -7.54 -11.24 8.36
N LEU A 84 -6.86 -10.97 7.25
CA LEU A 84 -7.48 -11.05 5.93
C LEU A 84 -7.20 -12.38 5.23
N GLY A 85 -5.99 -12.90 5.37
CA GLY A 85 -5.65 -14.16 4.73
C GLY A 85 -4.97 -13.95 3.40
N ILE A 86 -4.33 -12.80 3.23
CA ILE A 86 -3.64 -12.48 1.98
C ILE A 86 -2.17 -12.91 2.04
N THR A 87 -1.75 -13.70 1.06
CA THR A 87 -0.38 -14.18 1.00
C THR A 87 0.56 -13.06 0.56
N PRO A 88 1.66 -12.82 1.32
CA PRO A 88 2.63 -11.77 0.99
C PRO A 88 3.15 -11.89 -0.45
N VAL A 89 3.37 -10.74 -1.08
CA VAL A 89 3.87 -10.72 -2.45
C VAL A 89 5.29 -10.16 -2.51
N VAL A 90 5.67 -9.37 -1.51
CA VAL A 90 6.98 -8.76 -1.45
C VAL A 90 7.49 -8.67 -0.02
N SER A 91 8.80 -8.68 0.14
CA SER A 91 9.42 -8.60 1.46
C SER A 91 9.36 -7.17 2.01
N ALA A 92 9.26 -7.06 3.33
CA ALA A 92 9.18 -5.75 3.98
C ALA A 92 10.41 -4.90 3.65
N GLN A 93 11.58 -5.53 3.69
CA GLN A 93 12.83 -4.83 3.40
C GLN A 93 12.77 -4.16 2.03
N ALA A 94 12.18 -4.85 1.06
CA ALA A 94 12.06 -4.32 -0.30
C ALA A 94 11.10 -3.14 -0.33
N VAL A 95 9.96 -3.28 0.33
CA VAL A 95 8.96 -2.22 0.37
C VAL A 95 9.52 -0.96 1.02
N VAL A 96 10.17 -1.12 2.16
CA VAL A 96 10.76 0.01 2.88
C VAL A 96 11.81 0.72 2.04
N ALA A 97 12.53 -0.06 1.23
CA ALA A 97 13.57 0.50 0.37
C ALA A 97 13.00 0.99 -0.95
N GLY A 98 11.76 0.62 -1.26
CA GLY A 98 11.13 1.04 -2.49
C GLY A 98 11.94 0.63 -3.72
N SER A 99 12.55 -0.55 -3.65
CA SER A 99 13.36 -1.06 -4.76
C SER A 99 12.61 -2.15 -5.51
N ASP A 100 11.30 -2.01 -5.63
CA ASP A 100 10.48 -2.99 -6.31
C ASP A 100 9.12 -2.40 -6.70
N PRO A 101 9.12 -1.37 -7.57
CA PRO A 101 7.88 -0.72 -8.01
C PRO A 101 6.86 -1.71 -8.55
N LEU A 102 7.34 -2.68 -9.34
CA LEU A 102 6.47 -3.69 -9.92
C LEU A 102 5.73 -4.46 -8.83
N GLY A 103 6.44 -4.80 -7.76
CA GLY A 103 5.83 -5.53 -6.66
C GLY A 103 4.74 -4.72 -5.97
N LEU A 104 4.96 -3.42 -5.86
CA LEU A 104 3.98 -2.54 -5.22
C LEU A 104 2.66 -2.55 -5.98
N ILE A 105 2.74 -2.51 -7.31
CA ILE A 105 1.55 -2.53 -8.14
C ILE A 105 0.78 -3.84 -7.98
N ALA A 106 1.51 -4.94 -7.93
CA ALA A 106 0.90 -6.26 -7.78
C ALA A 106 0.22 -6.39 -6.42
N TYR A 107 0.84 -5.82 -5.40
CA TYR A 107 0.31 -5.88 -4.04
C TYR A 107 -1.03 -5.14 -3.96
N LEU A 108 -1.07 -3.93 -4.51
CA LEU A 108 -2.29 -3.13 -4.48
C LEU A 108 -3.43 -3.86 -5.19
N SER A 109 -3.11 -4.55 -6.28
CA SER A 109 -4.11 -5.29 -7.03
C SER A 109 -4.76 -6.37 -6.16
N HIS A 110 -3.94 -7.04 -5.36
CA HIS A 110 -4.42 -8.10 -4.48
C HIS A 110 -5.31 -7.52 -3.38
N PHE A 111 -4.86 -6.43 -2.77
CA PHE A 111 -5.62 -5.79 -1.70
C PHE A 111 -6.90 -5.19 -2.24
N HIS A 112 -6.83 -4.62 -3.44
CA HIS A 112 -8.00 -4.01 -4.07
C HIS A 112 -9.12 -5.03 -4.26
N SER A 113 -8.75 -6.24 -4.67
CA SER A 113 -9.71 -7.30 -4.90
C SER A 113 -10.51 -7.60 -3.62
N ALA A 114 -9.79 -7.67 -2.50
CA ALA A 114 -10.42 -7.95 -1.22
C ALA A 114 -11.19 -6.74 -0.71
N PHE A 115 -10.62 -5.56 -0.91
CA PHE A 115 -11.26 -4.31 -0.47
C PHE A 115 -12.54 -4.06 -1.25
N LYS A 116 -12.56 -4.50 -2.50
CA LYS A 116 -13.73 -4.32 -3.36
C LYS A 116 -14.91 -5.14 -2.85
N SER A 117 -14.62 -6.34 -2.36
CA SER A 117 -15.65 -7.22 -1.84
C SER A 117 -15.75 -7.13 -0.32
N MET A 118 -15.44 -5.95 0.22
CA MET A 118 -15.49 -5.72 1.66
C MET A 118 -15.18 -4.27 1.99
N MET A 1 -12.19 -12.39 -21.37
CA MET A 1 -12.19 -11.44 -22.51
C MET A 1 -12.16 -10.00 -22.02
N GLY A 2 -10.96 -9.48 -21.83
CA GLY A 2 -10.81 -8.11 -21.37
C GLY A 2 -9.42 -7.81 -20.84
N HIS A 3 -8.43 -7.93 -21.72
CA HIS A 3 -7.04 -7.67 -21.35
C HIS A 3 -6.68 -6.20 -21.55
N HIS A 4 -5.41 -5.87 -21.35
CA HIS A 4 -4.93 -4.51 -21.51
C HIS A 4 -3.53 -4.49 -22.10
N HIS A 5 -3.42 -3.96 -23.33
CA HIS A 5 -2.14 -3.87 -24.00
C HIS A 5 -1.20 -2.92 -23.28
N HIS A 6 0.07 -3.31 -23.19
CA HIS A 6 1.07 -2.49 -22.51
C HIS A 6 2.11 -1.98 -23.51
N HIS A 7 1.63 -1.44 -24.63
CA HIS A 7 2.51 -0.91 -25.67
C HIS A 7 2.82 0.56 -25.43
N HIS A 8 1.77 1.35 -25.20
CA HIS A 8 1.93 2.78 -24.96
C HIS A 8 0.61 3.40 -24.48
N MET A 9 -0.16 2.62 -23.73
CA MET A 9 -1.44 3.09 -23.21
C MET A 9 -2.08 2.04 -22.31
N GLY A 10 -2.18 2.35 -21.02
CA GLY A 10 -2.77 1.43 -20.06
C GLY A 10 -1.78 0.95 -19.02
N SER A 11 -0.63 1.61 -18.93
CA SER A 11 0.40 1.25 -17.97
C SER A 11 0.77 2.45 -17.10
N ALA A 12 0.92 3.61 -17.74
CA ALA A 12 1.27 4.83 -17.03
C ALA A 12 0.02 5.54 -16.50
N GLY A 13 -1.09 5.35 -17.20
CA GLY A 13 -2.34 5.98 -16.80
C GLY A 13 -2.97 5.27 -15.62
N THR A 14 -2.71 3.98 -15.49
CA THR A 14 -3.27 3.19 -14.41
C THR A 14 -2.70 3.62 -13.07
N GLN A 15 -1.44 4.07 -13.08
CA GLN A 15 -0.77 4.51 -11.87
C GLN A 15 -1.47 5.74 -11.27
N GLU A 16 -2.03 6.58 -12.12
CA GLU A 16 -2.71 7.79 -11.69
C GLU A 16 -3.99 7.45 -10.93
N GLU A 17 -4.79 6.55 -11.49
CA GLU A 17 -6.04 6.15 -10.86
C GLU A 17 -5.79 5.27 -9.65
N LEU A 18 -4.71 4.50 -9.69
CA LEU A 18 -4.35 3.61 -8.60
C LEU A 18 -3.87 4.41 -7.38
N LEU A 19 -2.99 5.37 -7.63
CA LEU A 19 -2.46 6.21 -6.56
C LEU A 19 -3.57 7.04 -5.90
N ARG A 20 -4.52 7.48 -6.71
CA ARG A 20 -5.64 8.28 -6.22
C ARG A 20 -6.53 7.46 -5.28
N TRP A 21 -6.77 6.21 -5.64
CA TRP A 21 -7.60 5.32 -4.85
C TRP A 21 -6.92 4.97 -3.52
N CYS A 22 -5.61 4.81 -3.57
CA CYS A 22 -4.84 4.48 -2.37
C CYS A 22 -4.82 5.65 -1.38
N GLN A 23 -4.57 6.85 -1.89
CA GLN A 23 -4.53 8.04 -1.05
C GLN A 23 -5.89 8.31 -0.41
N GLU A 24 -6.95 8.10 -1.18
CA GLU A 24 -8.31 8.31 -0.69
C GLU A 24 -8.65 7.32 0.42
N GLN A 25 -8.33 6.05 0.18
CA GLN A 25 -8.59 5.00 1.17
C GLN A 25 -7.72 5.15 2.40
N THR A 26 -6.50 5.67 2.19
CA THR A 26 -5.57 5.86 3.29
C THR A 26 -5.74 7.23 3.95
N ALA A 27 -6.80 7.95 3.56
CA ALA A 27 -7.07 9.27 4.10
C ALA A 27 -7.86 9.16 5.41
N GLY A 28 -7.33 9.77 6.47
CA GLY A 28 -8.01 9.72 7.75
C GLY A 28 -7.05 9.83 8.92
N TYR A 29 -5.86 9.25 8.76
CA TYR A 29 -4.85 9.29 9.81
C TYR A 29 -4.15 10.65 9.85
N PRO A 30 -3.90 11.18 11.06
CA PRO A 30 -3.24 12.48 11.24
C PRO A 30 -1.74 12.41 11.00
N GLY A 31 -1.32 12.68 9.76
CA GLY A 31 0.09 12.64 9.42
C GLY A 31 0.38 11.73 8.25
N VAL A 32 -0.65 11.04 7.75
CA VAL A 32 -0.47 10.13 6.63
C VAL A 32 -0.38 10.89 5.31
N HIS A 33 0.73 10.72 4.61
CA HIS A 33 0.94 11.39 3.33
C HIS A 33 1.13 10.36 2.21
N VAL A 34 0.04 10.02 1.54
CA VAL A 34 0.09 9.06 0.46
C VAL A 34 0.17 9.75 -0.90
N SER A 35 1.39 10.07 -1.32
CA SER A 35 1.61 10.73 -2.61
C SER A 35 2.97 10.36 -3.19
N ASP A 36 3.52 9.24 -2.72
CA ASP A 36 4.81 8.77 -3.21
C ASP A 36 4.79 7.26 -3.40
N LEU A 37 5.46 6.79 -4.45
CA LEU A 37 5.52 5.37 -4.75
C LEU A 37 6.82 4.75 -4.23
N SER A 38 7.25 5.18 -3.06
CA SER A 38 8.48 4.67 -2.46
C SER A 38 8.63 5.11 -1.00
N SER A 39 9.05 6.36 -0.82
CA SER A 39 9.25 6.92 0.52
C SER A 39 7.96 6.84 1.35
N SER A 40 6.83 7.13 0.72
CA SER A 40 5.54 7.10 1.39
C SER A 40 5.30 5.75 2.08
N TRP A 41 5.91 4.70 1.55
CA TRP A 41 5.76 3.36 2.11
C TRP A 41 6.97 2.95 2.95
N ALA A 42 7.81 3.93 3.29
CA ALA A 42 9.01 3.67 4.08
C ALA A 42 8.65 3.15 5.46
N ASP A 43 7.71 3.81 6.13
CA ASP A 43 7.28 3.40 7.46
C ASP A 43 6.19 2.34 7.40
N GLY A 44 5.88 1.87 6.19
CA GLY A 44 4.85 0.86 6.03
C GLY A 44 3.51 1.28 6.60
N LEU A 45 3.31 2.59 6.76
CA LEU A 45 2.07 3.11 7.31
C LEU A 45 0.92 2.94 6.31
N ALA A 46 1.25 2.97 5.03
CA ALA A 46 0.24 2.81 3.98
C ALA A 46 -0.44 1.45 4.08
N LEU A 47 0.37 0.40 4.23
CA LEU A 47 -0.15 -0.96 4.32
C LEU A 47 -0.93 -1.13 5.63
N CYS A 48 -0.34 -0.66 6.73
CA CYS A 48 -0.98 -0.76 8.03
C CYS A 48 -2.29 0.03 8.05
N ALA A 49 -2.28 1.20 7.40
CA ALA A 49 -3.46 2.05 7.33
C ALA A 49 -4.62 1.31 6.66
N LEU A 50 -4.31 0.55 5.62
CA LEU A 50 -5.32 -0.21 4.89
C LEU A 50 -5.96 -1.26 5.80
N VAL A 51 -5.12 -2.05 6.46
CA VAL A 51 -5.61 -3.09 7.36
C VAL A 51 -6.45 -2.50 8.47
N TYR A 52 -5.94 -1.43 9.08
CA TYR A 52 -6.65 -0.75 10.16
C TYR A 52 -8.02 -0.26 9.69
N ARG A 53 -8.08 0.22 8.46
CA ARG A 53 -9.32 0.72 7.90
C ARG A 53 -10.38 -0.39 7.83
N LEU A 54 -9.93 -1.60 7.49
CA LEU A 54 -10.84 -2.74 7.39
C LEU A 54 -11.00 -3.41 8.75
N GLN A 55 -9.96 -3.32 9.58
CA GLN A 55 -9.99 -3.91 10.91
C GLN A 55 -9.19 -3.05 11.90
N PRO A 56 -9.76 -1.89 12.30
CA PRO A 56 -9.09 -0.98 13.24
C PRO A 56 -9.03 -1.55 14.65
N GLY A 57 -10.03 -2.34 15.00
CA GLY A 57 -10.07 -2.94 16.32
C GLY A 57 -8.96 -3.95 16.54
N LEU A 58 -8.42 -4.48 15.44
CA LEU A 58 -7.36 -5.47 15.52
C LEU A 58 -6.06 -4.95 14.90
N LEU A 59 -5.77 -3.67 15.14
CA LEU A 59 -4.55 -3.07 14.60
C LEU A 59 -4.20 -1.78 15.35
N GLU A 60 -3.01 -1.26 15.07
CA GLU A 60 -2.53 -0.03 15.70
C GLU A 60 -1.44 0.62 14.87
N PRO A 61 -1.77 1.02 13.63
CA PRO A 61 -0.82 1.66 12.72
C PRO A 61 -0.18 2.91 13.30
N SER A 62 -0.82 3.47 14.33
CA SER A 62 -0.31 4.67 14.97
C SER A 62 1.06 4.41 15.60
N GLU A 63 1.17 3.29 16.31
CA GLU A 63 2.42 2.92 16.96
C GLU A 63 3.47 2.50 15.93
N LEU A 64 3.09 1.59 15.03
CA LEU A 64 3.99 1.09 14.01
C LEU A 64 4.44 2.20 13.05
N GLN A 65 3.72 3.31 13.07
CA GLN A 65 4.04 4.44 12.20
C GLN A 65 5.44 4.98 12.50
N GLY A 66 5.79 5.03 13.78
CA GLY A 66 7.10 5.53 14.17
C GLY A 66 7.93 4.49 14.90
N LEU A 67 7.30 3.38 15.27
CA LEU A 67 8.01 2.32 15.97
C LEU A 67 9.14 1.76 15.11
N GLY A 68 8.94 1.79 13.80
CA GLY A 68 9.96 1.28 12.90
C GLY A 68 9.45 1.07 11.49
N ALA A 69 10.35 1.13 10.52
CA ALA A 69 9.98 0.95 9.11
C ALA A 69 9.70 -0.51 8.82
N LEU A 70 10.72 -1.35 8.93
CA LEU A 70 10.58 -2.78 8.68
C LEU A 70 9.60 -3.41 9.65
N GLU A 71 9.62 -2.96 10.90
CA GLU A 71 8.73 -3.47 11.93
C GLU A 71 7.27 -3.25 11.55
N ALA A 72 6.97 -2.03 11.09
CA ALA A 72 5.61 -1.69 10.71
C ALA A 72 5.14 -2.53 9.52
N THR A 73 6.02 -2.69 8.53
CA THR A 73 5.69 -3.47 7.35
C THR A 73 5.53 -4.95 7.69
N ALA A 74 6.52 -5.50 8.39
CA ALA A 74 6.49 -6.91 8.79
C ALA A 74 5.29 -7.20 9.68
N TRP A 75 5.04 -6.32 10.64
CA TRP A 75 3.92 -6.48 11.56
C TRP A 75 2.59 -6.37 10.83
N ALA A 76 2.49 -5.39 9.92
CA ALA A 76 1.27 -5.18 9.16
C ALA A 76 1.04 -6.30 8.16
N LEU A 77 2.12 -6.78 7.55
CA LEU A 77 2.04 -7.85 6.56
C LEU A 77 1.56 -9.15 7.21
N LYS A 78 2.16 -9.50 8.35
CA LYS A 78 1.80 -10.72 9.05
C LYS A 78 0.36 -10.67 9.54
N VAL A 79 -0.01 -9.55 10.18
CA VAL A 79 -1.36 -9.39 10.70
C VAL A 79 -2.35 -9.24 9.55
N ALA A 80 -1.96 -8.53 8.50
CA ALA A 80 -2.83 -8.34 7.35
C ALA A 80 -3.30 -9.67 6.79
N GLU A 81 -2.36 -10.61 6.69
CA GLU A 81 -2.67 -11.95 6.19
C GLU A 81 -3.52 -12.70 7.20
N ASN A 82 -3.24 -12.50 8.48
CA ASN A 82 -3.97 -13.18 9.54
C ASN A 82 -5.40 -12.62 9.68
N GLU A 83 -5.53 -11.31 9.57
CA GLU A 83 -6.83 -10.65 9.70
C GLU A 83 -7.64 -10.73 8.40
N LEU A 84 -6.99 -10.50 7.27
CA LEU A 84 -7.69 -10.51 5.98
C LEU A 84 -7.45 -11.82 5.22
N GLY A 85 -6.21 -12.27 5.17
CA GLY A 85 -5.88 -13.49 4.45
C GLY A 85 -5.09 -13.25 3.18
N ILE A 86 -4.45 -12.08 3.11
CA ILE A 86 -3.64 -11.73 1.95
C ILE A 86 -2.22 -12.25 2.09
N THR A 87 -1.83 -13.14 1.17
CA THR A 87 -0.49 -13.72 1.19
C THR A 87 0.55 -12.71 0.72
N PRO A 88 1.68 -12.58 1.46
CA PRO A 88 2.75 -11.64 1.11
C PRO A 88 3.26 -11.84 -0.31
N VAL A 89 3.41 -10.73 -1.05
CA VAL A 89 3.90 -10.79 -2.42
C VAL A 89 5.26 -10.11 -2.56
N VAL A 90 5.55 -9.19 -1.63
CA VAL A 90 6.82 -8.46 -1.66
C VAL A 90 7.48 -8.49 -0.28
N SER A 91 8.78 -8.24 -0.25
CA SER A 91 9.54 -8.24 1.00
C SER A 91 9.55 -6.84 1.63
N ALA A 92 9.63 -6.79 2.95
CA ALA A 92 9.65 -5.53 3.68
C ALA A 92 10.87 -4.70 3.27
N GLN A 93 12.02 -5.35 3.19
CA GLN A 93 13.25 -4.66 2.82
C GLN A 93 13.10 -3.93 1.49
N ALA A 94 12.38 -4.55 0.56
CA ALA A 94 12.15 -3.95 -0.75
C ALA A 94 11.27 -2.72 -0.65
N VAL A 95 10.22 -2.80 0.18
CA VAL A 95 9.30 -1.69 0.37
C VAL A 95 9.98 -0.51 1.05
N VAL A 96 10.65 -0.78 2.15
CA VAL A 96 11.34 0.26 2.90
C VAL A 96 12.47 0.87 2.08
N ALA A 97 13.03 0.08 1.16
CA ALA A 97 14.12 0.54 0.31
C ALA A 97 13.59 1.31 -0.91
N GLY A 98 12.29 1.20 -1.16
CA GLY A 98 11.70 1.89 -2.30
C GLY A 98 12.34 1.50 -3.61
N SER A 99 12.88 0.29 -3.67
CA SER A 99 13.53 -0.21 -4.88
C SER A 99 12.72 -1.36 -5.50
N ASP A 100 11.41 -1.31 -5.34
CA ASP A 100 10.54 -2.35 -5.87
C ASP A 100 9.12 -1.81 -6.09
N PRO A 101 8.99 -0.74 -6.87
CA PRO A 101 7.68 -0.13 -7.17
C PRO A 101 6.74 -1.08 -7.87
N LEU A 102 7.28 -1.86 -8.81
CA LEU A 102 6.49 -2.82 -9.57
C LEU A 102 5.81 -3.82 -8.63
N GLY A 103 6.56 -4.32 -7.66
CA GLY A 103 6.01 -5.27 -6.71
C GLY A 103 4.97 -4.64 -5.81
N LEU A 104 5.18 -3.39 -5.45
CA LEU A 104 4.25 -2.66 -4.59
C LEU A 104 2.88 -2.54 -5.25
N ILE A 105 2.89 -2.22 -6.54
CA ILE A 105 1.65 -2.07 -7.29
C ILE A 105 0.91 -3.40 -7.37
N ALA A 106 1.66 -4.48 -7.59
CA ALA A 106 1.07 -5.80 -7.69
C ALA A 106 0.35 -6.17 -6.39
N TYR A 107 0.87 -5.69 -5.27
CA TYR A 107 0.28 -5.96 -3.96
C TYR A 107 -1.06 -5.24 -3.83
N LEU A 108 -1.10 -3.97 -4.23
CA LEU A 108 -2.31 -3.17 -4.15
C LEU A 108 -3.42 -3.81 -4.96
N SER A 109 -3.06 -4.47 -6.06
CA SER A 109 -4.03 -5.12 -6.92
C SER A 109 -4.81 -6.18 -6.16
N HIS A 110 -4.12 -6.87 -5.25
CA HIS A 110 -4.75 -7.92 -4.45
C HIS A 110 -5.64 -7.31 -3.37
N PHE A 111 -5.16 -6.24 -2.74
CA PHE A 111 -5.92 -5.58 -1.70
C PHE A 111 -7.21 -4.99 -2.26
N HIS A 112 -7.15 -4.47 -3.47
CA HIS A 112 -8.30 -3.88 -4.12
C HIS A 112 -9.38 -4.93 -4.37
N SER A 113 -8.97 -6.09 -4.86
CA SER A 113 -9.90 -7.18 -5.14
C SER A 113 -10.64 -7.59 -3.88
N ALA A 114 -9.94 -7.60 -2.75
CA ALA A 114 -10.53 -7.97 -1.47
C ALA A 114 -11.34 -6.83 -0.88
N PHE A 115 -10.79 -5.62 -0.98
CA PHE A 115 -11.46 -4.44 -0.46
C PHE A 115 -12.74 -4.15 -1.23
N LYS A 116 -12.75 -4.50 -2.51
CA LYS A 116 -13.92 -4.28 -3.35
C LYS A 116 -14.99 -5.34 -3.10
N SER A 117 -14.54 -6.54 -2.76
CA SER A 117 -15.45 -7.65 -2.48
C SER A 117 -15.68 -7.82 -0.98
N MET A 118 -15.73 -6.70 -0.27
CA MET A 118 -15.93 -6.72 1.17
C MET A 118 -16.09 -5.31 1.72
N MET A 1 13.55 23.09 -31.66
CA MET A 1 14.61 22.12 -31.29
C MET A 1 14.38 20.78 -31.99
N GLY A 2 15.22 19.80 -31.65
CA GLY A 2 15.10 18.48 -32.26
C GLY A 2 14.67 17.43 -31.26
N HIS A 3 13.89 17.84 -30.25
CA HIS A 3 13.40 16.92 -29.23
C HIS A 3 11.89 16.78 -29.31
N HIS A 4 11.43 15.85 -30.14
CA HIS A 4 10.00 15.60 -30.30
C HIS A 4 9.40 15.00 -29.03
N HIS A 5 8.32 15.60 -28.54
CA HIS A 5 7.66 15.12 -27.34
C HIS A 5 6.35 14.43 -27.68
N HIS A 6 6.29 13.12 -27.44
CA HIS A 6 5.09 12.34 -27.72
C HIS A 6 5.11 11.03 -26.95
N HIS A 7 3.94 10.62 -26.45
CA HIS A 7 3.82 9.38 -25.69
C HIS A 7 2.38 9.14 -25.25
N HIS A 8 1.69 10.23 -24.91
CA HIS A 8 0.30 10.15 -24.46
C HIS A 8 0.21 9.45 -23.11
N MET A 9 1.26 9.57 -22.31
CA MET A 9 1.29 8.95 -20.99
C MET A 9 1.07 7.44 -21.09
N GLY A 10 1.29 6.74 -19.98
CA GLY A 10 1.10 5.30 -19.96
C GLY A 10 1.33 4.71 -18.58
N SER A 11 2.56 4.71 -18.13
CA SER A 11 2.91 4.16 -16.81
C SER A 11 2.38 5.06 -15.71
N ALA A 12 2.44 6.36 -15.93
CA ALA A 12 1.96 7.34 -14.94
C ALA A 12 0.43 7.35 -14.89
N GLY A 13 -0.19 7.08 -16.03
CA GLY A 13 -1.64 7.07 -16.09
C GLY A 13 -2.26 6.08 -15.14
N THR A 14 -1.79 4.84 -15.19
CA THR A 14 -2.31 3.78 -14.32
C THR A 14 -1.93 4.05 -12.87
N GLN A 15 -0.74 4.60 -12.67
CA GLN A 15 -0.25 4.90 -11.32
C GLN A 15 -1.13 5.95 -10.64
N GLU A 16 -1.68 6.86 -11.44
CA GLU A 16 -2.53 7.92 -10.92
C GLU A 16 -3.79 7.36 -10.26
N GLU A 17 -4.44 6.41 -10.95
CA GLU A 17 -5.66 5.81 -10.43
C GLU A 17 -5.37 4.99 -9.18
N LEU A 18 -4.19 4.37 -9.14
CA LEU A 18 -3.80 3.55 -8.00
C LEU A 18 -3.43 4.44 -6.81
N LEU A 19 -2.64 5.47 -7.07
CA LEU A 19 -2.20 6.38 -6.01
C LEU A 19 -3.40 7.13 -5.42
N ARG A 20 -4.26 7.63 -6.30
CA ARG A 20 -5.45 8.38 -5.85
C ARG A 20 -6.34 7.51 -4.98
N TRP A 21 -6.52 6.25 -5.37
CA TRP A 21 -7.34 5.33 -4.60
C TRP A 21 -6.75 5.08 -3.23
N CYS A 22 -5.44 4.87 -3.19
CA CYS A 22 -4.75 4.62 -1.92
C CYS A 22 -4.82 5.83 -1.01
N GLN A 23 -4.57 7.00 -1.57
CA GLN A 23 -4.61 8.25 -0.80
C GLN A 23 -6.00 8.48 -0.22
N GLU A 24 -7.03 8.20 -1.02
CA GLU A 24 -8.41 8.38 -0.58
C GLU A 24 -8.74 7.40 0.54
N GLN A 25 -8.36 6.15 0.36
CA GLN A 25 -8.62 5.11 1.36
C GLN A 25 -7.72 5.29 2.58
N THR A 26 -6.54 5.87 2.36
CA THR A 26 -5.59 6.10 3.44
C THR A 26 -5.78 7.47 4.07
N ALA A 27 -6.83 8.17 3.66
CA ALA A 27 -7.12 9.50 4.19
C ALA A 27 -7.80 9.41 5.56
N GLY A 28 -7.47 10.35 6.44
CA GLY A 28 -8.05 10.37 7.76
C GLY A 28 -7.00 10.51 8.86
N TYR A 29 -5.85 9.90 8.65
CA TYR A 29 -4.76 9.97 9.63
C TYR A 29 -4.16 11.37 9.67
N PRO A 30 -4.05 11.97 10.88
CA PRO A 30 -3.50 13.32 11.05
C PRO A 30 -2.00 13.37 10.77
N GLY A 31 -1.63 13.19 9.51
CA GLY A 31 -0.23 13.23 9.13
C GLY A 31 0.10 12.21 8.06
N VAL A 32 -0.81 12.03 7.11
CA VAL A 32 -0.61 11.09 6.03
C VAL A 32 -0.59 11.78 4.68
N HIS A 33 0.53 11.64 3.97
CA HIS A 33 0.69 12.25 2.66
C HIS A 33 0.98 11.18 1.61
N VAL A 34 -0.02 10.36 1.32
CA VAL A 34 0.11 9.28 0.34
C VAL A 34 0.17 9.84 -1.08
N SER A 35 1.38 10.07 -1.58
CA SER A 35 1.57 10.59 -2.93
C SER A 35 2.87 10.06 -3.54
N ASP A 36 3.36 8.96 -3.00
CA ASP A 36 4.59 8.35 -3.49
C ASP A 36 4.45 6.83 -3.54
N LEU A 37 5.03 6.22 -4.57
CA LEU A 37 4.96 4.77 -4.73
C LEU A 37 6.23 4.11 -4.22
N SER A 38 6.77 4.61 -3.11
CA SER A 38 7.99 4.07 -2.53
C SER A 38 8.23 4.63 -1.13
N SER A 39 8.73 5.87 -1.08
CA SER A 39 9.03 6.52 0.20
C SER A 39 7.80 6.57 1.10
N SER A 40 6.64 6.81 0.49
CA SER A 40 5.39 6.89 1.23
C SER A 40 5.15 5.63 2.06
N TRP A 41 5.75 4.52 1.64
CA TRP A 41 5.59 3.25 2.34
C TRP A 41 6.82 2.93 3.19
N ALA A 42 7.66 3.93 3.41
CA ALA A 42 8.87 3.74 4.20
C ALA A 42 8.55 3.27 5.62
N ASP A 43 7.68 4.02 6.30
CA ASP A 43 7.29 3.67 7.67
C ASP A 43 6.10 2.72 7.69
N GLY A 44 5.73 2.20 6.52
CA GLY A 44 4.61 1.29 6.43
C GLY A 44 3.28 1.95 6.78
N LEU A 45 3.18 3.23 6.47
CA LEU A 45 1.95 3.98 6.75
C LEU A 45 0.85 3.60 5.76
N ALA A 46 1.25 3.32 4.52
CA ALA A 46 0.29 2.95 3.49
C ALA A 46 -0.33 1.58 3.77
N LEU A 47 0.51 0.60 4.10
CA LEU A 47 0.04 -0.74 4.40
C LEU A 47 -0.76 -0.78 5.70
N CYS A 48 -0.23 -0.14 6.73
CA CYS A 48 -0.89 -0.10 8.03
C CYS A 48 -2.20 0.68 7.96
N ALA A 49 -2.17 1.82 7.27
CA ALA A 49 -3.35 2.66 7.12
C ALA A 49 -4.50 1.88 6.50
N LEU A 50 -4.21 1.14 5.43
CA LEU A 50 -5.23 0.35 4.74
C LEU A 50 -5.78 -0.75 5.64
N VAL A 51 -4.88 -1.52 6.26
CA VAL A 51 -5.29 -2.60 7.14
C VAL A 51 -6.14 -2.08 8.30
N TYR A 52 -5.77 -0.93 8.83
CA TYR A 52 -6.49 -0.32 9.94
C TYR A 52 -7.88 0.15 9.51
N ARG A 53 -7.95 0.74 8.32
CA ARG A 53 -9.21 1.24 7.78
C ARG A 53 -10.20 0.10 7.58
N LEU A 54 -9.68 -1.08 7.28
CA LEU A 54 -10.53 -2.26 7.06
C LEU A 54 -10.71 -3.04 8.36
N GLN A 55 -9.60 -3.35 9.02
CA GLN A 55 -9.63 -4.10 10.27
C GLN A 55 -8.99 -3.29 11.39
N PRO A 56 -9.63 -2.17 11.78
CA PRO A 56 -9.13 -1.31 12.86
C PRO A 56 -9.19 -1.98 14.22
N GLY A 57 -10.12 -2.91 14.37
CA GLY A 57 -10.26 -3.63 15.62
C GLY A 57 -9.11 -4.59 15.87
N LEU A 58 -8.34 -4.89 14.82
CA LEU A 58 -7.21 -5.80 14.94
C LEU A 58 -5.94 -5.19 14.35
N LEU A 59 -5.79 -3.88 14.48
CA LEU A 59 -4.63 -3.19 13.95
C LEU A 59 -4.28 -1.98 14.80
N GLU A 60 -3.03 -1.53 14.70
CA GLU A 60 -2.55 -0.38 15.46
C GLU A 60 -1.48 0.36 14.65
N PRO A 61 -1.88 1.04 13.57
CA PRO A 61 -0.95 1.79 12.71
C PRO A 61 -0.16 2.83 13.48
N SER A 62 -0.84 3.61 14.32
CA SER A 62 -0.19 4.64 15.11
C SER A 62 0.98 4.08 15.92
N GLU A 63 0.85 2.82 16.34
CA GLU A 63 1.89 2.18 17.12
C GLU A 63 3.12 1.87 16.27
N LEU A 64 2.91 1.24 15.12
CA LEU A 64 4.00 0.88 14.22
C LEU A 64 4.40 2.03 13.31
N GLN A 65 3.59 3.10 13.30
CA GLN A 65 3.85 4.25 12.45
C GLN A 65 5.18 4.91 12.76
N GLY A 66 5.54 4.94 14.05
CA GLY A 66 6.79 5.56 14.43
C GLY A 66 7.76 4.57 15.07
N LEU A 67 7.23 3.51 15.66
CA LEU A 67 8.05 2.50 16.31
C LEU A 67 9.16 2.02 15.38
N GLY A 68 8.87 1.96 14.09
CA GLY A 68 9.85 1.51 13.12
C GLY A 68 9.26 1.25 11.76
N ALA A 69 10.06 1.43 10.71
CA ALA A 69 9.61 1.20 9.35
C ALA A 69 9.56 -0.29 9.03
N LEU A 70 10.72 -0.94 9.16
CA LEU A 70 10.82 -2.38 8.88
C LEU A 70 9.87 -3.16 9.79
N GLU A 71 9.74 -2.72 11.03
CA GLU A 71 8.87 -3.38 11.99
C GLU A 71 7.40 -3.22 11.60
N ALA A 72 7.06 -2.03 11.14
CA ALA A 72 5.68 -1.75 10.73
C ALA A 72 5.26 -2.62 9.55
N THR A 73 6.17 -2.76 8.58
CA THR A 73 5.90 -3.55 7.39
C THR A 73 5.74 -5.03 7.76
N ALA A 74 6.66 -5.53 8.57
CA ALA A 74 6.63 -6.94 8.98
C ALA A 74 5.42 -7.21 9.86
N TRP A 75 5.13 -6.31 10.79
CA TRP A 75 3.99 -6.47 11.70
C TRP A 75 2.67 -6.42 10.93
N ALA A 76 2.52 -5.40 10.10
CA ALA A 76 1.30 -5.23 9.32
C ALA A 76 1.14 -6.37 8.31
N LEU A 77 2.24 -6.79 7.71
CA LEU A 77 2.22 -7.87 6.73
C LEU A 77 1.82 -9.19 7.37
N LYS A 78 2.40 -9.48 8.53
CA LYS A 78 2.09 -10.72 9.24
C LYS A 78 0.64 -10.75 9.71
N VAL A 79 0.20 -9.66 10.33
CA VAL A 79 -1.16 -9.58 10.82
C VAL A 79 -2.16 -9.50 9.67
N ALA A 80 -1.84 -8.71 8.66
CA ALA A 80 -2.70 -8.57 7.50
C ALA A 80 -2.98 -9.93 6.87
N GLU A 81 -1.94 -10.73 6.70
CA GLU A 81 -2.07 -12.06 6.14
C GLU A 81 -2.80 -12.99 7.11
N ASN A 82 -2.52 -12.81 8.41
CA ASN A 82 -3.13 -13.64 9.44
C ASN A 82 -4.62 -13.33 9.59
N GLU A 83 -4.97 -12.04 9.54
CA GLU A 83 -6.36 -11.62 9.69
C GLU A 83 -7.14 -11.78 8.38
N LEU A 84 -6.53 -11.40 7.26
CA LEU A 84 -7.21 -11.49 5.96
C LEU A 84 -6.96 -12.83 5.28
N GLY A 85 -5.77 -13.39 5.49
CA GLY A 85 -5.45 -14.67 4.88
C GLY A 85 -4.76 -14.51 3.54
N ILE A 86 -4.07 -13.39 3.36
CA ILE A 86 -3.36 -13.11 2.11
C ILE A 86 -1.88 -13.44 2.23
N THR A 87 -1.37 -14.28 1.33
CA THR A 87 0.03 -14.67 1.35
C THR A 87 0.91 -13.54 0.85
N PRO A 88 2.02 -13.24 1.55
CA PRO A 88 2.94 -12.16 1.16
C PRO A 88 3.45 -12.33 -0.26
N VAL A 89 3.66 -11.22 -0.94
CA VAL A 89 4.16 -11.23 -2.32
C VAL A 89 5.52 -10.55 -2.43
N VAL A 90 5.77 -9.59 -1.54
CA VAL A 90 7.04 -8.86 -1.54
C VAL A 90 7.59 -8.70 -0.13
N SER A 91 8.89 -8.45 -0.03
CA SER A 91 9.54 -8.29 1.26
C SER A 91 9.43 -6.85 1.75
N ALA A 92 9.52 -6.67 3.06
CA ALA A 92 9.43 -5.33 3.66
C ALA A 92 10.55 -4.43 3.17
N GLN A 93 11.77 -4.98 3.12
CA GLN A 93 12.93 -4.23 2.67
C GLN A 93 12.70 -3.64 1.27
N ALA A 94 12.02 -4.41 0.42
CA ALA A 94 11.73 -3.96 -0.93
C ALA A 94 10.73 -2.81 -0.93
N VAL A 95 9.69 -2.93 -0.12
CA VAL A 95 8.67 -1.91 -0.02
C VAL A 95 9.22 -0.62 0.60
N VAL A 96 9.87 -0.77 1.75
CA VAL A 96 10.44 0.37 2.45
C VAL A 96 11.54 1.04 1.61
N ALA A 97 12.29 0.22 0.89
CA ALA A 97 13.37 0.74 0.06
C ALA A 97 12.86 1.19 -1.30
N GLY A 98 11.62 0.81 -1.64
CA GLY A 98 11.04 1.19 -2.90
C GLY A 98 11.80 0.61 -4.09
N SER A 99 12.44 -0.53 -3.87
CA SER A 99 13.20 -1.18 -4.92
C SER A 99 12.39 -2.31 -5.57
N ASP A 100 11.08 -2.13 -5.61
CA ASP A 100 10.19 -3.13 -6.20
C ASP A 100 8.82 -2.51 -6.52
N PRO A 101 8.77 -1.62 -7.53
CA PRO A 101 7.53 -0.95 -7.94
C PRO A 101 6.49 -1.95 -8.45
N LEU A 102 6.94 -2.94 -9.20
CA LEU A 102 6.06 -3.96 -9.75
C LEU A 102 5.31 -4.69 -8.63
N GLY A 103 6.00 -4.90 -7.51
CA GLY A 103 5.38 -5.59 -6.39
C GLY A 103 4.38 -4.71 -5.66
N LEU A 104 4.69 -3.43 -5.53
CA LEU A 104 3.80 -2.49 -4.85
C LEU A 104 2.44 -2.42 -5.55
N ILE A 105 2.47 -2.38 -6.87
CA ILE A 105 1.23 -2.31 -7.65
C ILE A 105 0.45 -3.61 -7.55
N ALA A 106 1.14 -4.73 -7.70
CA ALA A 106 0.50 -6.04 -7.62
C ALA A 106 -0.15 -6.25 -6.26
N TYR A 107 0.55 -5.84 -5.21
CA TYR A 107 0.04 -5.99 -3.85
C TYR A 107 -1.15 -5.05 -3.61
N LEU A 108 -0.98 -3.79 -3.99
CA LEU A 108 -2.04 -2.79 -3.81
C LEU A 108 -3.31 -3.21 -4.53
N SER A 109 -3.14 -3.75 -5.75
CA SER A 109 -4.29 -4.19 -6.55
C SER A 109 -5.03 -5.31 -5.84
N HIS A 110 -4.29 -6.18 -5.17
CA HIS A 110 -4.89 -7.30 -4.45
C HIS A 110 -5.69 -6.82 -3.25
N PHE A 111 -5.13 -5.85 -2.53
CA PHE A 111 -5.79 -5.29 -1.36
C PHE A 111 -7.09 -4.59 -1.74
N HIS A 112 -7.01 -3.76 -2.78
CA HIS A 112 -8.18 -3.03 -3.25
C HIS A 112 -9.23 -3.97 -3.83
N SER A 113 -8.82 -4.83 -4.74
CA SER A 113 -9.73 -5.78 -5.38
C SER A 113 -10.32 -6.75 -4.36
N ALA A 114 -9.48 -7.23 -3.45
CA ALA A 114 -9.92 -8.19 -2.43
C ALA A 114 -10.91 -7.53 -1.46
N PHE A 115 -10.60 -6.32 -1.03
CA PHE A 115 -11.47 -5.61 -0.10
C PHE A 115 -12.60 -4.89 -0.84
N LYS A 116 -12.64 -5.04 -2.16
CA LYS A 116 -13.68 -4.40 -2.97
C LYS A 116 -14.94 -5.26 -3.01
N SER A 117 -14.75 -6.58 -2.92
CA SER A 117 -15.87 -7.51 -2.94
C SER A 117 -16.27 -7.92 -1.53
N MET A 118 -16.23 -6.96 -0.61
CA MET A 118 -16.58 -7.22 0.79
C MET A 118 -18.06 -6.93 1.02
N MET A 1 5.43 14.43 -36.71
CA MET A 1 4.36 14.38 -35.68
C MET A 1 3.75 12.98 -35.57
N GLY A 2 3.66 12.31 -36.71
CA GLY A 2 3.09 10.97 -36.73
C GLY A 2 3.84 10.04 -37.67
N HIS A 3 4.49 9.02 -37.09
CA HIS A 3 5.25 8.05 -37.89
C HIS A 3 5.16 6.66 -37.28
N HIS A 4 5.58 6.54 -36.03
CA HIS A 4 5.55 5.26 -35.33
C HIS A 4 4.52 5.27 -34.21
N HIS A 5 3.33 5.77 -34.51
CA HIS A 5 2.25 5.84 -33.52
C HIS A 5 2.65 6.72 -32.35
N HIS A 6 1.65 7.21 -31.62
CA HIS A 6 1.90 8.07 -30.47
C HIS A 6 0.98 7.70 -29.31
N HIS A 7 1.58 7.34 -28.18
CA HIS A 7 0.82 6.96 -27.00
C HIS A 7 0.93 8.03 -25.91
N HIS A 8 2.07 8.71 -25.88
CA HIS A 8 2.31 9.77 -24.90
C HIS A 8 2.38 9.18 -23.48
N MET A 9 1.23 8.82 -22.94
CA MET A 9 1.16 8.26 -21.59
C MET A 9 0.86 6.76 -21.65
N GLY A 10 0.73 6.16 -20.47
CA GLY A 10 0.44 4.73 -20.41
C GLY A 10 0.86 4.12 -19.08
N SER A 11 2.14 4.19 -18.78
CA SER A 11 2.67 3.64 -17.53
C SER A 11 2.32 4.55 -16.35
N ALA A 12 2.87 5.75 -16.36
CA ALA A 12 2.63 6.71 -15.29
C ALA A 12 1.13 7.02 -15.16
N GLY A 13 0.42 6.94 -16.29
CA GLY A 13 -1.00 7.22 -16.28
C GLY A 13 -1.77 6.26 -15.39
N THR A 14 -1.42 4.98 -15.45
CA THR A 14 -2.09 3.96 -14.66
C THR A 14 -1.67 4.07 -13.19
N GLN A 15 -0.43 4.46 -12.95
CA GLN A 15 0.09 4.61 -11.60
C GLN A 15 -0.66 5.69 -10.83
N GLU A 16 -1.10 6.72 -11.55
CA GLU A 16 -1.83 7.82 -10.94
C GLU A 16 -3.14 7.35 -10.32
N GLU A 17 -3.89 6.56 -11.07
CA GLU A 17 -5.18 6.04 -10.58
C GLU A 17 -4.96 5.07 -9.43
N LEU A 18 -3.85 4.34 -9.45
CA LEU A 18 -3.54 3.38 -8.40
C LEU A 18 -3.24 4.09 -7.09
N LEU A 19 -2.39 5.10 -7.14
CA LEU A 19 -2.01 5.85 -5.95
C LEU A 19 -3.23 6.59 -5.38
N ARG A 20 -4.06 7.10 -6.27
CA ARG A 20 -5.27 7.83 -5.86
C ARG A 20 -6.18 6.94 -5.02
N TRP A 21 -6.35 5.70 -5.46
CA TRP A 21 -7.20 4.74 -4.75
C TRP A 21 -6.61 4.38 -3.39
N CYS A 22 -5.28 4.26 -3.34
CA CYS A 22 -4.59 3.91 -2.10
C CYS A 22 -4.69 5.05 -1.09
N GLN A 23 -4.43 6.27 -1.54
CA GLN A 23 -4.49 7.44 -0.68
C GLN A 23 -5.91 7.67 -0.16
N GLU A 24 -6.90 7.39 -1.00
CA GLU A 24 -8.30 7.57 -0.63
C GLU A 24 -8.67 6.65 0.53
N GLN A 25 -8.27 5.38 0.41
CA GLN A 25 -8.58 4.40 1.45
C GLN A 25 -7.75 4.67 2.71
N THR A 26 -6.57 5.25 2.53
CA THR A 26 -5.69 5.56 3.65
C THR A 26 -5.96 6.97 4.19
N ALA A 27 -7.01 7.60 3.70
CA ALA A 27 -7.37 8.94 4.14
C ALA A 27 -8.16 8.90 5.44
N GLY A 28 -7.81 9.78 6.38
CA GLY A 28 -8.49 9.82 7.65
C GLY A 28 -7.54 9.94 8.82
N TYR A 29 -6.33 9.41 8.66
CA TYR A 29 -5.33 9.46 9.71
C TYR A 29 -4.69 10.84 9.80
N PRO A 30 -4.46 11.35 11.02
CA PRO A 30 -3.87 12.67 11.24
C PRO A 30 -2.37 12.68 10.96
N GLY A 31 -1.99 13.02 9.74
CA GLY A 31 -0.59 13.07 9.39
C GLY A 31 -0.26 12.21 8.17
N VAL A 32 -1.28 11.53 7.64
CA VAL A 32 -1.08 10.68 6.47
C VAL A 32 -1.03 11.51 5.19
N HIS A 33 0.09 11.40 4.47
CA HIS A 33 0.28 12.13 3.23
C HIS A 33 0.74 11.19 2.12
N VAL A 34 -0.10 10.21 1.80
CA VAL A 34 0.22 9.23 0.76
C VAL A 34 0.13 9.87 -0.62
N SER A 35 1.28 10.18 -1.20
CA SER A 35 1.34 10.78 -2.53
C SER A 35 2.63 10.37 -3.26
N ASP A 36 3.23 9.26 -2.84
CA ASP A 36 4.45 8.76 -3.44
C ASP A 36 4.40 7.25 -3.61
N LEU A 37 4.98 6.75 -4.69
CA LEU A 37 4.98 5.32 -4.97
C LEU A 37 6.29 4.68 -4.48
N SER A 38 6.81 5.19 -3.37
CA SER A 38 8.06 4.66 -2.81
C SER A 38 8.27 5.15 -1.38
N SER A 39 8.59 6.44 -1.25
CA SER A 39 8.84 7.05 0.06
C SER A 39 7.63 6.88 0.98
N SER A 40 6.44 7.11 0.43
CA SER A 40 5.21 6.99 1.21
C SER A 40 5.09 5.61 1.86
N TRP A 41 5.66 4.61 1.21
CA TRP A 41 5.61 3.24 1.73
C TRP A 41 6.79 2.96 2.66
N ALA A 42 7.67 3.95 2.84
CA ALA A 42 8.84 3.80 3.70
C ALA A 42 8.44 3.30 5.10
N ASP A 43 7.59 4.07 5.77
CA ASP A 43 7.15 3.69 7.11
C ASP A 43 6.04 2.63 7.06
N GLY A 44 5.58 2.33 5.85
CA GLY A 44 4.53 1.32 5.70
C GLY A 44 3.18 1.82 6.17
N LEU A 45 2.92 3.11 5.97
CA LEU A 45 1.65 3.71 6.38
C LEU A 45 0.51 3.30 5.44
N ALA A 46 0.86 3.04 4.18
CA ALA A 46 -0.14 2.64 3.19
C ALA A 46 -0.73 1.27 3.52
N LEU A 47 0.14 0.32 3.82
CA LEU A 47 -0.30 -1.03 4.16
C LEU A 47 -0.94 -1.06 5.54
N CYS A 48 -0.43 -0.23 6.44
CA CYS A 48 -0.94 -0.16 7.80
C CYS A 48 -2.33 0.47 7.82
N ALA A 49 -2.46 1.61 7.14
CA ALA A 49 -3.74 2.32 7.09
C ALA A 49 -4.83 1.43 6.49
N LEU A 50 -4.49 0.70 5.43
CA LEU A 50 -5.45 -0.18 4.76
C LEU A 50 -5.96 -1.25 5.72
N VAL A 51 -5.04 -1.97 6.36
CA VAL A 51 -5.40 -3.02 7.30
C VAL A 51 -6.18 -2.46 8.48
N TYR A 52 -5.66 -1.40 9.09
CA TYR A 52 -6.31 -0.77 10.23
C TYR A 52 -7.75 -0.39 9.90
N ARG A 53 -7.97 0.08 8.68
CA ARG A 53 -9.30 0.49 8.24
C ARG A 53 -10.26 -0.70 8.21
N LEU A 54 -9.77 -1.84 7.71
CA LEU A 54 -10.59 -3.05 7.64
C LEU A 54 -10.72 -3.70 9.02
N GLN A 55 -9.69 -3.55 9.83
CA GLN A 55 -9.69 -4.13 11.18
C GLN A 55 -8.85 -3.29 12.13
N PRO A 56 -9.38 -2.15 12.59
CA PRO A 56 -8.66 -1.25 13.50
C PRO A 56 -8.59 -1.81 14.92
N GLY A 57 -9.56 -2.63 15.27
CA GLY A 57 -9.59 -3.23 16.60
C GLY A 57 -8.51 -4.27 16.79
N LEU A 58 -8.11 -4.91 15.70
CA LEU A 58 -7.07 -5.94 15.76
C LEU A 58 -5.75 -5.42 15.20
N LEU A 59 -5.55 -4.11 15.24
CA LEU A 59 -4.33 -3.50 14.73
C LEU A 59 -3.91 -2.30 15.58
N GLU A 60 -2.66 -1.88 15.42
CA GLU A 60 -2.13 -0.73 16.16
C GLU A 60 -0.94 -0.12 15.43
N PRO A 61 -1.11 0.18 14.12
CA PRO A 61 -0.04 0.76 13.30
C PRO A 61 0.43 2.12 13.83
N SER A 62 -0.38 2.74 14.68
CA SER A 62 -0.03 4.03 15.25
C SER A 62 1.33 3.96 15.93
N GLU A 63 1.56 2.87 16.65
CA GLU A 63 2.82 2.67 17.36
C GLU A 63 3.96 2.39 16.39
N LEU A 64 3.73 1.44 15.48
CA LEU A 64 4.73 1.05 14.49
C LEU A 64 4.89 2.10 13.39
N GLN A 65 3.99 3.08 13.37
CA GLN A 65 4.04 4.13 12.35
C GLN A 65 5.35 4.91 12.43
N GLY A 66 5.87 5.08 13.64
CA GLY A 66 7.10 5.80 13.82
C GLY A 66 8.18 4.99 14.51
N LEU A 67 7.77 3.93 15.20
CA LEU A 67 8.71 3.07 15.90
C LEU A 67 9.72 2.46 14.93
N GLY A 68 9.27 2.19 13.72
CA GLY A 68 10.16 1.61 12.72
C GLY A 68 9.45 1.32 11.41
N ALA A 69 10.12 1.56 10.30
CA ALA A 69 9.54 1.32 8.99
C ALA A 69 9.34 -0.17 8.74
N LEU A 70 10.42 -0.93 8.83
CA LEU A 70 10.38 -2.37 8.62
C LEU A 70 9.44 -3.04 9.62
N GLU A 71 9.46 -2.55 10.86
CA GLU A 71 8.61 -3.10 11.91
C GLU A 71 7.13 -2.96 11.55
N ALA A 72 6.76 -1.80 11.04
CA ALA A 72 5.38 -1.54 10.65
C ALA A 72 4.96 -2.40 9.48
N THR A 73 5.84 -2.51 8.47
CA THR A 73 5.55 -3.30 7.29
C THR A 73 5.48 -4.80 7.64
N ALA A 74 6.50 -5.28 8.33
CA ALA A 74 6.54 -6.70 8.71
C ALA A 74 5.38 -7.05 9.64
N TRP A 75 5.12 -6.18 10.61
CA TRP A 75 4.03 -6.40 11.55
C TRP A 75 2.68 -6.33 10.86
N ALA A 76 2.53 -5.36 9.96
CA ALA A 76 1.29 -5.19 9.22
C ALA A 76 1.04 -6.36 8.28
N LEU A 77 2.11 -6.86 7.67
CA LEU A 77 2.01 -7.97 6.74
C LEU A 77 1.52 -9.24 7.44
N LYS A 78 2.11 -9.54 8.60
CA LYS A 78 1.74 -10.72 9.37
C LYS A 78 0.30 -10.62 9.87
N VAL A 79 -0.04 -9.49 10.46
CA VAL A 79 -1.38 -9.26 10.98
C VAL A 79 -2.40 -9.16 9.85
N ALA A 80 -2.00 -8.50 8.76
CA ALA A 80 -2.88 -8.34 7.61
C ALA A 80 -3.38 -9.70 7.12
N GLU A 81 -2.46 -10.66 7.06
CA GLU A 81 -2.79 -12.01 6.63
C GLU A 81 -3.64 -12.71 7.67
N ASN A 82 -3.33 -12.45 8.95
CA ASN A 82 -4.06 -13.07 10.05
C ASN A 82 -5.49 -12.53 10.13
N GLU A 83 -5.63 -11.22 9.94
CA GLU A 83 -6.95 -10.58 10.00
C GLU A 83 -7.71 -10.76 8.69
N LEU A 84 -7.01 -10.60 7.58
CA LEU A 84 -7.63 -10.72 6.25
C LEU A 84 -7.28 -12.05 5.59
N GLY A 85 -5.99 -12.25 5.31
CA GLY A 85 -5.55 -13.48 4.67
C GLY A 85 -4.94 -13.23 3.30
N ILE A 86 -4.23 -12.12 3.17
CA ILE A 86 -3.60 -11.77 1.90
C ILE A 86 -2.24 -12.44 1.77
N THR A 87 -2.00 -13.09 0.64
CA THR A 87 -0.74 -13.79 0.39
C THR A 87 0.38 -12.79 0.11
N PRO A 88 1.40 -12.72 0.99
CA PRO A 88 2.52 -11.80 0.82
C PRO A 88 3.25 -12.02 -0.49
N VAL A 89 3.57 -10.93 -1.19
CA VAL A 89 4.27 -10.99 -2.46
C VAL A 89 5.52 -10.13 -2.47
N VAL A 90 5.81 -9.47 -1.34
CA VAL A 90 6.98 -8.62 -1.24
C VAL A 90 7.51 -8.59 0.19
N SER A 91 8.77 -8.18 0.34
CA SER A 91 9.39 -8.11 1.66
C SER A 91 9.36 -6.68 2.20
N ALA A 92 9.49 -6.55 3.52
CA ALA A 92 9.48 -5.24 4.15
C ALA A 92 10.67 -4.40 3.70
N GLN A 93 11.84 -5.01 3.64
CA GLN A 93 13.04 -4.31 3.21
C GLN A 93 12.88 -3.72 1.82
N ALA A 94 12.17 -4.44 0.95
CA ALA A 94 11.93 -3.99 -0.41
C ALA A 94 11.02 -2.77 -0.43
N VAL A 95 9.94 -2.83 0.34
CA VAL A 95 8.98 -1.73 0.41
C VAL A 95 9.65 -0.45 0.94
N VAL A 96 10.38 -0.58 2.03
CA VAL A 96 11.06 0.55 2.64
C VAL A 96 12.14 1.10 1.71
N ALA A 97 12.73 0.23 0.90
CA ALA A 97 13.77 0.63 -0.04
C ALA A 97 13.18 1.18 -1.33
N GLY A 98 11.88 0.96 -1.54
CA GLY A 98 11.24 1.45 -2.74
C GLY A 98 11.91 0.96 -4.01
N SER A 99 12.52 -0.21 -3.94
CA SER A 99 13.21 -0.79 -5.09
C SER A 99 12.42 -1.96 -5.67
N ASP A 100 11.10 -1.85 -5.65
CA ASP A 100 10.23 -2.90 -6.18
C ASP A 100 8.86 -2.34 -6.56
N PRO A 101 8.82 -1.41 -7.52
CA PRO A 101 7.56 -0.80 -7.97
C PRO A 101 6.55 -1.84 -8.45
N LEU A 102 7.05 -2.82 -9.21
CA LEU A 102 6.20 -3.89 -9.74
C LEU A 102 5.51 -4.64 -8.61
N GLY A 103 6.26 -4.91 -7.54
CA GLY A 103 5.70 -5.62 -6.41
C GLY A 103 4.59 -4.85 -5.73
N LEU A 104 4.75 -3.53 -5.65
CA LEU A 104 3.76 -2.67 -5.02
C LEU A 104 2.43 -2.75 -5.76
N ILE A 105 2.49 -2.74 -7.09
CA ILE A 105 1.29 -2.81 -7.91
C ILE A 105 0.56 -4.14 -7.71
N ALA A 106 1.32 -5.23 -7.71
CA ALA A 106 0.76 -6.57 -7.53
C ALA A 106 0.00 -6.66 -6.20
N TYR A 107 0.60 -6.12 -5.14
CA TYR A 107 -0.01 -6.14 -3.82
C TYR A 107 -1.24 -5.24 -3.78
N LEU A 108 -1.09 -4.02 -4.29
CA LEU A 108 -2.19 -3.06 -4.31
C LEU A 108 -3.37 -3.60 -5.13
N SER A 109 -3.06 -4.37 -6.18
CA SER A 109 -4.08 -4.94 -7.03
C SER A 109 -4.91 -5.98 -6.28
N HIS A 110 -4.24 -6.74 -5.43
CA HIS A 110 -4.91 -7.78 -4.65
C HIS A 110 -5.76 -7.17 -3.54
N PHE A 111 -5.21 -6.16 -2.87
CA PHE A 111 -5.91 -5.48 -1.80
C PHE A 111 -7.10 -4.70 -2.32
N HIS A 112 -6.92 -4.06 -3.48
CA HIS A 112 -7.98 -3.27 -4.10
C HIS A 112 -9.15 -4.17 -4.52
N SER A 113 -8.84 -5.23 -5.25
CA SER A 113 -9.86 -6.17 -5.71
C SER A 113 -10.65 -6.74 -4.54
N ALA A 114 -9.96 -7.02 -3.44
CA ALA A 114 -10.60 -7.59 -2.26
C ALA A 114 -11.31 -6.50 -1.45
N PHE A 115 -10.64 -5.36 -1.28
CA PHE A 115 -11.20 -4.25 -0.52
C PHE A 115 -12.41 -3.67 -1.23
N LYS A 116 -12.39 -3.72 -2.56
CA LYS A 116 -13.49 -3.20 -3.36
C LYS A 116 -14.72 -4.09 -3.27
N SER A 117 -14.54 -5.37 -3.61
CA SER A 117 -15.64 -6.33 -3.56
C SER A 117 -16.13 -6.52 -2.13
N MET A 118 -15.19 -6.80 -1.22
CA MET A 118 -15.55 -7.00 0.19
C MET A 118 -15.34 -5.71 0.99
N MET A 1 -17.22 -6.14 -26.92
CA MET A 1 -18.37 -6.19 -27.86
C MET A 1 -17.88 -6.34 -29.31
N GLY A 2 -16.83 -5.60 -29.65
CA GLY A 2 -16.29 -5.67 -31.00
C GLY A 2 -15.03 -4.83 -31.16
N HIS A 3 -15.21 -3.54 -31.41
CA HIS A 3 -14.08 -2.63 -31.59
C HIS A 3 -13.22 -3.06 -32.77
N HIS A 4 -13.29 -2.29 -33.85
CA HIS A 4 -12.51 -2.59 -35.05
C HIS A 4 -11.24 -1.74 -35.09
N HIS A 5 -10.73 -1.38 -33.92
CA HIS A 5 -9.52 -0.57 -33.83
C HIS A 5 -8.74 -0.89 -32.56
N HIS A 6 -7.42 -0.99 -32.69
CA HIS A 6 -6.56 -1.29 -31.55
C HIS A 6 -6.39 -0.08 -30.65
N HIS A 7 -6.78 -0.22 -29.38
CA HIS A 7 -6.67 0.87 -28.43
C HIS A 7 -5.26 0.97 -27.87
N HIS A 8 -4.83 2.19 -27.58
CA HIS A 8 -3.49 2.42 -27.04
C HIS A 8 -3.55 3.31 -25.80
N MET A 9 -2.43 3.42 -25.10
CA MET A 9 -2.35 4.23 -23.89
C MET A 9 -3.33 3.71 -22.83
N GLY A 10 -2.94 2.64 -22.15
CA GLY A 10 -3.79 2.06 -21.13
C GLY A 10 -2.99 1.48 -19.98
N SER A 11 -1.80 2.02 -19.75
CA SER A 11 -0.93 1.55 -18.67
C SER A 11 -0.45 2.72 -17.81
N ALA A 12 0.00 3.77 -18.46
CA ALA A 12 0.48 4.96 -17.76
C ALA A 12 -0.67 5.74 -17.13
N GLY A 13 -1.82 5.74 -17.80
CA GLY A 13 -2.97 6.45 -17.29
C GLY A 13 -3.61 5.74 -16.12
N THR A 14 -3.48 4.42 -16.07
CA THR A 14 -4.05 3.62 -15.00
C THR A 14 -3.39 3.94 -13.66
N GLN A 15 -2.14 4.40 -13.73
CA GLN A 15 -1.39 4.74 -12.53
C GLN A 15 -2.11 5.84 -11.73
N GLU A 16 -2.79 6.73 -12.44
CA GLU A 16 -3.51 7.83 -11.81
C GLU A 16 -4.62 7.31 -10.90
N GLU A 17 -5.41 6.37 -11.40
CA GLU A 17 -6.50 5.80 -10.63
C GLU A 17 -5.98 5.04 -9.41
N LEU A 18 -4.80 4.45 -9.55
CA LEU A 18 -4.19 3.69 -8.46
C LEU A 18 -3.70 4.62 -7.36
N LEU A 19 -3.13 5.75 -7.75
CA LEU A 19 -2.62 6.71 -6.78
C LEU A 19 -3.74 7.28 -5.92
N ARG A 20 -4.87 7.59 -6.56
CA ARG A 20 -6.02 8.15 -5.86
C ARG A 20 -6.61 7.13 -4.90
N TRP A 21 -6.63 5.86 -5.31
CA TRP A 21 -7.17 4.79 -4.48
C TRP A 21 -6.36 4.64 -3.20
N CYS A 22 -5.05 4.76 -3.30
CA CYS A 22 -4.17 4.63 -2.14
C CYS A 22 -4.40 5.77 -1.16
N GLN A 23 -4.48 6.99 -1.69
CA GLN A 23 -4.69 8.16 -0.85
C GLN A 23 -6.05 8.12 -0.17
N GLU A 24 -7.05 7.63 -0.90
CA GLU A 24 -8.41 7.52 -0.37
C GLU A 24 -8.47 6.50 0.76
N GLN A 25 -7.84 5.35 0.55
CA GLN A 25 -7.82 4.29 1.55
C GLN A 25 -6.98 4.70 2.76
N THR A 26 -5.92 5.46 2.50
CA THR A 26 -5.04 5.92 3.57
C THR A 26 -5.53 7.24 4.16
N ALA A 27 -6.71 7.68 3.74
CA ALA A 27 -7.27 8.93 4.24
C ALA A 27 -7.91 8.74 5.62
N GLY A 28 -7.86 9.79 6.43
CA GLY A 28 -8.43 9.72 7.76
C GLY A 28 -7.39 9.90 8.85
N TYR A 29 -6.16 9.49 8.57
CA TYR A 29 -5.07 9.61 9.54
C TYR A 29 -4.42 10.99 9.43
N PRO A 30 -4.40 11.76 10.54
CA PRO A 30 -3.80 13.11 10.56
C PRO A 30 -2.28 13.06 10.57
N GLY A 31 -1.66 13.65 9.55
CA GLY A 31 -0.22 13.67 9.47
C GLY A 31 0.30 12.75 8.39
N VAL A 32 -0.45 11.70 8.10
CA VAL A 32 -0.05 10.73 7.09
C VAL A 32 -0.35 11.26 5.69
N HIS A 33 0.70 11.38 4.88
CA HIS A 33 0.58 11.87 3.51
C HIS A 33 0.69 10.72 2.52
N VAL A 34 -0.14 10.76 1.48
CA VAL A 34 -0.13 9.72 0.46
C VAL A 34 0.01 10.31 -0.94
N SER A 35 1.25 10.49 -1.38
CA SER A 35 1.51 11.05 -2.71
C SER A 35 2.86 10.55 -3.24
N ASP A 36 3.33 9.42 -2.72
CA ASP A 36 4.59 8.85 -3.14
C ASP A 36 4.48 7.33 -3.28
N LEU A 37 5.03 6.79 -4.35
CA LEU A 37 4.99 5.35 -4.60
C LEU A 37 6.27 4.68 -4.12
N SER A 38 6.80 5.15 -3.00
CA SER A 38 8.03 4.60 -2.44
C SER A 38 8.24 5.08 -1.01
N SER A 39 8.58 6.36 -0.86
CA SER A 39 8.82 6.94 0.45
C SER A 39 7.60 6.79 1.36
N SER A 40 6.42 7.00 0.80
CA SER A 40 5.17 6.89 1.56
C SER A 40 5.05 5.51 2.21
N TRP A 41 5.72 4.52 1.63
CA TRP A 41 5.68 3.16 2.16
C TRP A 41 6.90 2.84 3.02
N ALA A 42 7.78 3.84 3.20
CA ALA A 42 8.99 3.65 4.00
C ALA A 42 8.65 3.15 5.40
N ASP A 43 7.86 3.93 6.13
CA ASP A 43 7.46 3.57 7.49
C ASP A 43 6.33 2.55 7.48
N GLY A 44 5.84 2.21 6.29
CA GLY A 44 4.76 1.25 6.17
C GLY A 44 3.41 1.83 6.54
N LEU A 45 3.28 3.14 6.38
CA LEU A 45 2.03 3.82 6.72
C LEU A 45 0.92 3.40 5.76
N ALA A 46 1.23 3.28 4.47
CA ALA A 46 0.26 2.90 3.47
C ALA A 46 -0.32 1.52 3.76
N LEU A 47 0.55 0.57 4.07
CA LEU A 47 0.12 -0.80 4.37
C LEU A 47 -0.67 -0.84 5.68
N CYS A 48 -0.15 -0.17 6.70
CA CYS A 48 -0.80 -0.13 8.01
C CYS A 48 -2.17 0.51 7.92
N ALA A 49 -2.24 1.64 7.21
CA ALA A 49 -3.50 2.36 7.05
C ALA A 49 -4.58 1.46 6.43
N LEU A 50 -4.18 0.68 5.42
CA LEU A 50 -5.11 -0.22 4.75
C LEU A 50 -5.67 -1.25 5.72
N VAL A 51 -4.78 -1.95 6.42
CA VAL A 51 -5.20 -2.97 7.38
C VAL A 51 -6.05 -2.37 8.50
N TYR A 52 -5.55 -1.28 9.08
CA TYR A 52 -6.27 -0.60 10.16
C TYR A 52 -7.67 -0.20 9.73
N ARG A 53 -7.80 0.23 8.47
CA ARG A 53 -9.09 0.65 7.93
C ARG A 53 -10.07 -0.51 7.91
N LEU A 54 -9.60 -1.69 7.52
CA LEU A 54 -10.45 -2.88 7.46
C LEU A 54 -10.59 -3.50 8.84
N GLN A 55 -9.52 -3.48 9.62
CA GLN A 55 -9.54 -4.05 10.97
C GLN A 55 -8.77 -3.15 11.93
N PRO A 56 -9.35 -1.99 12.29
CA PRO A 56 -8.71 -1.05 13.22
C PRO A 56 -8.70 -1.56 14.65
N GLY A 57 -9.65 -2.42 14.97
CA GLY A 57 -9.75 -2.97 16.32
C GLY A 57 -8.61 -3.92 16.64
N LEU A 58 -8.20 -4.71 15.65
CA LEU A 58 -7.12 -5.68 15.84
C LEU A 58 -5.81 -5.17 15.24
N LEU A 59 -5.65 -3.84 15.22
CA LEU A 59 -4.44 -3.24 14.68
C LEU A 59 -3.98 -2.06 15.54
N GLU A 60 -2.75 -1.61 15.29
CA GLU A 60 -2.18 -0.48 16.04
C GLU A 60 -1.09 0.20 15.22
N PRO A 61 -1.47 0.75 14.05
CA PRO A 61 -0.52 1.43 13.15
C PRO A 61 0.17 2.62 13.81
N SER A 62 -0.56 3.33 14.67
CA SER A 62 -0.01 4.49 15.36
C SER A 62 1.27 4.12 16.11
N GLU A 63 1.31 2.92 16.66
CA GLU A 63 2.48 2.46 17.40
C GLU A 63 3.66 2.17 16.47
N LEU A 64 3.40 1.40 15.42
CA LEU A 64 4.44 1.02 14.46
C LEU A 64 4.72 2.14 13.46
N GLN A 65 3.88 3.18 13.47
CA GLN A 65 4.05 4.30 12.54
C GLN A 65 5.38 4.99 12.73
N GLY A 66 5.85 5.07 13.96
CA GLY A 66 7.10 5.74 14.24
C GLY A 66 8.11 4.85 14.96
N LEU A 67 7.67 3.68 15.42
CA LEU A 67 8.54 2.76 16.12
C LEU A 67 9.54 2.11 15.18
N GLY A 68 9.15 1.98 13.91
CA GLY A 68 10.04 1.37 12.93
C GLY A 68 9.34 1.04 11.63
N ALA A 69 10.08 1.09 10.53
CA ALA A 69 9.53 0.80 9.22
C ALA A 69 9.35 -0.71 9.03
N LEU A 70 10.44 -1.45 9.17
CA LEU A 70 10.42 -2.90 9.02
C LEU A 70 9.46 -3.52 10.02
N GLU A 71 9.44 -2.97 11.24
CA GLU A 71 8.57 -3.48 12.29
C GLU A 71 7.09 -3.31 11.90
N ALA A 72 6.75 -2.13 11.42
CA ALA A 72 5.38 -1.85 11.01
C ALA A 72 4.96 -2.72 9.84
N THR A 73 5.85 -2.89 8.88
CA THR A 73 5.58 -3.71 7.70
C THR A 73 5.38 -5.17 8.10
N ALA A 74 6.32 -5.71 8.86
CA ALA A 74 6.25 -7.09 9.30
C ALA A 74 4.99 -7.34 10.13
N TRP A 75 4.69 -6.41 11.04
CA TRP A 75 3.52 -6.53 11.89
C TRP A 75 2.23 -6.42 11.07
N ALA A 76 2.17 -5.39 10.22
CA ALA A 76 0.99 -5.17 9.38
C ALA A 76 0.81 -6.33 8.40
N LEU A 77 1.91 -6.83 7.86
CA LEU A 77 1.87 -7.92 6.90
C LEU A 77 1.35 -9.20 7.55
N LYS A 78 1.86 -9.51 8.74
CA LYS A 78 1.45 -10.71 9.46
C LYS A 78 -0.02 -10.61 9.87
N VAL A 79 -0.39 -9.48 10.46
CA VAL A 79 -1.77 -9.27 10.90
C VAL A 79 -2.72 -9.15 9.71
N ALA A 80 -2.24 -8.48 8.65
CA ALA A 80 -3.06 -8.29 7.45
C ALA A 80 -3.53 -9.64 6.92
N GLU A 81 -2.60 -10.59 6.83
CA GLU A 81 -2.92 -11.93 6.34
C GLU A 81 -3.78 -12.68 7.36
N ASN A 82 -3.50 -12.46 8.64
CA ASN A 82 -4.25 -13.13 9.70
C ASN A 82 -5.68 -12.60 9.78
N GLU A 83 -5.83 -11.28 9.65
CA GLU A 83 -7.14 -10.65 9.71
C GLU A 83 -7.89 -10.75 8.39
N LEU A 84 -7.19 -10.54 7.29
CA LEU A 84 -7.80 -10.58 5.96
C LEU A 84 -7.61 -11.94 5.29
N GLY A 85 -6.35 -12.37 5.16
CA GLY A 85 -6.06 -13.65 4.53
C GLY A 85 -5.41 -13.50 3.18
N ILE A 86 -4.65 -12.41 3.01
CA ILE A 86 -3.96 -12.14 1.76
C ILE A 86 -2.52 -12.64 1.80
N THR A 87 -2.13 -13.42 0.79
CA THR A 87 -0.77 -13.96 0.72
C THR A 87 0.22 -12.88 0.33
N PRO A 88 1.30 -12.69 1.12
CA PRO A 88 2.32 -11.67 0.84
C PRO A 88 2.90 -11.80 -0.56
N VAL A 89 3.07 -10.68 -1.24
CA VAL A 89 3.62 -10.67 -2.58
C VAL A 89 4.99 -9.99 -2.62
N VAL A 90 5.29 -9.20 -1.60
CA VAL A 90 6.56 -8.49 -1.53
C VAL A 90 7.10 -8.50 -0.10
N SER A 91 8.42 -8.34 0.03
CA SER A 91 9.06 -8.33 1.34
C SER A 91 9.06 -6.92 1.94
N ALA A 92 9.24 -6.84 3.25
CA ALA A 92 9.26 -5.56 3.94
C ALA A 92 10.45 -4.71 3.49
N GLN A 93 11.61 -5.34 3.36
CA GLN A 93 12.82 -4.65 2.94
C GLN A 93 12.64 -4.05 1.55
N ALA A 94 11.90 -4.74 0.71
CA ALA A 94 11.66 -4.27 -0.67
C ALA A 94 10.78 -3.03 -0.68
N VAL A 95 9.70 -3.05 0.09
CA VAL A 95 8.78 -1.92 0.16
C VAL A 95 9.41 -0.75 0.90
N VAL A 96 10.04 -1.02 2.03
CA VAL A 96 10.68 0.02 2.82
C VAL A 96 11.79 0.70 2.03
N ALA A 97 12.46 -0.05 1.17
CA ALA A 97 13.54 0.48 0.36
C ALA A 97 13.00 1.15 -0.91
N GLY A 98 11.73 0.92 -1.23
CA GLY A 98 11.14 1.52 -2.40
C GLY A 98 11.89 1.19 -3.67
N SER A 99 12.58 0.05 -3.68
CA SER A 99 13.35 -0.37 -4.84
C SER A 99 12.67 -1.55 -5.54
N ASP A 100 11.34 -1.54 -5.57
CA ASP A 100 10.58 -2.60 -6.20
C ASP A 100 9.25 -2.06 -6.75
N PRO A 101 9.30 -1.15 -7.73
CA PRO A 101 8.10 -0.55 -8.32
C PRO A 101 7.14 -1.62 -8.84
N LEU A 102 7.68 -2.63 -9.49
CA LEU A 102 6.86 -3.72 -10.03
C LEU A 102 6.18 -4.49 -8.91
N GLY A 103 6.91 -4.74 -7.83
CA GLY A 103 6.35 -5.47 -6.71
C GLY A 103 5.28 -4.69 -5.99
N LEU A 104 5.48 -3.39 -5.83
CA LEU A 104 4.52 -2.54 -5.16
C LEU A 104 3.18 -2.55 -5.89
N ILE A 105 3.23 -2.49 -7.22
CA ILE A 105 2.02 -2.50 -8.03
C ILE A 105 1.32 -3.84 -7.94
N ALA A 106 2.10 -4.92 -7.97
CA ALA A 106 1.55 -6.27 -7.90
C ALA A 106 0.81 -6.49 -6.59
N TYR A 107 1.39 -6.03 -5.50
CA TYR A 107 0.77 -6.17 -4.18
C TYR A 107 -0.48 -5.31 -4.07
N LEU A 108 -0.37 -4.07 -4.55
CA LEU A 108 -1.49 -3.14 -4.52
C LEU A 108 -2.70 -3.69 -5.26
N SER A 109 -2.43 -4.45 -6.32
CA SER A 109 -3.49 -5.05 -7.13
C SER A 109 -4.26 -6.09 -6.33
N HIS A 110 -3.56 -6.82 -5.48
CA HIS A 110 -4.17 -7.86 -4.66
C HIS A 110 -5.05 -7.23 -3.57
N PHE A 111 -4.52 -6.21 -2.91
CA PHE A 111 -5.25 -5.51 -1.87
C PHE A 111 -6.44 -4.75 -2.43
N HIS A 112 -6.25 -4.17 -3.62
CA HIS A 112 -7.30 -3.41 -4.28
C HIS A 112 -8.51 -4.31 -4.59
N SER A 113 -8.25 -5.43 -5.24
CA SER A 113 -9.31 -6.37 -5.60
C SER A 113 -9.97 -6.95 -4.35
N ALA A 114 -9.15 -7.33 -3.38
CA ALA A 114 -9.66 -7.91 -2.13
C ALA A 114 -10.48 -6.88 -1.34
N PHE A 115 -9.94 -5.67 -1.24
CA PHE A 115 -10.61 -4.60 -0.52
C PHE A 115 -11.92 -4.21 -1.20
N LYS A 116 -11.97 -4.35 -2.52
CA LYS A 116 -13.16 -4.02 -3.29
C LYS A 116 -14.26 -5.05 -3.06
N SER A 117 -13.86 -6.28 -2.78
CA SER A 117 -14.82 -7.37 -2.55
C SER A 117 -15.06 -7.56 -1.06
N MET A 118 -15.11 -6.47 -0.31
CA MET A 118 -15.33 -6.52 1.13
C MET A 118 -16.65 -5.85 1.50
#